data_2CQW
#
_entry.id   2CQW
#
_entity_poly.entity_id   1
_entity_poly.type   'polypeptide(L)'
_entity_poly.pdbx_seq_one_letter_code
;GSSGSSGIPGPGFTAGAQGSCSLRCGAQDGLCSCHPTCSGLGTCCEDFLDYCLEILPSSGSMMGGKDFVVQHLKWTDPSG
PSSG
;
_entity_poly.pdbx_strand_id   A
#
# COMPACT_ATOMS: atom_id res chain seq x y z
N GLY A 1 -6.81 35.59 -24.61
CA GLY A 1 -5.98 36.00 -25.73
C GLY A 1 -4.49 35.92 -25.38
N SER A 2 -4.02 34.69 -25.24
CA SER A 2 -2.62 34.45 -24.91
C SER A 2 -2.28 32.99 -25.10
N SER A 3 -0.99 32.73 -25.30
CA SER A 3 -0.52 31.38 -25.50
C SER A 3 0.74 31.12 -24.66
N GLY A 4 1.75 31.94 -24.91
CA GLY A 4 3.01 31.83 -24.18
C GLY A 4 3.58 30.42 -24.31
N SER A 5 4.62 30.16 -23.52
CA SER A 5 5.26 28.86 -23.54
C SER A 5 5.52 28.39 -22.10
N SER A 6 6.29 29.19 -21.37
CA SER A 6 6.62 28.87 -20.00
C SER A 6 7.50 27.61 -19.95
N GLY A 7 8.40 27.61 -18.98
CA GLY A 7 9.31 26.48 -18.81
C GLY A 7 10.26 26.73 -17.64
N ILE A 8 10.39 25.70 -16.80
CA ILE A 8 11.26 25.79 -15.64
C ILE A 8 11.97 24.44 -15.44
N PRO A 9 13.10 24.28 -16.16
CA PRO A 9 13.87 23.06 -16.07
C PRO A 9 14.66 23.00 -14.75
N GLY A 10 14.51 21.87 -14.07
CA GLY A 10 15.19 21.67 -12.80
C GLY A 10 16.54 20.97 -13.00
N PRO A 11 17.41 21.09 -11.97
CA PRO A 11 18.72 20.47 -12.02
C PRO A 11 18.62 18.96 -11.80
N GLY A 12 19.77 18.31 -11.89
CA GLY A 12 19.83 16.86 -11.69
C GLY A 12 20.39 16.52 -10.31
N PHE A 13 19.63 15.71 -9.59
CA PHE A 13 20.03 15.30 -8.25
C PHE A 13 21.02 14.14 -8.32
N THR A 14 20.59 13.07 -8.98
CA THR A 14 21.44 11.89 -9.13
C THR A 14 21.79 11.32 -7.75
N ALA A 15 20.98 10.36 -7.32
CA ALA A 15 21.20 9.72 -6.03
C ALA A 15 22.07 8.48 -6.21
N GLY A 16 21.53 7.52 -6.95
CA GLY A 16 22.25 6.30 -7.22
C GLY A 16 21.50 5.09 -6.66
N ALA A 17 22.22 4.00 -6.50
CA ALA A 17 21.63 2.77 -5.98
C ALA A 17 20.96 3.07 -4.65
N GLN A 18 19.64 2.95 -4.65
CA GLN A 18 18.85 3.21 -3.45
C GLN A 18 17.51 2.48 -3.53
N GLY A 19 16.77 2.56 -2.43
CA GLY A 19 15.46 1.93 -2.36
C GLY A 19 15.51 0.67 -1.50
N SER A 20 15.65 0.88 -0.20
CA SER A 20 15.71 -0.21 0.75
C SER A 20 14.64 -0.04 1.83
N CYS A 21 14.19 -1.17 2.36
CA CYS A 21 13.17 -1.15 3.39
C CYS A 21 13.69 -1.95 4.59
N SER A 22 14.88 -1.57 5.03
CA SER A 22 15.51 -2.25 6.17
C SER A 22 14.98 -1.65 7.47
N LEU A 23 14.96 -0.33 7.52
CA LEU A 23 14.49 0.36 8.71
C LEU A 23 13.31 1.27 8.33
N ARG A 24 12.59 0.84 7.31
CA ARG A 24 11.44 1.60 6.84
C ARG A 24 10.15 0.80 7.07
N CYS A 25 9.76 0.06 6.04
CA CYS A 25 8.55 -0.74 6.12
C CYS A 25 7.37 0.20 6.40
N GLY A 26 7.40 1.34 5.74
CA GLY A 26 6.34 2.33 5.91
C GLY A 26 6.75 3.68 5.33
N ALA A 27 7.12 3.64 4.05
CA ALA A 27 7.53 4.85 3.36
C ALA A 27 7.29 4.70 1.86
N GLN A 28 7.31 5.82 1.17
CA GLN A 28 7.09 5.81 -0.27
C GLN A 28 8.24 6.54 -0.99
N ASP A 29 8.81 5.83 -1.95
CA ASP A 29 9.93 6.39 -2.71
C ASP A 29 9.62 6.27 -4.21
N GLY A 30 10.53 6.79 -5.02
CA GLY A 30 10.38 6.74 -6.46
C GLY A 30 10.84 5.39 -7.02
N LEU A 31 12.04 5.01 -6.64
CA LEU A 31 12.61 3.75 -7.09
C LEU A 31 11.74 2.59 -6.59
N CYS A 32 11.39 2.67 -5.31
CA CYS A 32 10.57 1.65 -4.69
C CYS A 32 9.67 2.31 -3.65
N SER A 33 9.10 1.49 -2.78
CA SER A 33 8.22 1.98 -1.74
C SER A 33 8.11 0.95 -0.61
N CYS A 34 8.16 1.46 0.61
CA CYS A 34 8.07 0.60 1.78
C CYS A 34 6.65 0.70 2.34
N HIS A 35 5.73 1.10 1.48
CA HIS A 35 4.34 1.24 1.87
C HIS A 35 3.54 0.03 1.39
N PRO A 36 2.43 -0.26 2.13
CA PRO A 36 1.58 -1.38 1.79
C PRO A 36 0.73 -1.07 0.56
N THR A 37 0.79 0.18 0.13
CA THR A 37 0.04 0.62 -1.03
C THR A 37 0.82 0.38 -2.30
N CYS A 38 2.10 0.05 -2.12
CA CYS A 38 2.97 -0.22 -3.26
C CYS A 38 2.35 -1.35 -4.09
N SER A 39 1.46 -2.09 -3.44
CA SER A 39 0.80 -3.20 -4.10
C SER A 39 -0.18 -2.68 -5.17
N GLY A 40 -0.86 -1.59 -4.81
CA GLY A 40 -1.81 -0.98 -5.72
C GLY A 40 -1.10 -0.20 -6.82
N LEU A 41 0.04 0.38 -6.45
CA LEU A 41 0.83 1.16 -7.39
C LEU A 41 1.73 0.23 -8.19
N GLY A 42 2.67 -0.39 -7.48
CA GLY A 42 3.61 -1.30 -8.11
C GLY A 42 5.04 -0.78 -8.00
N THR A 43 5.35 -0.23 -6.84
CA THR A 43 6.69 0.30 -6.59
C THR A 43 7.32 -0.38 -5.38
N CYS A 44 6.87 -1.60 -5.13
CA CYS A 44 7.40 -2.36 -4.00
C CYS A 44 8.88 -2.65 -4.26
N CYS A 45 9.64 -2.64 -3.18
CA CYS A 45 11.07 -2.89 -3.27
C CYS A 45 11.28 -4.40 -3.37
N GLU A 46 12.47 -4.77 -3.84
CA GLU A 46 12.81 -6.17 -3.99
C GLU A 46 13.01 -6.82 -2.62
N ASP A 47 13.40 -6.00 -1.67
CA ASP A 47 13.62 -6.48 -0.31
C ASP A 47 12.57 -5.87 0.62
N PHE A 48 11.53 -5.32 0.02
CA PHE A 48 10.45 -4.72 0.78
C PHE A 48 9.66 -5.77 1.54
N LEU A 49 9.29 -6.82 0.83
CA LEU A 49 8.52 -7.90 1.43
C LEU A 49 9.44 -8.72 2.33
N ASP A 50 10.67 -8.87 1.90
CA ASP A 50 11.66 -9.62 2.66
C ASP A 50 11.80 -9.00 4.05
N TYR A 51 11.80 -7.68 4.08
CA TYR A 51 11.93 -6.95 5.33
C TYR A 51 10.55 -6.58 5.90
N CYS A 52 9.56 -6.60 5.02
CA CYS A 52 8.21 -6.25 5.40
C CYS A 52 7.27 -7.35 4.88
N LEU A 53 7.47 -8.56 5.39
CA LEU A 53 6.66 -9.69 4.97
C LEU A 53 5.58 -9.94 6.03
N GLU A 54 5.40 -8.96 6.89
CA GLU A 54 4.41 -9.06 7.95
C GLU A 54 4.08 -7.67 8.51
N ILE A 55 3.94 -6.72 7.61
CA ILE A 55 3.63 -5.36 8.00
C ILE A 55 2.20 -5.02 7.56
N LEU A 56 1.74 -5.73 6.55
CA LEU A 56 0.40 -5.51 6.04
C LEU A 56 -0.62 -5.73 7.16
N PRO A 57 -1.81 -5.09 7.00
CA PRO A 57 -2.86 -5.21 7.98
C PRO A 57 -3.55 -6.58 7.90
N SER A 58 -4.36 -6.85 8.91
CA SER A 58 -5.08 -8.12 8.96
C SER A 58 -5.71 -8.43 7.60
N SER A 59 -5.61 -9.68 7.21
CA SER A 59 -6.16 -10.12 5.93
C SER A 59 -7.31 -11.10 6.17
N GLY A 60 -8.49 -10.54 6.35
CA GLY A 60 -9.68 -11.36 6.59
C GLY A 60 -9.80 -12.47 5.54
N SER A 61 -10.82 -13.30 5.72
CA SER A 61 -11.05 -14.40 4.81
C SER A 61 -12.55 -14.63 4.63
N MET A 62 -12.91 -15.02 3.41
CA MET A 62 -14.31 -15.28 3.10
C MET A 62 -15.16 -14.01 3.31
N MET A 63 -15.74 -13.54 2.22
CA MET A 63 -16.57 -12.35 2.28
C MET A 63 -17.79 -12.50 1.36
N GLY A 64 -17.51 -12.79 0.10
CA GLY A 64 -18.58 -12.97 -0.87
C GLY A 64 -18.48 -14.33 -1.56
N GLY A 65 -17.96 -14.31 -2.78
CA GLY A 65 -17.80 -15.53 -3.54
C GLY A 65 -18.50 -15.42 -4.91
N LYS A 66 -17.72 -15.67 -5.95
CA LYS A 66 -18.26 -15.60 -7.30
C LYS A 66 -17.42 -16.49 -8.22
N ASP A 67 -18.10 -17.08 -9.18
CA ASP A 67 -17.44 -17.96 -10.14
C ASP A 67 -17.99 -17.71 -11.54
N PHE A 68 -17.29 -18.25 -12.53
CA PHE A 68 -17.70 -18.08 -13.91
C PHE A 68 -17.33 -19.32 -14.74
N VAL A 69 -18.03 -19.47 -15.85
CA VAL A 69 -17.79 -20.59 -16.74
C VAL A 69 -18.49 -20.35 -18.08
N VAL A 70 -17.80 -20.70 -19.15
CA VAL A 70 -18.35 -20.52 -20.49
C VAL A 70 -17.44 -21.24 -21.50
N GLN A 71 -18.08 -21.78 -22.53
CA GLN A 71 -17.34 -22.48 -23.57
C GLN A 71 -18.29 -22.86 -24.71
N HIS A 72 -17.94 -22.40 -25.91
CA HIS A 72 -18.74 -22.68 -27.08
C HIS A 72 -17.93 -22.39 -28.35
N LEU A 73 -18.21 -23.17 -29.38
CA LEU A 73 -17.52 -23.01 -30.64
C LEU A 73 -18.21 -23.86 -31.72
N LYS A 74 -18.48 -23.21 -32.84
CA LYS A 74 -19.14 -23.89 -33.94
C LYS A 74 -19.12 -22.98 -35.18
N TRP A 75 -18.95 -23.61 -36.34
CA TRP A 75 -18.91 -22.88 -37.59
C TRP A 75 -18.82 -23.90 -38.73
N THR A 76 -19.86 -23.90 -39.55
CA THR A 76 -19.93 -24.81 -40.68
C THR A 76 -20.67 -24.17 -41.85
N ASP A 77 -20.09 -24.31 -43.03
CA ASP A 77 -20.68 -23.75 -44.23
C ASP A 77 -19.76 -24.01 -45.42
N PRO A 78 -20.11 -25.07 -46.20
CA PRO A 78 -19.33 -25.42 -47.37
C PRO A 78 -19.56 -24.45 -48.53
N SER A 79 -18.89 -24.72 -49.64
CA SER A 79 -19.02 -23.87 -50.80
C SER A 79 -18.82 -24.69 -52.08
N GLY A 80 -19.11 -24.06 -53.21
CA GLY A 80 -18.96 -24.73 -54.49
C GLY A 80 -18.78 -23.72 -55.62
N PRO A 81 -17.49 -23.41 -55.92
CA PRO A 81 -17.17 -22.46 -56.97
C PRO A 81 -17.40 -23.07 -58.36
N SER A 82 -17.15 -22.27 -59.37
CA SER A 82 -17.32 -22.72 -60.74
C SER A 82 -16.63 -21.74 -61.71
N SER A 83 -16.66 -22.10 -62.98
CA SER A 83 -16.04 -21.27 -64.00
C SER A 83 -16.76 -21.47 -65.34
N GLY A 84 -16.47 -20.57 -66.27
CA GLY A 84 -17.08 -20.63 -67.59
C GLY A 84 -16.08 -20.20 -68.67
N GLY A 1 8.12 34.89 14.18
CA GLY A 1 7.52 34.54 12.91
C GLY A 1 8.58 34.52 11.80
N SER A 2 8.16 34.03 10.64
CA SER A 2 9.06 33.95 9.50
C SER A 2 8.33 33.32 8.31
N SER A 3 8.99 33.38 7.16
CA SER A 3 8.41 32.83 5.94
C SER A 3 9.45 31.95 5.23
N GLY A 4 8.97 31.26 4.20
CA GLY A 4 9.85 30.39 3.42
C GLY A 4 9.53 30.49 1.93
N SER A 5 10.32 29.76 1.14
CA SER A 5 10.13 29.76 -0.29
C SER A 5 10.66 28.45 -0.88
N SER A 6 10.34 28.24 -2.16
CA SER A 6 10.78 27.04 -2.85
C SER A 6 11.81 27.39 -3.91
N GLY A 7 12.45 26.36 -4.45
CA GLY A 7 13.47 26.55 -5.47
C GLY A 7 14.68 25.65 -5.21
N ILE A 8 15.80 26.03 -5.81
CA ILE A 8 17.03 25.27 -5.66
C ILE A 8 16.84 23.89 -6.29
N PRO A 9 17.17 23.81 -7.60
CA PRO A 9 17.04 22.55 -8.33
C PRO A 9 18.16 21.58 -7.95
N GLY A 10 19.38 22.12 -7.93
CA GLY A 10 20.53 21.32 -7.59
C GLY A 10 21.38 21.02 -8.83
N PRO A 11 22.65 20.63 -8.57
CA PRO A 11 23.57 20.30 -9.65
C PRO A 11 23.24 18.95 -10.29
N GLY A 12 24.16 18.47 -11.10
CA GLY A 12 23.98 17.19 -11.76
C GLY A 12 24.81 16.09 -11.09
N PHE A 13 24.26 15.56 -10.01
CA PHE A 13 24.93 14.50 -9.27
C PHE A 13 24.04 13.95 -8.15
N THR A 14 24.22 12.68 -7.86
CA THR A 14 23.44 12.02 -6.83
C THR A 14 24.31 11.02 -6.06
N ALA A 15 24.78 10.02 -6.79
CA ALA A 15 25.62 8.99 -6.20
C ALA A 15 25.06 8.62 -4.82
N GLY A 16 23.87 8.03 -4.83
CA GLY A 16 23.23 7.62 -3.60
C GLY A 16 22.89 6.13 -3.62
N ALA A 17 22.11 5.76 -4.62
CA ALA A 17 21.70 4.36 -4.78
C ALA A 17 20.90 3.94 -3.55
N GLN A 18 19.67 4.43 -3.50
CA GLN A 18 18.79 4.10 -2.38
C GLN A 18 17.60 3.27 -2.88
N GLY A 19 16.69 3.00 -1.95
CA GLY A 19 15.51 2.22 -2.28
C GLY A 19 15.49 0.90 -1.50
N SER A 20 15.61 1.02 -0.18
CA SER A 20 15.62 -0.15 0.68
C SER A 20 14.58 0.02 1.80
N CYS A 21 14.05 -1.11 2.25
CA CYS A 21 13.06 -1.10 3.30
C CYS A 21 13.56 -1.99 4.44
N SER A 22 14.74 -1.65 4.94
CA SER A 22 15.34 -2.41 6.02
C SER A 22 14.82 -1.90 7.37
N LEU A 23 14.85 -0.59 7.51
CA LEU A 23 14.39 0.05 8.74
C LEU A 23 13.24 0.99 8.42
N ARG A 24 12.55 0.70 7.33
CA ARG A 24 11.43 1.51 6.89
C ARG A 24 10.11 0.76 7.12
N CYS A 25 9.69 0.07 6.08
CA CYS A 25 8.45 -0.70 6.14
C CYS A 25 7.30 0.27 6.45
N GLY A 26 7.37 1.42 5.81
CA GLY A 26 6.35 2.44 5.99
C GLY A 26 6.79 3.77 5.39
N ALA A 27 7.13 3.73 4.11
CA ALA A 27 7.57 4.93 3.41
C ALA A 27 7.33 4.74 1.92
N GLN A 28 7.37 5.86 1.20
CA GLN A 28 7.16 5.84 -0.24
C GLN A 28 8.33 6.52 -0.95
N ASP A 29 8.90 5.79 -1.91
CA ASP A 29 10.02 6.31 -2.68
C ASP A 29 9.72 6.17 -4.17
N GLY A 30 10.62 6.70 -4.98
CA GLY A 30 10.47 6.64 -6.43
C GLY A 30 10.90 5.27 -6.95
N LEU A 31 12.14 4.91 -6.65
CA LEU A 31 12.67 3.64 -7.11
C LEU A 31 11.78 2.51 -6.58
N CYS A 32 11.40 2.62 -5.32
CA CYS A 32 10.55 1.62 -4.69
C CYS A 32 9.68 2.32 -3.65
N SER A 33 9.08 1.50 -2.79
CA SER A 33 8.21 2.03 -1.75
C SER A 33 8.10 1.01 -0.61
N CYS A 34 8.14 1.52 0.61
CA CYS A 34 8.04 0.66 1.78
C CYS A 34 6.63 0.78 2.34
N HIS A 35 5.71 1.16 1.45
CA HIS A 35 4.32 1.31 1.84
C HIS A 35 3.53 0.08 1.38
N PRO A 36 2.43 -0.21 2.14
CA PRO A 36 1.59 -1.35 1.82
C PRO A 36 0.71 -1.06 0.60
N THR A 37 0.78 0.18 0.14
CA THR A 37 0.00 0.60 -1.01
C THR A 37 0.82 0.43 -2.29
N CYS A 38 2.09 0.08 -2.11
CA CYS A 38 2.98 -0.12 -3.25
C CYS A 38 2.44 -1.28 -4.08
N SER A 39 1.55 -2.06 -3.46
CA SER A 39 0.96 -3.20 -4.14
C SER A 39 -0.01 -2.71 -5.21
N GLY A 40 -0.77 -1.68 -4.86
CA GLY A 40 -1.75 -1.12 -5.78
C GLY A 40 -1.06 -0.26 -6.85
N LEU A 41 0.03 0.39 -6.44
CA LEU A 41 0.78 1.23 -7.36
C LEU A 41 1.72 0.36 -8.19
N GLY A 42 2.58 -0.37 -7.49
CA GLY A 42 3.53 -1.24 -8.15
C GLY A 42 4.96 -0.70 -8.01
N THR A 43 5.21 -0.09 -6.86
CA THR A 43 6.53 0.48 -6.59
C THR A 43 7.18 -0.24 -5.41
N CYS A 44 6.74 -1.47 -5.18
CA CYS A 44 7.28 -2.27 -4.08
C CYS A 44 8.75 -2.56 -4.38
N CYS A 45 9.52 -2.65 -3.31
CA CYS A 45 10.94 -2.93 -3.45
C CYS A 45 11.12 -4.44 -3.54
N GLU A 46 12.30 -4.84 -3.99
CA GLU A 46 12.62 -6.25 -4.12
C GLU A 46 12.89 -6.88 -2.76
N ASP A 47 13.30 -6.02 -1.83
CA ASP A 47 13.61 -6.47 -0.49
C ASP A 47 12.59 -5.88 0.49
N PHE A 48 11.49 -5.40 -0.08
CA PHE A 48 10.44 -4.79 0.73
C PHE A 48 9.73 -5.85 1.59
N LEU A 49 9.36 -6.94 0.93
CA LEU A 49 8.69 -8.03 1.62
C LEU A 49 9.69 -8.77 2.51
N ASP A 50 10.93 -8.78 2.05
CA ASP A 50 11.99 -9.46 2.78
C ASP A 50 12.10 -8.85 4.18
N TYR A 51 11.94 -7.54 4.23
CA TYR A 51 12.02 -6.82 5.49
C TYR A 51 10.62 -6.49 6.03
N CYS A 52 9.67 -6.47 5.12
CA CYS A 52 8.29 -6.19 5.48
C CYS A 52 7.41 -7.35 5.04
N LEU A 53 7.65 -8.50 5.67
CA LEU A 53 6.89 -9.69 5.34
C LEU A 53 5.87 -9.96 6.45
N GLU A 54 5.41 -8.87 7.07
CA GLU A 54 4.44 -8.98 8.13
C GLU A 54 3.99 -7.57 8.58
N ILE A 55 3.89 -6.69 7.61
CA ILE A 55 3.47 -5.32 7.89
C ILE A 55 2.07 -5.08 7.31
N LEU A 56 1.74 -5.87 6.30
CA LEU A 56 0.43 -5.76 5.67
C LEU A 56 -0.66 -5.86 6.73
N PRO A 57 -1.84 -5.26 6.39
CA PRO A 57 -2.96 -5.27 7.31
C PRO A 57 -3.63 -6.65 7.35
N SER A 58 -4.58 -6.79 8.25
CA SER A 58 -5.30 -8.05 8.40
C SER A 58 -6.05 -8.36 7.10
N SER A 59 -6.15 -9.65 6.81
CA SER A 59 -6.83 -10.11 5.62
C SER A 59 -8.34 -10.20 5.88
N GLY A 60 -9.10 -9.65 4.95
CA GLY A 60 -10.55 -9.66 5.07
C GLY A 60 -11.20 -10.41 3.90
N SER A 61 -12.33 -11.04 4.19
CA SER A 61 -13.05 -11.79 3.18
C SER A 61 -12.13 -12.86 2.58
N MET A 62 -12.09 -14.00 3.26
CA MET A 62 -11.27 -15.10 2.80
C MET A 62 -11.97 -15.91 1.72
N MET A 63 -11.28 -16.05 0.59
CA MET A 63 -11.84 -16.80 -0.54
C MET A 63 -13.03 -16.06 -1.14
N GLY A 64 -14.12 -16.07 -0.40
CA GLY A 64 -15.34 -15.42 -0.85
C GLY A 64 -16.57 -16.28 -0.55
N GLY A 65 -17.66 -15.60 -0.23
CA GLY A 65 -18.91 -16.28 0.08
C GLY A 65 -19.41 -17.09 -1.13
N LYS A 66 -19.88 -18.29 -0.85
CA LYS A 66 -20.39 -19.16 -1.90
C LYS A 66 -21.85 -19.53 -1.59
N ASP A 67 -22.62 -19.65 -2.65
CA ASP A 67 -24.03 -20.00 -2.51
C ASP A 67 -24.28 -21.36 -3.16
N PHE A 68 -24.66 -22.31 -2.32
CA PHE A 68 -24.93 -23.65 -2.79
C PHE A 68 -26.21 -23.70 -3.64
N VAL A 69 -26.17 -24.53 -4.67
CA VAL A 69 -27.31 -24.67 -5.56
C VAL A 69 -28.40 -25.49 -4.86
N VAL A 70 -29.64 -25.12 -5.14
CA VAL A 70 -30.78 -25.81 -4.55
C VAL A 70 -31.84 -26.05 -5.63
N GLN A 71 -32.71 -27.01 -5.37
CA GLN A 71 -33.77 -27.33 -6.30
C GLN A 71 -35.13 -26.94 -5.72
N HIS A 72 -36.13 -26.92 -6.57
CA HIS A 72 -37.47 -26.57 -6.16
C HIS A 72 -38.49 -27.33 -7.01
N LEU A 73 -39.75 -27.19 -6.64
CA LEU A 73 -40.83 -27.85 -7.34
C LEU A 73 -42.14 -27.10 -7.10
N LYS A 74 -42.97 -27.07 -8.14
CA LYS A 74 -44.25 -26.39 -8.05
C LYS A 74 -45.02 -26.60 -9.36
N TRP A 75 -46.33 -26.39 -9.28
CA TRP A 75 -47.18 -26.56 -10.44
C TRP A 75 -47.99 -25.27 -10.61
N THR A 76 -48.44 -25.05 -11.84
CA THR A 76 -49.23 -23.87 -12.14
C THR A 76 -50.34 -24.21 -13.13
N ASP A 77 -51.47 -23.56 -12.94
CA ASP A 77 -52.62 -23.79 -13.81
C ASP A 77 -53.08 -22.45 -14.39
N PRO A 78 -53.58 -22.51 -15.65
CA PRO A 78 -54.06 -21.31 -16.34
C PRO A 78 -55.42 -20.88 -15.79
N SER A 79 -55.92 -19.79 -16.36
CA SER A 79 -57.21 -19.27 -15.94
C SER A 79 -57.82 -18.42 -17.06
N GLY A 80 -59.08 -18.08 -16.88
CA GLY A 80 -59.79 -17.27 -17.87
C GLY A 80 -61.31 -17.40 -17.70
N PRO A 81 -61.90 -16.41 -16.98
CA PRO A 81 -63.33 -16.41 -16.74
C PRO A 81 -64.09 -16.00 -18.00
N SER A 82 -63.72 -14.84 -18.52
CA SER A 82 -64.35 -14.32 -19.72
C SER A 82 -63.74 -12.97 -20.10
N SER A 83 -64.04 -12.54 -21.32
CA SER A 83 -63.54 -11.26 -21.80
C SER A 83 -64.69 -10.26 -21.95
N GLY A 84 -65.67 -10.65 -22.74
CA GLY A 84 -66.82 -9.79 -22.99
C GLY A 84 -67.94 -10.57 -23.69
N GLY A 1 -10.10 37.30 21.43
CA GLY A 1 -8.71 37.03 21.16
C GLY A 1 -8.53 36.33 19.81
N SER A 2 -7.33 35.81 19.60
CA SER A 2 -7.02 35.11 18.37
C SER A 2 -5.79 34.23 18.56
N SER A 3 -4.69 34.86 18.94
CA SER A 3 -3.45 34.15 19.16
C SER A 3 -3.03 33.41 17.88
N GLY A 4 -1.81 32.91 17.90
CA GLY A 4 -1.28 32.18 16.76
C GLY A 4 -1.11 30.70 17.08
N SER A 5 -0.71 29.94 16.07
CA SER A 5 -0.51 28.52 16.23
C SER A 5 0.03 27.92 14.93
N SER A 6 0.71 26.78 15.07
CA SER A 6 1.28 26.10 13.93
C SER A 6 2.33 26.98 13.26
N GLY A 7 3.24 26.33 12.55
CA GLY A 7 4.30 27.04 11.87
C GLY A 7 4.27 26.76 10.36
N ILE A 8 5.45 26.52 9.81
CA ILE A 8 5.58 26.22 8.39
C ILE A 8 6.93 25.56 8.13
N PRO A 9 6.95 24.21 8.27
CA PRO A 9 8.17 23.45 8.04
C PRO A 9 8.48 23.34 6.55
N GLY A 10 9.62 22.73 6.26
CA GLY A 10 10.04 22.54 4.89
C GLY A 10 11.31 21.70 4.81
N PRO A 11 11.12 20.36 5.00
CA PRO A 11 12.25 19.43 4.96
C PRO A 11 12.69 19.19 3.52
N GLY A 12 13.90 18.68 3.40
CA GLY A 12 14.46 18.40 2.08
C GLY A 12 15.87 17.80 2.20
N PHE A 13 15.90 16.51 2.50
CA PHE A 13 17.17 15.81 2.65
C PHE A 13 16.95 14.30 2.79
N THR A 14 17.73 13.55 2.03
CA THR A 14 17.64 12.09 2.06
C THR A 14 18.94 11.47 1.58
N ALA A 15 19.63 10.80 2.51
CA ALA A 15 20.88 10.15 2.20
C ALA A 15 20.92 8.79 2.88
N GLY A 16 21.58 7.84 2.21
CA GLY A 16 21.70 6.50 2.74
C GLY A 16 20.86 5.51 1.92
N ALA A 17 19.90 4.90 2.61
CA ALA A 17 19.02 3.94 1.96
C ALA A 17 18.13 4.66 0.96
N GLN A 18 18.31 4.32 -0.31
CA GLN A 18 17.53 4.93 -1.37
C GLN A 18 16.24 4.15 -1.61
N GLY A 19 16.41 2.97 -2.19
CA GLY A 19 15.27 2.10 -2.47
C GLY A 19 15.33 0.83 -1.63
N SER A 20 15.57 1.02 -0.34
CA SER A 20 15.63 -0.10 0.58
C SER A 20 14.62 0.08 1.70
N CYS A 21 14.16 -1.05 2.23
CA CYS A 21 13.19 -1.04 3.31
C CYS A 21 13.75 -1.83 4.48
N SER A 22 14.92 -1.39 4.94
CA SER A 22 15.58 -2.05 6.05
C SER A 22 14.75 -1.90 7.33
N LEU A 23 14.61 -0.64 7.75
CA LEU A 23 13.84 -0.34 8.94
C LEU A 23 12.55 0.39 8.55
N ARG A 24 12.58 0.98 7.36
CA ARG A 24 11.44 1.71 6.86
C ARG A 24 10.15 0.92 7.09
N CYS A 25 9.77 0.16 6.07
CA CYS A 25 8.58 -0.65 6.16
C CYS A 25 7.39 0.27 6.42
N GLY A 26 7.42 1.42 5.78
CA GLY A 26 6.36 2.40 5.95
C GLY A 26 6.77 3.76 5.36
N ALA A 27 7.13 3.73 4.09
CA ALA A 27 7.55 4.95 3.41
C ALA A 27 7.30 4.79 1.91
N GLN A 28 7.42 5.91 1.20
CA GLN A 28 7.20 5.91 -0.24
C GLN A 28 8.41 6.52 -0.95
N ASP A 29 8.92 5.76 -1.92
CA ASP A 29 10.07 6.21 -2.69
C ASP A 29 9.76 6.11 -4.18
N GLY A 30 10.68 6.62 -4.98
CA GLY A 30 10.51 6.60 -6.42
C GLY A 30 10.94 5.24 -7.00
N LEU A 31 12.15 4.82 -6.64
CA LEU A 31 12.67 3.56 -7.12
C LEU A 31 11.81 2.42 -6.57
N CYS A 32 11.41 2.58 -5.31
CA CYS A 32 10.57 1.57 -4.66
C CYS A 32 9.68 2.28 -3.64
N SER A 33 9.12 1.48 -2.75
CA SER A 33 8.24 2.01 -1.72
C SER A 33 8.11 1.00 -0.58
N CYS A 34 8.18 1.52 0.65
CA CYS A 34 8.06 0.68 1.83
C CYS A 34 6.65 0.82 2.39
N HIS A 35 5.71 1.06 1.49
CA HIS A 35 4.32 1.21 1.88
C HIS A 35 3.51 0.03 1.36
N PRO A 36 2.40 -0.28 2.08
CA PRO A 36 1.53 -1.38 1.71
C PRO A 36 0.66 -1.00 0.50
N THR A 37 0.81 0.24 0.07
CA THR A 37 0.06 0.75 -1.06
C THR A 37 0.82 0.50 -2.36
N CYS A 38 2.05 0.05 -2.21
CA CYS A 38 2.90 -0.22 -3.36
C CYS A 38 2.27 -1.37 -4.16
N SER A 39 1.38 -2.09 -3.49
CA SER A 39 0.70 -3.21 -4.12
C SER A 39 -0.25 -2.70 -5.21
N GLY A 40 -0.97 -1.63 -4.86
CA GLY A 40 -1.91 -1.04 -5.81
C GLY A 40 -1.19 -0.23 -6.88
N LEU A 41 -0.08 0.39 -6.47
CA LEU A 41 0.71 1.19 -7.37
C LEU A 41 1.64 0.28 -8.18
N GLY A 42 2.60 -0.30 -7.47
CA GLY A 42 3.56 -1.19 -8.11
C GLY A 42 4.98 -0.65 -7.97
N THR A 43 5.28 -0.15 -6.78
CA THR A 43 6.60 0.40 -6.51
C THR A 43 7.24 -0.32 -5.33
N CYS A 44 6.77 -1.54 -5.10
CA CYS A 44 7.29 -2.35 -4.01
C CYS A 44 8.77 -2.63 -4.28
N CYS A 45 9.54 -2.67 -3.20
CA CYS A 45 10.97 -2.91 -3.31
C CYS A 45 11.18 -4.43 -3.40
N GLU A 46 12.35 -4.81 -3.89
CA GLU A 46 12.69 -6.21 -4.03
C GLU A 46 12.93 -6.84 -2.66
N ASP A 47 13.33 -6.00 -1.72
CA ASP A 47 13.60 -6.46 -0.37
C ASP A 47 12.57 -5.85 0.58
N PHE A 48 11.49 -5.33 0.00
CA PHE A 48 10.43 -4.73 0.78
C PHE A 48 9.67 -5.78 1.59
N LEU A 49 9.30 -6.85 0.90
CA LEU A 49 8.58 -7.94 1.53
C LEU A 49 9.52 -8.73 2.43
N ASP A 50 10.76 -8.85 1.96
CA ASP A 50 11.77 -9.57 2.71
C ASP A 50 11.94 -8.94 4.09
N TYR A 51 11.92 -7.61 4.09
CA TYR A 51 12.07 -6.87 5.34
C TYR A 51 10.70 -6.52 5.94
N CYS A 52 9.69 -6.52 5.07
CA CYS A 52 8.34 -6.22 5.51
C CYS A 52 7.42 -7.33 5.01
N LEU A 53 7.65 -8.52 5.52
CA LEU A 53 6.85 -9.67 5.14
C LEU A 53 5.76 -9.91 6.20
N GLU A 54 5.59 -8.90 7.05
CA GLU A 54 4.59 -8.99 8.10
C GLU A 54 4.19 -7.59 8.57
N ILE A 55 4.05 -6.69 7.60
CA ILE A 55 3.68 -5.33 7.90
C ILE A 55 2.26 -5.06 7.38
N LEU A 56 1.91 -5.79 6.33
CA LEU A 56 0.58 -5.66 5.74
C LEU A 56 -0.49 -5.88 6.81
N PRO A 57 -1.68 -5.27 6.56
CA PRO A 57 -2.79 -5.39 7.50
C PRO A 57 -3.42 -6.78 7.42
N SER A 58 -3.67 -7.21 6.19
CA SER A 58 -4.27 -8.52 5.97
C SER A 58 -4.39 -8.80 4.47
N SER A 59 -4.40 -10.08 4.13
CA SER A 59 -4.49 -10.49 2.75
C SER A 59 -5.91 -10.25 2.23
N GLY A 60 -6.08 -9.12 1.55
CA GLY A 60 -7.38 -8.76 1.00
C GLY A 60 -7.70 -9.62 -0.23
N SER A 61 -8.58 -10.59 -0.02
CA SER A 61 -8.98 -11.48 -1.10
C SER A 61 -10.48 -11.74 -1.02
N MET A 62 -11.24 -10.91 -1.74
CA MET A 62 -12.69 -11.05 -1.76
C MET A 62 -13.11 -12.30 -2.53
N MET A 63 -12.67 -12.35 -3.78
CA MET A 63 -12.99 -13.48 -4.64
C MET A 63 -14.48 -13.82 -4.55
N GLY A 64 -15.24 -13.25 -5.48
CA GLY A 64 -16.67 -13.48 -5.51
C GLY A 64 -16.99 -14.85 -6.14
N GLY A 65 -18.10 -14.89 -6.86
CA GLY A 65 -18.52 -16.12 -7.51
C GLY A 65 -19.73 -16.72 -6.79
N LYS A 66 -20.70 -17.15 -7.59
CA LYS A 66 -21.90 -17.76 -7.04
C LYS A 66 -21.69 -19.27 -6.89
N ASP A 67 -22.35 -19.83 -5.88
CA ASP A 67 -22.24 -21.26 -5.63
C ASP A 67 -23.57 -21.93 -5.97
N PHE A 68 -23.46 -23.11 -6.56
CA PHE A 68 -24.64 -23.86 -6.95
C PHE A 68 -25.13 -24.73 -5.79
N VAL A 69 -26.45 -24.88 -5.72
CA VAL A 69 -27.06 -25.67 -4.67
C VAL A 69 -27.39 -27.06 -5.23
N VAL A 70 -28.34 -27.09 -6.15
CA VAL A 70 -28.75 -28.34 -6.76
C VAL A 70 -28.91 -29.41 -5.68
N GLN A 71 -28.96 -30.66 -6.12
CA GLN A 71 -29.11 -31.77 -5.20
C GLN A 71 -29.19 -33.08 -5.97
N HIS A 72 -29.05 -34.17 -5.23
CA HIS A 72 -29.11 -35.50 -5.83
C HIS A 72 -29.72 -36.49 -4.83
N LEU A 73 -30.23 -37.59 -5.38
CA LEU A 73 -30.84 -38.62 -4.55
C LEU A 73 -30.31 -39.98 -4.97
N LYS A 74 -30.74 -41.00 -4.24
CA LYS A 74 -30.33 -42.37 -4.53
C LYS A 74 -31.37 -43.34 -4.00
N TRP A 75 -31.15 -44.61 -4.29
CA TRP A 75 -32.07 -45.66 -3.84
C TRP A 75 -31.25 -46.92 -3.57
N THR A 76 -31.80 -47.76 -2.71
CA THR A 76 -31.13 -49.00 -2.36
C THR A 76 -32.15 -50.14 -2.23
N ASP A 77 -31.63 -51.33 -1.99
CA ASP A 77 -32.48 -52.50 -1.85
C ASP A 77 -31.88 -53.45 -0.81
N PRO A 78 -32.70 -53.78 0.21
CA PRO A 78 -32.26 -54.67 1.27
C PRO A 78 -32.22 -56.13 0.78
N SER A 79 -31.79 -57.01 1.68
CA SER A 79 -31.70 -58.42 1.35
C SER A 79 -32.28 -59.26 2.50
N GLY A 80 -32.49 -60.54 2.21
CA GLY A 80 -33.03 -61.45 3.19
C GLY A 80 -32.65 -62.89 2.88
N PRO A 81 -31.56 -63.36 3.54
CA PRO A 81 -31.07 -64.71 3.34
C PRO A 81 -31.98 -65.73 4.05
N SER A 82 -31.64 -67.00 3.87
CA SER A 82 -32.40 -68.07 4.49
C SER A 82 -31.46 -69.19 4.95
N SER A 83 -32.06 -70.21 5.55
CA SER A 83 -31.30 -71.34 6.03
C SER A 83 -31.97 -72.64 5.61
N GLY A 84 -31.29 -73.74 5.90
CA GLY A 84 -31.80 -75.06 5.55
C GLY A 84 -30.83 -76.17 5.99
N GLY A 1 46.05 30.12 -4.53
CA GLY A 1 44.99 29.68 -5.42
C GLY A 1 45.35 28.34 -6.08
N SER A 2 45.87 28.44 -7.30
CA SER A 2 46.26 27.25 -8.04
C SER A 2 45.18 26.17 -7.91
N SER A 3 44.22 26.22 -8.81
CA SER A 3 43.13 25.25 -8.81
C SER A 3 42.22 25.50 -10.01
N GLY A 4 41.40 24.49 -10.30
CA GLY A 4 40.47 24.59 -11.41
C GLY A 4 39.02 24.54 -10.91
N SER A 5 38.73 25.44 -9.98
CA SER A 5 37.39 25.52 -9.42
C SER A 5 37.28 26.73 -8.50
N SER A 6 36.38 27.63 -8.85
CA SER A 6 36.16 28.84 -8.07
C SER A 6 35.18 28.55 -6.94
N GLY A 7 35.70 27.97 -5.87
CA GLY A 7 34.89 27.65 -4.72
C GLY A 7 33.64 26.87 -5.12
N ILE A 8 32.86 26.48 -4.13
CA ILE A 8 31.65 25.72 -4.37
C ILE A 8 31.91 24.67 -5.45
N PRO A 9 32.79 23.69 -5.10
CA PRO A 9 33.14 22.63 -6.03
C PRO A 9 32.00 21.61 -6.15
N GLY A 10 30.91 22.06 -6.77
CA GLY A 10 29.75 21.20 -6.96
C GLY A 10 28.94 21.09 -5.66
N PRO A 11 27.63 20.77 -5.84
CA PRO A 11 26.74 20.62 -4.70
C PRO A 11 27.00 19.31 -3.95
N GLY A 12 26.59 19.28 -2.70
CA GLY A 12 26.78 18.10 -1.87
C GLY A 12 25.76 17.01 -2.23
N PHE A 13 26.23 16.04 -3.00
CA PHE A 13 25.37 14.94 -3.42
C PHE A 13 26.17 13.63 -3.50
N THR A 14 25.75 12.67 -2.68
CA THR A 14 26.41 11.38 -2.64
C THR A 14 25.38 10.25 -2.52
N ALA A 15 24.95 9.76 -3.67
CA ALA A 15 23.97 8.69 -3.71
C ALA A 15 24.30 7.74 -4.86
N GLY A 16 24.07 6.46 -4.61
CA GLY A 16 24.34 5.44 -5.61
C GLY A 16 23.06 4.70 -5.98
N ALA A 17 22.69 3.74 -5.13
CA ALA A 17 21.50 2.95 -5.36
C ALA A 17 20.63 2.98 -4.10
N GLN A 18 19.42 3.49 -4.28
CA GLN A 18 18.48 3.59 -3.17
C GLN A 18 17.26 2.70 -3.43
N GLY A 19 16.47 2.50 -2.39
CA GLY A 19 15.27 1.69 -2.49
C GLY A 19 15.35 0.48 -1.56
N SER A 20 15.52 0.78 -0.27
CA SER A 20 15.61 -0.27 0.73
C SER A 20 14.55 -0.06 1.81
N CYS A 21 14.12 -1.17 2.40
CA CYS A 21 13.11 -1.11 3.44
C CYS A 21 13.63 -1.86 4.66
N SER A 22 14.86 -1.52 5.03
CA SER A 22 15.49 -2.15 6.19
C SER A 22 14.91 -1.59 7.48
N LEU A 23 14.94 -0.27 7.58
CA LEU A 23 14.42 0.41 8.76
C LEU A 23 13.26 1.31 8.34
N ARG A 24 12.49 0.83 7.37
CA ARG A 24 11.35 1.59 6.89
C ARG A 24 10.06 0.79 7.07
N CYS A 25 9.69 0.07 6.03
CA CYS A 25 8.48 -0.74 6.07
C CYS A 25 7.29 0.18 6.33
N GLY A 26 7.33 1.34 5.69
CA GLY A 26 6.26 2.31 5.85
C GLY A 26 6.68 3.68 5.28
N ALA A 27 7.08 3.66 4.01
CA ALA A 27 7.51 4.88 3.35
C ALA A 27 7.28 4.73 1.84
N GLN A 28 7.35 5.86 1.15
CA GLN A 28 7.15 5.87 -0.29
C GLN A 28 8.33 6.56 -0.98
N ASP A 29 8.90 5.86 -1.94
CA ASP A 29 10.04 6.38 -2.69
C ASP A 29 9.75 6.27 -4.18
N GLY A 30 10.70 6.76 -4.98
CA GLY A 30 10.56 6.72 -6.41
C GLY A 30 11.00 5.37 -6.97
N LEU A 31 12.20 4.96 -6.59
CA LEU A 31 12.75 3.69 -7.04
C LEU A 31 11.88 2.56 -6.50
N CYS A 32 11.54 2.66 -5.23
CA CYS A 32 10.72 1.65 -4.59
C CYS A 32 9.89 2.33 -3.50
N SER A 33 9.08 1.52 -2.82
CA SER A 33 8.23 2.03 -1.75
C SER A 33 8.12 0.99 -0.63
N CYS A 34 8.13 1.49 0.59
CA CYS A 34 8.03 0.62 1.75
C CYS A 34 6.61 0.74 2.32
N HIS A 35 5.70 1.18 1.46
CA HIS A 35 4.31 1.34 1.86
C HIS A 35 3.51 0.12 1.40
N PRO A 36 2.43 -0.17 2.17
CA PRO A 36 1.56 -1.30 1.85
C PRO A 36 0.67 -0.99 0.66
N THR A 37 0.80 0.24 0.16
CA THR A 37 0.01 0.67 -0.97
C THR A 37 0.80 0.46 -2.28
N CYS A 38 2.07 0.11 -2.12
CA CYS A 38 2.93 -0.12 -3.27
C CYS A 38 2.36 -1.28 -4.07
N SER A 39 1.55 -2.08 -3.40
CA SER A 39 0.92 -3.23 -4.04
C SER A 39 -0.07 -2.76 -5.10
N GLY A 40 -0.83 -1.73 -4.75
CA GLY A 40 -1.81 -1.19 -5.66
C GLY A 40 -1.15 -0.33 -6.75
N LEU A 41 -0.02 0.26 -6.38
CA LEU A 41 0.72 1.09 -7.31
C LEU A 41 1.63 0.21 -8.17
N GLY A 42 2.63 -0.35 -7.51
CA GLY A 42 3.58 -1.22 -8.20
C GLY A 42 5.00 -0.67 -8.09
N THR A 43 5.32 -0.16 -6.90
CA THR A 43 6.63 0.40 -6.66
C THR A 43 7.28 -0.28 -5.44
N CYS A 44 6.82 -1.50 -5.17
CA CYS A 44 7.34 -2.25 -4.05
C CYS A 44 8.81 -2.57 -4.31
N CYS A 45 9.59 -2.58 -3.25
CA CYS A 45 11.01 -2.87 -3.36
C CYS A 45 11.18 -4.40 -3.47
N GLU A 46 12.34 -4.78 -3.98
CA GLU A 46 12.65 -6.20 -4.16
C GLU A 46 12.86 -6.86 -2.79
N ASP A 47 13.27 -6.05 -1.83
CA ASP A 47 13.52 -6.55 -0.49
C ASP A 47 12.50 -5.94 0.47
N PHE A 48 11.41 -5.43 -0.11
CA PHE A 48 10.36 -4.83 0.68
C PHE A 48 9.62 -5.87 1.52
N LEU A 49 9.24 -6.96 0.85
CA LEU A 49 8.54 -8.03 1.52
C LEU A 49 9.50 -8.81 2.40
N ASP A 50 10.74 -8.92 1.93
CA ASP A 50 11.77 -9.63 2.66
C ASP A 50 11.94 -8.99 4.04
N TYR A 51 11.87 -7.66 4.05
CA TYR A 51 12.01 -6.91 5.29
C TYR A 51 10.65 -6.56 5.87
N CYS A 52 9.65 -6.59 5.02
CA CYS A 52 8.29 -6.28 5.45
C CYS A 52 7.37 -7.42 5.01
N LEU A 53 7.63 -8.59 5.58
CA LEU A 53 6.84 -9.77 5.26
C LEU A 53 5.84 -10.03 6.38
N GLU A 54 5.41 -8.94 7.01
CA GLU A 54 4.46 -9.04 8.10
C GLU A 54 4.06 -7.63 8.59
N ILE A 55 3.93 -6.73 7.63
CA ILE A 55 3.56 -5.36 7.93
C ILE A 55 2.15 -5.09 7.42
N LEU A 56 1.77 -5.85 6.42
CA LEU A 56 0.45 -5.71 5.82
C LEU A 56 -0.61 -5.69 6.93
N PRO A 57 -1.77 -5.05 6.61
CA PRO A 57 -2.85 -4.95 7.57
C PRO A 57 -3.59 -6.29 7.69
N SER A 58 -4.05 -6.78 6.55
CA SER A 58 -4.77 -8.05 6.51
C SER A 58 -5.11 -8.41 5.07
N SER A 59 -5.43 -9.68 4.87
CA SER A 59 -5.78 -10.17 3.55
C SER A 59 -7.28 -10.48 3.48
N GLY A 60 -8.05 -9.43 3.28
CA GLY A 60 -9.50 -9.58 3.19
C GLY A 60 -9.92 -9.95 1.77
N SER A 61 -11.24 -9.96 1.56
CA SER A 61 -11.79 -10.28 0.26
C SER A 61 -11.78 -9.04 -0.63
N MET A 62 -12.14 -9.27 -1.89
CA MET A 62 -12.18 -8.18 -2.86
C MET A 62 -13.59 -7.99 -3.42
N MET A 63 -14.28 -9.10 -3.59
CA MET A 63 -15.64 -9.08 -4.10
C MET A 63 -16.44 -10.27 -3.61
N GLY A 64 -15.92 -11.45 -3.88
CA GLY A 64 -16.58 -12.68 -3.48
C GLY A 64 -17.56 -13.16 -4.55
N GLY A 65 -18.84 -12.97 -4.25
CA GLY A 65 -19.88 -13.38 -5.18
C GLY A 65 -21.26 -12.96 -4.65
N LYS A 66 -22.00 -13.95 -4.18
CA LYS A 66 -23.33 -13.70 -3.66
C LYS A 66 -23.45 -14.32 -2.25
N ASP A 67 -24.52 -13.94 -1.56
CA ASP A 67 -24.76 -14.45 -0.22
C ASP A 67 -25.90 -15.46 -0.27
N PHE A 68 -27.05 -15.00 -0.73
CA PHE A 68 -28.22 -15.86 -0.83
C PHE A 68 -29.35 -15.16 -1.60
N VAL A 69 -30.33 -15.96 -1.97
CA VAL A 69 -31.47 -15.44 -2.72
C VAL A 69 -30.98 -14.89 -4.07
N VAL A 70 -31.83 -15.07 -5.08
CA VAL A 70 -31.51 -14.61 -6.41
C VAL A 70 -32.68 -13.82 -6.97
N GLN A 71 -32.35 -12.67 -7.56
CA GLN A 71 -33.37 -11.80 -8.14
C GLN A 71 -34.15 -12.56 -9.22
N HIS A 72 -35.22 -11.92 -9.67
CA HIS A 72 -36.06 -12.51 -10.71
C HIS A 72 -35.40 -12.33 -12.07
N LEU A 73 -35.98 -13.00 -13.07
CA LEU A 73 -35.45 -12.93 -14.42
C LEU A 73 -36.34 -12.00 -15.25
N LYS A 74 -35.95 -11.83 -16.51
CA LYS A 74 -36.70 -10.99 -17.41
C LYS A 74 -37.02 -11.77 -18.69
N TRP A 75 -38.17 -11.45 -19.26
CA TRP A 75 -38.60 -12.11 -20.49
C TRP A 75 -37.46 -12.04 -21.50
N THR A 76 -37.38 -13.07 -22.34
CA THR A 76 -36.34 -13.13 -23.35
C THR A 76 -34.96 -13.10 -22.70
N ASP A 77 -34.25 -14.21 -22.84
CA ASP A 77 -32.91 -14.32 -22.28
C ASP A 77 -31.90 -14.51 -23.42
N PRO A 78 -30.92 -13.56 -23.47
CA PRO A 78 -29.89 -13.61 -24.49
C PRO A 78 -28.86 -14.70 -24.19
N SER A 79 -28.06 -15.02 -25.19
CA SER A 79 -27.04 -16.05 -25.05
C SER A 79 -26.10 -16.02 -26.26
N GLY A 80 -24.93 -16.61 -26.06
CA GLY A 80 -23.94 -16.66 -27.12
C GLY A 80 -22.54 -16.93 -26.56
N PRO A 81 -22.15 -18.23 -26.60
CA PRO A 81 -20.84 -18.64 -26.09
C PRO A 81 -19.74 -18.23 -27.06
N SER A 82 -19.89 -18.63 -28.30
CA SER A 82 -18.91 -18.32 -29.33
C SER A 82 -17.55 -18.89 -28.95
N SER A 83 -16.72 -19.10 -29.95
CA SER A 83 -15.39 -19.62 -29.73
C SER A 83 -14.46 -19.21 -30.88
N GLY A 84 -14.84 -19.61 -32.08
CA GLY A 84 -14.07 -19.28 -33.26
C GLY A 84 -14.92 -18.55 -34.30
N GLY A 1 1.53 48.76 0.85
CA GLY A 1 2.80 48.30 0.32
C GLY A 1 2.60 47.09 -0.59
N SER A 2 3.65 46.78 -1.35
CA SER A 2 3.59 45.64 -2.26
C SER A 2 5.01 45.29 -2.73
N SER A 3 5.20 44.01 -3.01
CA SER A 3 6.50 43.54 -3.47
C SER A 3 6.31 42.26 -4.30
N GLY A 4 7.40 41.86 -4.94
CA GLY A 4 7.39 40.65 -5.76
C GLY A 4 8.41 39.64 -5.27
N SER A 5 9.67 40.06 -5.27
CA SER A 5 10.74 39.19 -4.83
C SER A 5 10.85 37.97 -5.75
N SER A 6 11.91 37.21 -5.55
CA SER A 6 12.14 36.02 -6.35
C SER A 6 13.08 35.06 -5.61
N GLY A 7 12.80 33.78 -5.75
CA GLY A 7 13.61 32.76 -5.11
C GLY A 7 14.57 32.11 -6.10
N ILE A 8 15.51 31.34 -5.56
CA ILE A 8 16.48 30.66 -6.39
C ILE A 8 16.54 29.18 -6.00
N PRO A 9 16.97 28.34 -6.98
CA PRO A 9 17.07 26.92 -6.75
C PRO A 9 18.28 26.58 -5.88
N GLY A 10 18.45 25.29 -5.63
CA GLY A 10 19.57 24.82 -4.81
C GLY A 10 19.97 23.40 -5.19
N PRO A 11 20.87 23.30 -6.21
CA PRO A 11 21.34 22.01 -6.67
C PRO A 11 22.34 21.40 -5.69
N GLY A 12 22.62 20.13 -5.90
CA GLY A 12 23.56 19.42 -5.04
C GLY A 12 24.29 18.32 -5.81
N PHE A 13 23.94 17.09 -5.49
CA PHE A 13 24.57 15.94 -6.14
C PHE A 13 23.50 14.98 -6.68
N THR A 14 22.63 14.54 -5.79
CA THR A 14 21.57 13.63 -6.17
C THR A 14 22.15 12.39 -6.86
N ALA A 15 22.38 11.36 -6.05
CA ALA A 15 22.93 10.12 -6.57
C ALA A 15 21.80 9.09 -6.73
N GLY A 16 21.90 8.32 -7.81
CA GLY A 16 20.90 7.30 -8.09
C GLY A 16 21.38 5.93 -7.61
N ALA A 17 21.07 5.63 -6.36
CA ALA A 17 21.46 4.36 -5.77
C ALA A 17 20.81 4.22 -4.39
N GLN A 18 19.60 3.69 -4.39
CA GLN A 18 18.87 3.50 -3.15
C GLN A 18 17.53 2.82 -3.42
N GLY A 19 16.95 2.27 -2.36
CA GLY A 19 15.66 1.59 -2.48
C GLY A 19 15.62 0.36 -1.57
N SER A 20 15.70 0.61 -0.27
CA SER A 20 15.66 -0.46 0.71
C SER A 20 14.59 -0.17 1.76
N CYS A 21 14.05 -1.25 2.32
CA CYS A 21 13.03 -1.12 3.33
C CYS A 21 13.45 -1.94 4.55
N SER A 22 14.69 -1.70 4.98
CA SER A 22 15.23 -2.40 6.13
C SER A 22 14.73 -1.76 7.43
N LEU A 23 14.90 -0.45 7.50
CA LEU A 23 14.47 0.30 8.66
C LEU A 23 13.32 1.25 8.27
N ARG A 24 12.51 0.78 7.34
CA ARG A 24 11.38 1.57 6.87
C ARG A 24 10.07 0.80 7.08
N CYS A 25 9.67 0.08 6.04
CA CYS A 25 8.44 -0.70 6.10
C CYS A 25 7.28 0.25 6.38
N GLY A 26 7.34 1.42 5.75
CA GLY A 26 6.30 2.42 5.93
C GLY A 26 6.74 3.77 5.35
N ALA A 27 7.11 3.74 4.08
CA ALA A 27 7.55 4.94 3.40
C ALA A 27 7.30 4.79 1.90
N GLN A 28 7.39 5.92 1.20
CA GLN A 28 7.18 5.93 -0.23
C GLN A 28 8.38 6.58 -0.94
N ASP A 29 8.92 5.85 -1.90
CA ASP A 29 10.06 6.34 -2.66
C ASP A 29 9.75 6.24 -4.16
N GLY A 30 10.71 6.69 -4.96
CA GLY A 30 10.55 6.66 -6.39
C GLY A 30 10.97 5.30 -6.96
N LEU A 31 12.20 4.91 -6.66
CA LEU A 31 12.73 3.64 -7.11
C LEU A 31 11.85 2.51 -6.60
N CYS A 32 11.51 2.60 -5.31
CA CYS A 32 10.68 1.59 -4.68
C CYS A 32 9.80 2.29 -3.64
N SER A 33 9.13 1.48 -2.83
CA SER A 33 8.25 2.00 -1.81
C SER A 33 8.13 0.98 -0.66
N CYS A 34 8.16 1.50 0.56
CA CYS A 34 8.06 0.66 1.73
C CYS A 34 6.63 0.78 2.28
N HIS A 35 5.73 1.21 1.41
CA HIS A 35 4.34 1.37 1.80
C HIS A 35 3.55 0.12 1.40
N PRO A 36 2.47 -0.15 2.19
CA PRO A 36 1.64 -1.30 1.93
C PRO A 36 0.74 -1.08 0.71
N THR A 37 0.90 0.09 0.12
CA THR A 37 0.11 0.44 -1.07
C THR A 37 0.91 0.17 -2.33
N CYS A 38 2.19 -0.15 -2.14
CA CYS A 38 3.06 -0.44 -3.26
C CYS A 38 2.40 -1.52 -4.13
N SER A 39 1.50 -2.26 -3.50
CA SER A 39 0.80 -3.33 -4.20
C SER A 39 -0.19 -2.73 -5.20
N GLY A 40 -0.91 -1.71 -4.75
CA GLY A 40 -1.88 -1.04 -5.59
C GLY A 40 -1.19 -0.12 -6.60
N LEU A 41 -0.08 0.46 -6.16
CA LEU A 41 0.68 1.37 -7.01
C LEU A 41 1.56 0.55 -7.95
N GLY A 42 2.43 -0.25 -7.35
CA GLY A 42 3.34 -1.08 -8.12
C GLY A 42 4.79 -0.61 -7.96
N THR A 43 5.05 -0.02 -6.80
CA THR A 43 6.39 0.47 -6.50
C THR A 43 6.97 -0.27 -5.29
N CYS A 44 6.80 -1.59 -5.31
CA CYS A 44 7.30 -2.41 -4.22
C CYS A 44 8.80 -2.64 -4.45
N CYS A 45 9.51 -2.73 -3.34
CA CYS A 45 10.96 -2.94 -3.40
C CYS A 45 11.22 -4.45 -3.50
N GLU A 46 12.43 -4.78 -3.90
CA GLU A 46 12.82 -6.18 -4.05
C GLU A 46 13.04 -6.81 -2.67
N ASP A 47 13.43 -5.97 -1.73
CA ASP A 47 13.68 -6.42 -0.38
C ASP A 47 12.63 -5.83 0.57
N PHE A 48 11.54 -5.37 -0.02
CA PHE A 48 10.46 -4.77 0.74
C PHE A 48 9.74 -5.83 1.59
N LEU A 49 9.40 -6.93 0.93
CA LEU A 49 8.71 -8.02 1.59
C LEU A 49 9.70 -8.77 2.50
N ASP A 50 10.95 -8.78 2.07
CA ASP A 50 12.00 -9.45 2.82
C ASP A 50 12.09 -8.83 4.22
N TYR A 51 11.95 -7.51 4.25
CA TYR A 51 12.01 -6.78 5.52
C TYR A 51 10.60 -6.47 6.03
N CYS A 52 9.65 -6.47 5.11
CA CYS A 52 8.27 -6.18 5.46
C CYS A 52 7.40 -7.35 5.00
N LEU A 53 7.65 -8.51 5.62
CA LEU A 53 6.90 -9.71 5.28
C LEU A 53 5.84 -9.97 6.36
N GLU A 54 5.39 -8.88 6.97
CA GLU A 54 4.38 -8.97 8.01
C GLU A 54 3.93 -7.57 8.44
N ILE A 55 3.83 -6.69 7.46
CA ILE A 55 3.42 -5.32 7.73
C ILE A 55 2.02 -5.09 7.14
N LEU A 56 1.73 -5.84 6.09
CA LEU A 56 0.44 -5.73 5.44
C LEU A 56 -0.68 -5.80 6.49
N PRO A 57 -1.85 -5.23 6.12
CA PRO A 57 -2.99 -5.23 7.03
C PRO A 57 -3.65 -6.61 7.07
N SER A 58 -4.01 -7.10 5.89
CA SER A 58 -4.65 -8.41 5.79
C SER A 58 -4.98 -8.71 4.32
N SER A 59 -5.40 -9.94 4.09
CA SER A 59 -5.75 -10.37 2.74
C SER A 59 -6.90 -11.38 2.80
N GLY A 60 -8.11 -10.85 2.65
CA GLY A 60 -9.30 -11.69 2.67
C GLY A 60 -10.23 -11.28 3.82
N SER A 61 -9.65 -11.25 5.01
CA SER A 61 -10.41 -10.88 6.20
C SER A 61 -11.31 -9.68 5.89
N MET A 62 -12.49 -9.71 6.49
CA MET A 62 -13.46 -8.63 6.29
C MET A 62 -14.48 -8.60 7.42
N MET A 63 -14.98 -7.40 7.69
CA MET A 63 -15.97 -7.21 8.73
C MET A 63 -17.36 -6.97 8.15
N GLY A 64 -17.37 -6.36 6.98
CA GLY A 64 -18.63 -6.07 6.30
C GLY A 64 -19.68 -5.59 7.29
N GLY A 65 -20.93 -5.63 6.85
CA GLY A 65 -22.04 -5.20 7.69
C GLY A 65 -22.61 -3.87 7.17
N LYS A 66 -23.92 -3.75 7.32
CA LYS A 66 -24.61 -2.54 6.88
C LYS A 66 -26.08 -2.61 7.31
N ASP A 67 -26.61 -1.45 7.67
CA ASP A 67 -27.99 -1.35 8.10
C ASP A 67 -28.34 0.11 8.39
N PHE A 68 -29.62 0.41 8.29
CA PHE A 68 -30.10 1.76 8.55
C PHE A 68 -31.56 1.76 8.96
N VAL A 69 -31.90 2.71 9.84
CA VAL A 69 -33.26 2.82 10.33
C VAL A 69 -33.41 4.13 11.11
N VAL A 70 -34.54 4.79 10.88
CA VAL A 70 -34.81 6.04 11.55
C VAL A 70 -36.27 6.07 12.03
N GLN A 71 -36.62 7.15 12.69
CA GLN A 71 -37.97 7.30 13.20
C GLN A 71 -38.14 8.66 13.89
N HIS A 72 -39.36 9.15 13.88
CA HIS A 72 -39.67 10.43 14.50
C HIS A 72 -38.80 11.53 13.85
N LEU A 73 -39.17 12.77 14.14
CA LEU A 73 -38.44 13.91 13.60
C LEU A 73 -38.86 15.17 14.35
N LYS A 74 -40.13 15.53 14.18
CA LYS A 74 -40.66 16.72 14.84
C LYS A 74 -41.57 16.28 15.99
N TRP A 75 -42.62 15.57 15.64
CA TRP A 75 -43.57 15.10 16.64
C TRP A 75 -44.53 14.12 15.96
N THR A 76 -45.38 13.52 16.76
CA THR A 76 -46.36 12.56 16.25
C THR A 76 -47.64 13.28 15.83
N ASP A 77 -47.49 14.13 14.82
CA ASP A 77 -48.63 14.88 14.31
C ASP A 77 -49.16 15.80 15.41
N PRO A 78 -49.64 17.00 14.98
CA PRO A 78 -50.18 17.97 15.92
C PRO A 78 -51.57 17.55 16.41
N SER A 79 -52.15 18.41 17.23
CA SER A 79 -53.47 18.14 17.77
C SER A 79 -54.37 17.54 16.69
N GLY A 80 -54.48 18.26 15.59
CA GLY A 80 -55.31 17.81 14.48
C GLY A 80 -56.77 18.23 14.67
N PRO A 81 -57.07 19.49 14.24
CA PRO A 81 -58.42 20.02 14.36
C PRO A 81 -59.35 19.39 13.31
N SER A 82 -60.60 19.83 13.34
CA SER A 82 -61.59 19.32 12.41
C SER A 82 -61.64 17.79 12.48
N SER A 83 -62.64 17.24 11.81
CA SER A 83 -62.82 15.80 11.80
C SER A 83 -63.96 15.42 10.85
N GLY A 84 -63.97 14.15 10.47
CA GLY A 84 -65.00 13.65 9.58
C GLY A 84 -65.34 14.69 8.50
N GLY A 1 -16.91 21.10 29.94
CA GLY A 1 -15.59 21.46 29.44
C GLY A 1 -14.97 20.30 28.68
N SER A 2 -14.00 20.64 27.83
CA SER A 2 -13.31 19.63 27.03
C SER A 2 -12.18 20.28 26.23
N SER A 3 -11.21 19.47 25.87
CA SER A 3 -10.07 19.94 25.10
C SER A 3 -9.33 18.76 24.49
N GLY A 4 -8.49 19.08 23.50
CA GLY A 4 -7.72 18.07 22.81
C GLY A 4 -6.25 18.48 22.70
N SER A 5 -5.63 18.02 21.62
CA SER A 5 -4.23 18.34 21.38
C SER A 5 -3.77 17.70 20.08
N SER A 6 -2.63 18.18 19.59
CA SER A 6 -2.06 17.67 18.35
C SER A 6 -0.57 17.98 18.29
N GLY A 7 0.19 16.97 17.88
CA GLY A 7 1.64 17.12 17.77
C GLY A 7 2.15 16.54 16.45
N ILE A 8 2.78 15.39 16.56
CA ILE A 8 3.33 14.71 15.39
C ILE A 8 4.43 15.58 14.77
N PRO A 9 5.66 15.44 15.34
CA PRO A 9 6.79 16.21 14.87
C PRO A 9 7.31 15.64 13.54
N GLY A 10 7.71 16.56 12.67
CA GLY A 10 8.22 16.17 11.36
C GLY A 10 9.72 16.48 11.24
N PRO A 11 10.54 15.42 11.51
CA PRO A 11 11.98 15.56 11.43
C PRO A 11 12.46 15.62 9.98
N GLY A 12 12.01 14.65 9.20
CA GLY A 12 12.38 14.58 7.80
C GLY A 12 13.83 14.12 7.63
N PHE A 13 14.03 13.21 6.69
CA PHE A 13 15.35 12.69 6.42
C PHE A 13 15.82 13.08 5.02
N THR A 14 17.14 13.20 4.89
CA THR A 14 17.73 13.56 3.62
C THR A 14 19.01 12.75 3.37
N ALA A 15 19.32 12.56 2.09
CA ALA A 15 20.49 11.82 1.71
C ALA A 15 20.57 10.53 2.53
N GLY A 16 19.70 9.59 2.19
CA GLY A 16 19.65 8.32 2.90
C GLY A 16 19.30 7.18 1.94
N ALA A 17 18.73 6.12 2.51
CA ALA A 17 18.35 4.96 1.73
C ALA A 17 17.62 5.44 0.46
N GLN A 18 18.00 4.82 -0.65
CA GLN A 18 17.40 5.17 -1.94
C GLN A 18 16.16 4.31 -2.19
N GLY A 19 16.40 3.03 -2.43
CA GLY A 19 15.32 2.10 -2.68
C GLY A 19 15.44 0.86 -1.80
N SER A 20 15.53 1.10 -0.50
CA SER A 20 15.65 0.01 0.46
C SER A 20 14.60 0.16 1.56
N CYS A 21 14.19 -0.97 2.10
CA CYS A 21 13.19 -0.98 3.15
C CYS A 21 13.76 -1.77 4.35
N SER A 22 14.98 -1.42 4.71
CA SER A 22 15.64 -2.09 5.83
C SER A 22 14.70 -2.15 7.03
N LEU A 23 14.51 -0.99 7.65
CA LEU A 23 13.64 -0.90 8.81
C LEU A 23 12.43 -0.04 8.47
N ARG A 24 12.46 0.52 7.27
CA ARG A 24 11.36 1.36 6.80
C ARG A 24 10.02 0.70 7.09
N CYS A 25 9.53 -0.03 6.10
CA CYS A 25 8.25 -0.71 6.23
C CYS A 25 7.18 0.33 6.51
N GLY A 26 7.29 1.46 5.82
CA GLY A 26 6.33 2.54 6.00
C GLY A 26 6.86 3.84 5.36
N ALA A 27 7.17 3.75 4.08
CA ALA A 27 7.68 4.90 3.36
C ALA A 27 7.41 4.71 1.86
N GLN A 28 7.42 5.83 1.15
CA GLN A 28 7.18 5.81 -0.28
C GLN A 28 8.32 6.51 -1.03
N ASP A 29 8.87 5.80 -1.99
CA ASP A 29 9.97 6.34 -2.79
C ASP A 29 9.64 6.19 -4.27
N GLY A 30 10.54 6.70 -5.10
CA GLY A 30 10.36 6.63 -6.54
C GLY A 30 10.79 5.28 -7.08
N LEU A 31 12.05 4.96 -6.84
CA LEU A 31 12.60 3.69 -7.30
C LEU A 31 11.77 2.54 -6.73
N CYS A 32 11.47 2.64 -5.44
CA CYS A 32 10.69 1.63 -4.76
C CYS A 32 9.83 2.31 -3.70
N SER A 33 9.24 1.48 -2.85
CA SER A 33 8.39 1.99 -1.79
C SER A 33 8.25 0.94 -0.68
N CYS A 34 8.18 1.43 0.55
CA CYS A 34 8.06 0.55 1.70
C CYS A 34 6.62 0.66 2.22
N HIS A 35 5.76 1.25 1.41
CA HIS A 35 4.37 1.42 1.78
C HIS A 35 3.57 0.18 1.36
N PRO A 36 2.44 -0.03 2.08
CA PRO A 36 1.58 -1.17 1.80
C PRO A 36 0.77 -0.94 0.53
N THR A 37 0.69 0.32 0.14
CA THR A 37 -0.06 0.69 -1.06
C THR A 37 0.80 0.47 -2.31
N CYS A 38 2.08 0.24 -2.07
CA CYS A 38 3.02 0.02 -3.16
C CYS A 38 2.52 -1.18 -3.97
N SER A 39 1.66 -1.98 -3.35
CA SER A 39 1.10 -3.15 -3.99
C SER A 39 0.13 -2.73 -5.10
N GLY A 40 -0.69 -1.73 -4.77
CA GLY A 40 -1.67 -1.23 -5.72
C GLY A 40 -1.00 -0.38 -6.80
N LEU A 41 0.06 0.31 -6.40
CA LEU A 41 0.78 1.16 -7.31
C LEU A 41 1.76 0.31 -8.13
N GLY A 42 2.58 -0.44 -7.42
CA GLY A 42 3.56 -1.31 -8.06
C GLY A 42 4.97 -0.72 -7.96
N THR A 43 5.24 -0.13 -6.80
CA THR A 43 6.54 0.48 -6.56
C THR A 43 7.23 -0.21 -5.38
N CYS A 44 6.75 -1.40 -5.06
CA CYS A 44 7.31 -2.18 -3.97
C CYS A 44 8.77 -2.47 -4.30
N CYS A 45 9.57 -2.58 -3.24
CA CYS A 45 10.99 -2.86 -3.40
C CYS A 45 11.17 -4.38 -3.47
N GLU A 46 12.37 -4.78 -3.84
CA GLU A 46 12.69 -6.20 -3.95
C GLU A 46 12.96 -6.79 -2.56
N ASP A 47 13.32 -5.91 -1.64
CA ASP A 47 13.61 -6.33 -0.27
C ASP A 47 12.54 -5.76 0.67
N PHE A 48 11.45 -5.30 0.06
CA PHE A 48 10.36 -4.73 0.83
C PHE A 48 9.64 -5.80 1.66
N LEU A 49 9.33 -6.89 0.98
CA LEU A 49 8.65 -8.00 1.64
C LEU A 49 9.64 -8.74 2.55
N ASP A 50 10.88 -8.78 2.10
CA ASP A 50 11.93 -9.45 2.87
C ASP A 50 12.04 -8.79 4.25
N TYR A 51 11.92 -7.47 4.24
CA TYR A 51 12.01 -6.71 5.48
C TYR A 51 10.62 -6.42 6.05
N CYS A 52 9.64 -6.48 5.17
CA CYS A 52 8.26 -6.24 5.57
C CYS A 52 7.40 -7.40 5.09
N LEU A 53 7.68 -8.57 5.63
CA LEU A 53 6.95 -9.77 5.27
C LEU A 53 5.88 -10.05 6.33
N GLU A 54 5.43 -8.99 6.97
CA GLU A 54 4.42 -9.11 8.01
C GLU A 54 4.03 -7.73 8.54
N ILE A 55 3.92 -6.79 7.62
CA ILE A 55 3.56 -5.42 7.98
C ILE A 55 2.15 -5.12 7.49
N LEU A 56 1.76 -5.83 6.44
CA LEU A 56 0.44 -5.66 5.86
C LEU A 56 -0.62 -5.81 6.96
N PRO A 57 -1.79 -5.16 6.71
CA PRO A 57 -2.89 -5.22 7.67
C PRO A 57 -3.58 -6.60 7.62
N SER A 58 -3.09 -7.50 8.45
CA SER A 58 -3.66 -8.83 8.52
C SER A 58 -3.96 -9.20 9.97
N SER A 59 -5.23 -9.07 10.32
CA SER A 59 -5.67 -9.38 11.67
C SER A 59 -6.87 -10.34 11.62
N GLY A 60 -7.92 -9.87 10.97
CA GLY A 60 -9.13 -10.68 10.85
C GLY A 60 -9.84 -10.40 9.52
N SER A 61 -11.13 -10.70 9.49
CA SER A 61 -11.92 -10.50 8.30
C SER A 61 -13.25 -9.85 8.66
N MET A 62 -13.33 -8.55 8.40
CA MET A 62 -14.54 -7.79 8.70
C MET A 62 -15.00 -8.05 10.13
N MET A 63 -14.47 -7.23 11.05
CA MET A 63 -14.83 -7.36 12.46
C MET A 63 -15.83 -6.28 12.86
N GLY A 64 -17.10 -6.59 12.63
CA GLY A 64 -18.17 -5.65 12.97
C GLY A 64 -19.41 -5.89 12.11
N GLY A 65 -19.38 -5.34 10.91
CA GLY A 65 -20.48 -5.48 9.98
C GLY A 65 -21.74 -4.77 10.51
N LYS A 66 -21.92 -3.55 10.03
CA LYS A 66 -23.07 -2.76 10.44
C LYS A 66 -23.02 -2.53 11.96
N ASP A 67 -23.95 -1.73 12.44
CA ASP A 67 -24.02 -1.43 13.86
C ASP A 67 -25.46 -1.03 14.22
N PHE A 68 -25.81 -1.30 15.48
CA PHE A 68 -27.14 -0.98 15.95
C PHE A 68 -27.19 -1.01 17.49
N VAL A 69 -28.14 -0.27 18.03
CA VAL A 69 -28.30 -0.20 19.48
C VAL A 69 -29.78 0.02 19.81
N VAL A 70 -30.13 -0.33 21.04
CA VAL A 70 -31.50 -0.19 21.49
C VAL A 70 -31.51 0.55 22.84
N GLN A 71 -32.72 0.83 23.31
CA GLN A 71 -32.88 1.51 24.58
C GLN A 71 -33.45 0.56 25.63
N HIS A 72 -32.95 0.73 26.85
CA HIS A 72 -33.40 -0.12 27.96
C HIS A 72 -32.63 0.27 29.22
N LEU A 73 -33.32 0.13 30.36
CA LEU A 73 -32.72 0.46 31.64
C LEU A 73 -33.67 0.02 32.76
N LYS A 74 -33.08 -0.23 33.92
CA LYS A 74 -33.85 -0.66 35.08
C LYS A 74 -32.95 -0.67 36.31
N TRP A 75 -33.57 -0.42 37.45
CA TRP A 75 -32.84 -0.38 38.71
C TRP A 75 -33.84 -0.10 39.83
N THR A 76 -33.66 -0.80 40.95
CA THR A 76 -34.53 -0.61 42.10
C THR A 76 -33.71 -0.52 43.38
N ASP A 77 -34.36 -0.02 44.42
CA ASP A 77 -33.71 0.13 45.72
C ASP A 77 -34.77 0.17 46.81
N PRO A 78 -34.87 -0.95 47.57
CA PRO A 78 -35.82 -1.05 48.65
C PRO A 78 -35.37 -0.23 49.86
N SER A 79 -36.21 -0.24 50.89
CA SER A 79 -35.90 0.49 52.11
C SER A 79 -35.93 -0.46 53.31
N GLY A 80 -35.45 0.05 54.44
CA GLY A 80 -35.41 -0.75 55.65
C GLY A 80 -35.19 0.15 56.88
N PRO A 81 -36.32 0.53 57.52
CA PRO A 81 -36.26 1.38 58.69
C PRO A 81 -35.81 0.59 59.92
N SER A 82 -35.70 1.29 61.04
CA SER A 82 -35.27 0.68 62.28
C SER A 82 -35.94 1.36 63.47
N SER A 83 -35.76 0.76 64.64
CA SER A 83 -36.34 1.31 65.85
C SER A 83 -35.35 1.17 67.02
N GLY A 84 -35.70 1.80 68.13
CA GLY A 84 -34.85 1.75 69.31
C GLY A 84 -34.66 3.15 69.90
N GLY A 1 45.91 -19.23 16.74
CA GLY A 1 44.70 -18.93 17.47
C GLY A 1 43.75 -18.06 16.65
N SER A 2 42.65 -17.68 17.28
CA SER A 2 41.66 -16.85 16.62
C SER A 2 41.35 -15.62 17.47
N SER A 3 40.68 -14.67 16.85
CA SER A 3 40.32 -13.43 17.53
C SER A 3 39.29 -12.66 16.71
N GLY A 4 38.69 -11.66 17.35
CA GLY A 4 37.69 -10.84 16.68
C GLY A 4 38.27 -10.18 15.44
N SER A 5 37.46 -10.11 14.39
CA SER A 5 37.87 -9.51 13.14
C SER A 5 38.08 -8.00 13.34
N SER A 6 39.31 -7.65 13.68
CA SER A 6 39.65 -6.25 13.90
C SER A 6 39.43 -5.46 12.61
N GLY A 7 39.50 -4.13 12.74
CA GLY A 7 39.32 -3.26 11.61
C GLY A 7 38.26 -2.20 11.89
N ILE A 8 38.71 -1.11 12.49
CA ILE A 8 37.80 -0.01 12.83
C ILE A 8 38.37 1.30 12.27
N PRO A 9 38.11 1.52 10.96
CA PRO A 9 38.59 2.72 10.29
C PRO A 9 37.75 3.93 10.70
N GLY A 10 38.23 5.11 10.31
CA GLY A 10 37.55 6.35 10.62
C GLY A 10 36.06 6.25 10.27
N PRO A 11 35.76 6.47 8.98
CA PRO A 11 34.38 6.41 8.50
C PRO A 11 33.90 4.96 8.40
N GLY A 12 32.59 4.81 8.30
CA GLY A 12 32.00 3.49 8.19
C GLY A 12 32.03 2.99 6.75
N PHE A 13 32.07 1.67 6.62
CA PHE A 13 32.11 1.06 5.30
C PHE A 13 30.73 0.52 4.90
N THR A 14 30.23 1.05 3.80
CA THR A 14 28.92 0.64 3.30
C THR A 14 28.98 0.43 1.78
N ALA A 15 28.10 -0.43 1.31
CA ALA A 15 28.03 -0.73 -0.12
C ALA A 15 26.56 -0.90 -0.52
N GLY A 16 26.32 -0.69 -1.81
CA GLY A 16 24.97 -0.81 -2.34
C GLY A 16 23.94 -0.23 -1.37
N ALA A 17 23.63 1.04 -1.58
CA ALA A 17 22.67 1.73 -0.73
C ALA A 17 21.59 2.36 -1.60
N GLN A 18 20.59 1.56 -1.92
CA GLN A 18 19.49 2.04 -2.75
C GLN A 18 18.15 1.79 -2.06
N GLY A 19 17.08 2.07 -2.77
CA GLY A 19 15.74 1.90 -2.23
C GLY A 19 15.67 0.62 -1.38
N SER A 20 15.76 0.83 -0.07
CA SER A 20 15.70 -0.27 0.86
C SER A 20 14.54 -0.08 1.84
N CYS A 21 14.01 -1.20 2.32
CA CYS A 21 12.90 -1.15 3.26
C CYS A 21 13.28 -2.01 4.48
N SER A 22 14.48 -1.74 4.99
CA SER A 22 14.97 -2.46 6.15
C SER A 22 14.42 -1.82 7.44
N LEU A 23 14.61 -0.51 7.53
CA LEU A 23 14.15 0.23 8.69
C LEU A 23 13.01 1.16 8.27
N ARG A 24 12.27 0.73 7.27
CA ARG A 24 11.16 1.51 6.78
C ARG A 24 9.85 0.74 6.94
N CYS A 25 9.49 0.03 5.88
CA CYS A 25 8.27 -0.76 5.89
C CYS A 25 7.09 0.19 6.12
N GLY A 26 7.17 1.34 5.48
CA GLY A 26 6.11 2.34 5.61
C GLY A 26 6.58 3.70 5.09
N ALA A 27 6.99 3.70 3.83
CA ALA A 27 7.47 4.93 3.20
C ALA A 27 7.31 4.81 1.69
N GLN A 28 7.46 5.95 1.02
CA GLN A 28 7.33 5.99 -0.42
C GLN A 28 8.57 6.64 -1.04
N ASP A 29 9.16 5.93 -1.99
CA ASP A 29 10.35 6.41 -2.67
C ASP A 29 10.15 6.33 -4.18
N GLY A 30 11.12 6.86 -4.91
CA GLY A 30 11.05 6.86 -6.35
C GLY A 30 11.49 5.50 -6.93
N LEU A 31 12.60 5.01 -6.41
CA LEU A 31 13.14 3.74 -6.85
C LEU A 31 12.16 2.61 -6.45
N CYS A 32 11.50 2.83 -5.32
CA CYS A 32 10.55 1.86 -4.81
C CYS A 32 9.73 2.52 -3.71
N SER A 33 8.97 1.70 -2.99
CA SER A 33 8.14 2.19 -1.91
C SER A 33 8.02 1.13 -0.82
N CYS A 34 8.11 1.58 0.42
CA CYS A 34 8.02 0.69 1.56
C CYS A 34 6.60 0.78 2.13
N HIS A 35 5.77 1.56 1.44
CA HIS A 35 4.40 1.74 1.87
C HIS A 35 3.58 0.49 1.54
N PRO A 36 2.55 0.23 2.39
CA PRO A 36 1.69 -0.93 2.20
C PRO A 36 0.72 -0.70 1.03
N THR A 37 0.82 0.48 0.45
CA THR A 37 -0.05 0.82 -0.67
C THR A 37 0.71 0.65 -1.99
N CYS A 38 1.98 0.31 -1.87
CA CYS A 38 2.81 0.11 -3.04
C CYS A 38 2.35 -1.15 -3.77
N SER A 39 1.65 -1.99 -3.02
CA SER A 39 1.13 -3.23 -3.58
C SER A 39 0.12 -2.93 -4.69
N GLY A 40 -0.72 -1.94 -4.42
CA GLY A 40 -1.74 -1.54 -5.39
C GLY A 40 -1.11 -0.77 -6.55
N LEU A 41 0.01 -0.13 -6.26
CA LEU A 41 0.71 0.65 -7.28
C LEU A 41 1.61 -0.29 -8.08
N GLY A 42 2.64 -0.80 -7.41
CA GLY A 42 3.57 -1.70 -8.06
C GLY A 42 4.99 -1.11 -8.06
N THR A 43 5.33 -0.47 -6.96
CA THR A 43 6.64 0.15 -6.82
C THR A 43 7.40 -0.49 -5.66
N CYS A 44 6.73 -1.39 -4.96
CA CYS A 44 7.33 -2.06 -3.83
C CYS A 44 8.77 -2.45 -4.21
N CYS A 45 9.65 -2.36 -3.22
CA CYS A 45 11.04 -2.69 -3.43
C CYS A 45 11.17 -4.20 -3.57
N GLU A 46 12.28 -4.63 -4.15
CA GLU A 46 12.52 -6.05 -4.35
C GLU A 46 12.78 -6.73 -3.01
N ASP A 47 13.21 -5.93 -2.05
CA ASP A 47 13.50 -6.45 -0.71
C ASP A 47 12.48 -5.88 0.28
N PHE A 48 11.37 -5.42 -0.26
CA PHE A 48 10.32 -4.84 0.55
C PHE A 48 9.67 -5.92 1.44
N LEU A 49 9.33 -7.02 0.81
CA LEU A 49 8.70 -8.13 1.53
C LEU A 49 9.76 -8.83 2.39
N ASP A 50 10.99 -8.80 1.90
CA ASP A 50 12.08 -9.43 2.62
C ASP A 50 12.20 -8.80 4.01
N TYR A 51 11.89 -7.52 4.08
CA TYR A 51 11.95 -6.79 5.35
C TYR A 51 10.55 -6.48 5.86
N CYS A 52 9.58 -6.57 4.97
CA CYS A 52 8.20 -6.31 5.33
C CYS A 52 7.35 -7.50 4.89
N LEU A 53 7.59 -8.63 5.54
CA LEU A 53 6.86 -9.84 5.22
C LEU A 53 5.86 -10.14 6.35
N GLU A 54 5.40 -9.07 6.98
CA GLU A 54 4.44 -9.20 8.07
C GLU A 54 4.04 -7.81 8.59
N ILE A 55 3.89 -6.89 7.65
CA ILE A 55 3.51 -5.53 8.00
C ILE A 55 2.07 -5.27 7.53
N LEU A 56 1.67 -6.03 6.51
CA LEU A 56 0.34 -5.89 5.95
C LEU A 56 -0.68 -5.87 7.09
N PRO A 57 -1.87 -5.26 6.80
CA PRO A 57 -2.93 -5.17 7.78
C PRO A 57 -3.62 -6.51 7.96
N SER A 58 -4.54 -6.55 8.92
CA SER A 58 -5.29 -7.77 9.19
C SER A 58 -6.79 -7.49 9.09
N SER A 59 -7.24 -6.54 9.88
CA SER A 59 -8.65 -6.18 9.88
C SER A 59 -9.49 -7.32 10.47
N GLY A 60 -9.50 -8.43 9.75
CA GLY A 60 -10.25 -9.60 10.18
C GLY A 60 -11.70 -9.54 9.69
N SER A 61 -12.49 -8.74 10.40
CA SER A 61 -13.89 -8.58 10.04
C SER A 61 -14.51 -9.95 9.71
N MET A 62 -15.07 -10.56 10.74
CA MET A 62 -15.69 -11.87 10.59
C MET A 62 -17.06 -11.74 9.91
N MET A 63 -17.08 -12.03 8.62
CA MET A 63 -18.31 -11.96 7.85
C MET A 63 -18.95 -10.58 7.98
N GLY A 64 -18.68 -9.74 6.99
CA GLY A 64 -19.22 -8.39 6.97
C GLY A 64 -20.63 -8.37 6.38
N GLY A 65 -20.71 -7.96 5.12
CA GLY A 65 -21.98 -7.90 4.43
C GLY A 65 -21.79 -7.54 2.96
N LYS A 66 -22.80 -7.85 2.17
CA LYS A 66 -22.77 -7.57 0.74
C LYS A 66 -24.14 -7.81 0.13
N ASP A 67 -24.45 -7.02 -0.88
CA ASP A 67 -25.74 -7.15 -1.56
C ASP A 67 -25.56 -8.01 -2.81
N PHE A 68 -24.78 -7.51 -3.74
CA PHE A 68 -24.52 -8.23 -4.98
C PHE A 68 -25.75 -8.20 -5.88
N VAL A 69 -26.84 -8.78 -5.36
CA VAL A 69 -28.08 -8.83 -6.10
C VAL A 69 -28.37 -7.47 -6.73
N VAL A 70 -29.01 -7.51 -7.88
CA VAL A 70 -29.35 -6.29 -8.59
C VAL A 70 -30.48 -6.56 -9.58
N GLN A 71 -31.46 -5.67 -9.58
CA GLN A 71 -32.61 -5.81 -10.47
C GLN A 71 -33.16 -4.44 -10.84
N HIS A 72 -33.56 -3.70 -9.81
CA HIS A 72 -34.11 -2.38 -10.02
C HIS A 72 -33.29 -1.62 -11.07
N LEU A 73 -33.93 -1.36 -12.20
CA LEU A 73 -33.26 -0.65 -13.28
C LEU A 73 -34.31 -0.16 -14.29
N LYS A 74 -33.89 0.77 -15.13
CA LYS A 74 -34.78 1.32 -16.13
C LYS A 74 -35.90 2.09 -15.44
N TRP A 75 -36.22 3.25 -16.00
CA TRP A 75 -37.28 4.09 -15.45
C TRP A 75 -37.55 5.22 -16.44
N THR A 76 -38.70 5.85 -16.27
CA THR A 76 -39.09 6.94 -17.15
C THR A 76 -39.19 6.46 -18.60
N ASP A 77 -39.97 7.19 -19.37
CA ASP A 77 -40.15 6.86 -20.77
C ASP A 77 -41.05 7.90 -21.43
N PRO A 78 -40.97 7.95 -22.79
CA PRO A 78 -41.76 8.90 -23.56
C PRO A 78 -43.23 8.46 -23.62
N SER A 79 -44.04 9.32 -24.21
CA SER A 79 -45.46 9.04 -24.34
C SER A 79 -46.05 9.88 -25.48
N GLY A 80 -46.01 11.19 -25.29
CA GLY A 80 -46.53 12.11 -26.29
C GLY A 80 -47.73 12.89 -25.73
N PRO A 81 -47.42 14.11 -25.21
CA PRO A 81 -48.44 14.96 -24.64
C PRO A 81 -49.29 15.61 -25.74
N SER A 82 -50.31 16.35 -25.32
CA SER A 82 -51.20 17.01 -26.26
C SER A 82 -51.79 18.26 -25.60
N SER A 83 -52.63 18.95 -26.37
CA SER A 83 -53.27 20.16 -25.88
C SER A 83 -54.63 20.33 -26.55
N GLY A 84 -55.40 21.29 -26.05
CA GLY A 84 -56.71 21.57 -26.59
C GLY A 84 -57.53 20.28 -26.73
N GLY A 1 41.65 26.15 0.03
CA GLY A 1 40.30 25.83 -0.40
C GLY A 1 39.52 25.10 0.69
N SER A 2 38.26 24.81 0.39
CA SER A 2 37.42 24.10 1.33
C SER A 2 36.10 23.71 0.66
N SER A 3 35.37 22.84 1.33
CA SER A 3 34.10 22.37 0.81
C SER A 3 33.20 21.89 1.96
N GLY A 4 31.89 21.98 1.72
CA GLY A 4 30.93 21.56 2.73
C GLY A 4 29.61 22.31 2.56
N SER A 5 29.59 23.53 3.07
CA SER A 5 28.40 24.36 2.99
C SER A 5 27.19 23.60 3.55
N SER A 6 26.82 23.98 4.76
CA SER A 6 25.69 23.34 5.43
C SER A 6 24.65 24.40 5.83
N GLY A 7 23.54 24.39 5.11
CA GLY A 7 22.47 25.34 5.38
C GLY A 7 21.60 24.87 6.55
N ILE A 8 20.30 24.80 6.29
CA ILE A 8 19.36 24.37 7.30
C ILE A 8 18.47 23.26 6.74
N PRO A 9 17.93 22.43 7.67
CA PRO A 9 17.07 21.32 7.27
C PRO A 9 15.68 21.84 6.84
N GLY A 10 15.63 22.36 5.63
CA GLY A 10 14.38 22.87 5.09
C GLY A 10 14.06 22.25 3.74
N PRO A 11 14.65 22.85 2.67
CA PRO A 11 14.43 22.35 1.32
C PRO A 11 15.22 21.08 1.07
N GLY A 12 14.67 20.23 0.22
CA GLY A 12 15.31 18.97 -0.11
C GLY A 12 15.07 18.60 -1.58
N PHE A 13 16.17 18.44 -2.30
CA PHE A 13 16.08 18.08 -3.71
C PHE A 13 17.26 17.19 -4.12
N THR A 14 17.05 16.45 -5.20
CA THR A 14 18.09 15.56 -5.71
C THR A 14 18.45 14.51 -4.65
N ALA A 15 18.71 13.31 -5.13
CA ALA A 15 19.07 12.21 -4.25
C ALA A 15 19.97 11.22 -5.00
N GLY A 16 20.49 10.27 -4.26
CA GLY A 16 21.37 9.25 -4.84
C GLY A 16 20.55 8.15 -5.52
N ALA A 17 20.97 6.93 -5.28
CA ALA A 17 20.29 5.78 -5.86
C ALA A 17 20.20 4.67 -4.81
N GLN A 18 18.97 4.26 -4.53
CA GLN A 18 18.73 3.21 -3.55
C GLN A 18 17.23 2.94 -3.43
N GLY A 19 16.92 1.88 -2.69
CA GLY A 19 15.53 1.50 -2.49
C GLY A 19 15.43 0.30 -1.54
N SER A 20 15.78 0.54 -0.28
CA SER A 20 15.73 -0.51 0.72
C SER A 20 14.62 -0.22 1.73
N CYS A 21 14.09 -1.28 2.30
CA CYS A 21 13.02 -1.15 3.28
C CYS A 21 13.43 -1.92 4.54
N SER A 22 14.67 -1.71 4.94
CA SER A 22 15.20 -2.37 6.13
C SER A 22 14.76 -1.63 7.39
N LEU A 23 15.02 -0.33 7.38
CA LEU A 23 14.64 0.51 8.50
C LEU A 23 13.48 1.41 8.11
N ARG A 24 12.63 0.89 7.24
CA ARG A 24 11.47 1.63 6.77
C ARG A 24 10.19 0.84 7.04
N CYS A 25 9.78 0.09 6.02
CA CYS A 25 8.57 -0.72 6.12
C CYS A 25 7.40 0.21 6.42
N GLY A 26 7.41 1.36 5.76
CA GLY A 26 6.35 2.33 5.94
C GLY A 26 6.76 3.70 5.37
N ALA A 27 7.11 3.69 4.10
CA ALA A 27 7.52 4.91 3.43
C ALA A 27 7.26 4.77 1.93
N GLN A 28 7.35 5.90 1.23
CA GLN A 28 7.13 5.91 -0.21
C GLN A 28 8.32 6.56 -0.92
N ASP A 29 8.85 5.83 -1.89
CA ASP A 29 9.98 6.32 -2.66
C ASP A 29 9.67 6.21 -4.15
N GLY A 30 10.60 6.68 -4.96
CA GLY A 30 10.45 6.65 -6.40
C GLY A 30 10.86 5.28 -6.96
N LEU A 31 12.09 4.90 -6.65
CA LEU A 31 12.62 3.63 -7.12
C LEU A 31 11.72 2.49 -6.62
N CYS A 32 11.31 2.62 -5.36
CA CYS A 32 10.46 1.61 -4.75
C CYS A 32 9.57 2.31 -3.70
N SER A 33 9.03 1.49 -2.81
CA SER A 33 8.17 2.01 -1.76
C SER A 33 8.07 0.99 -0.62
N CYS A 34 8.13 1.51 0.60
CA CYS A 34 8.04 0.65 1.77
C CYS A 34 6.64 0.80 2.37
N HIS A 35 5.70 1.17 1.51
CA HIS A 35 4.32 1.35 1.93
C HIS A 35 3.50 0.12 1.52
N PRO A 36 2.42 -0.14 2.31
CA PRO A 36 1.55 -1.26 2.03
C PRO A 36 0.65 -0.99 0.83
N THR A 37 0.81 0.21 0.27
CA THR A 37 0.02 0.61 -0.89
C THR A 37 0.86 0.50 -2.16
N CYS A 38 2.06 -0.04 -2.00
CA CYS A 38 2.96 -0.22 -3.13
C CYS A 38 2.37 -1.27 -4.07
N SER A 39 1.48 -2.07 -3.51
CA SER A 39 0.84 -3.12 -4.28
C SER A 39 -0.13 -2.50 -5.30
N GLY A 40 -0.89 -1.52 -4.83
CA GLY A 40 -1.85 -0.85 -5.68
C GLY A 40 -1.15 0.03 -6.72
N LEU A 41 0.01 0.55 -6.32
CA LEU A 41 0.78 1.39 -7.20
C LEU A 41 1.67 0.52 -8.10
N GLY A 42 2.58 -0.20 -7.46
CA GLY A 42 3.48 -1.07 -8.19
C GLY A 42 4.93 -0.59 -8.06
N THR A 43 5.25 -0.10 -6.87
CA THR A 43 6.59 0.40 -6.62
C THR A 43 7.21 -0.34 -5.41
N CYS A 44 6.74 -1.56 -5.21
CA CYS A 44 7.24 -2.37 -4.10
C CYS A 44 8.70 -2.68 -4.36
N CYS A 45 9.46 -2.76 -3.27
CA CYS A 45 10.87 -3.05 -3.37
C CYS A 45 11.06 -4.57 -3.33
N GLU A 46 12.12 -5.03 -3.97
CA GLU A 46 12.42 -6.45 -4.02
C GLU A 46 12.79 -6.96 -2.63
N ASP A 47 13.15 -6.02 -1.76
CA ASP A 47 13.52 -6.37 -0.40
C ASP A 47 12.48 -5.81 0.57
N PHE A 48 11.32 -5.49 0.02
CA PHE A 48 10.24 -4.95 0.82
C PHE A 48 9.67 -6.02 1.76
N LEU A 49 9.40 -7.18 1.19
CA LEU A 49 8.86 -8.28 1.97
C LEU A 49 9.95 -8.88 2.85
N ASP A 50 11.18 -8.79 2.34
CA ASP A 50 12.32 -9.31 3.06
C ASP A 50 12.42 -8.64 4.42
N TYR A 51 12.08 -7.36 4.44
CA TYR A 51 12.12 -6.58 5.68
C TYR A 51 10.70 -6.32 6.19
N CYS A 52 9.73 -6.50 5.31
CA CYS A 52 8.35 -6.28 5.67
C CYS A 52 7.53 -7.48 5.17
N LEU A 53 7.78 -8.62 5.79
CA LEU A 53 7.08 -9.84 5.41
C LEU A 53 5.93 -10.08 6.38
N GLU A 54 5.39 -8.99 6.89
CA GLU A 54 4.28 -9.06 7.84
C GLU A 54 3.82 -7.65 8.22
N ILE A 55 3.78 -6.78 7.22
CA ILE A 55 3.36 -5.40 7.44
C ILE A 55 2.03 -5.17 6.71
N LEU A 56 1.87 -5.88 5.60
CA LEU A 56 0.66 -5.74 4.81
C LEU A 56 -0.56 -5.93 5.71
N PRO A 57 -1.72 -5.43 5.22
CA PRO A 57 -2.96 -5.54 5.97
C PRO A 57 -3.52 -6.95 5.91
N SER A 58 -4.30 -7.30 6.93
CA SER A 58 -4.90 -8.62 7.00
C SER A 58 -5.96 -8.66 8.10
N SER A 59 -7.15 -8.20 7.75
CA SER A 59 -8.25 -8.18 8.70
C SER A 59 -9.51 -8.73 8.04
N GLY A 60 -10.43 -9.18 8.89
CA GLY A 60 -11.69 -9.73 8.41
C GLY A 60 -11.99 -11.08 9.08
N SER A 61 -12.96 -11.77 8.51
CA SER A 61 -13.35 -13.07 9.04
C SER A 61 -13.66 -14.04 7.89
N MET A 62 -12.86 -15.09 7.82
CA MET A 62 -13.03 -16.09 6.78
C MET A 62 -13.29 -17.46 7.39
N MET A 63 -14.42 -18.04 7.01
CA MET A 63 -14.79 -19.35 7.50
C MET A 63 -14.89 -20.37 6.36
N GLY A 64 -15.00 -21.64 6.74
CA GLY A 64 -15.09 -22.71 5.76
C GLY A 64 -15.99 -22.30 4.59
N GLY A 65 -17.29 -22.39 4.82
CA GLY A 65 -18.26 -22.03 3.80
C GLY A 65 -19.59 -22.74 4.04
N LYS A 66 -20.64 -21.94 4.16
CA LYS A 66 -21.97 -22.48 4.39
C LYS A 66 -22.91 -22.01 3.27
N ASP A 67 -22.88 -22.75 2.18
CA ASP A 67 -23.70 -22.42 1.03
C ASP A 67 -24.57 -23.63 0.68
N PHE A 68 -25.88 -23.43 0.77
CA PHE A 68 -26.82 -24.50 0.46
C PHE A 68 -26.95 -24.70 -1.05
N VAL A 69 -26.31 -25.75 -1.53
CA VAL A 69 -26.33 -26.06 -2.95
C VAL A 69 -27.53 -26.97 -3.24
N VAL A 70 -28.04 -26.86 -4.46
CA VAL A 70 -29.18 -27.66 -4.87
C VAL A 70 -28.79 -28.50 -6.09
N GLN A 71 -29.42 -29.66 -6.20
CA GLN A 71 -29.15 -30.56 -7.30
C GLN A 71 -30.46 -30.96 -7.99
N HIS A 72 -30.80 -30.22 -9.03
CA HIS A 72 -32.02 -30.49 -9.77
C HIS A 72 -31.93 -31.87 -10.43
N LEU A 73 -33.07 -32.34 -10.92
CA LEU A 73 -33.12 -33.64 -11.56
C LEU A 73 -33.84 -33.50 -12.91
N LYS A 74 -33.32 -34.21 -13.90
CA LYS A 74 -33.90 -34.17 -15.23
C LYS A 74 -34.29 -35.58 -15.65
N TRP A 75 -35.18 -35.65 -16.64
CA TRP A 75 -35.65 -36.93 -17.13
C TRP A 75 -35.54 -36.91 -18.65
N THR A 76 -35.56 -38.10 -19.23
CA THR A 76 -35.48 -38.24 -20.68
C THR A 76 -36.48 -39.28 -21.19
N ASP A 77 -36.53 -39.41 -22.50
CA ASP A 77 -37.44 -40.36 -23.12
C ASP A 77 -36.73 -41.04 -24.29
N PRO A 78 -37.08 -42.34 -24.49
CA PRO A 78 -36.48 -43.11 -25.57
C PRO A 78 -37.07 -42.71 -26.93
N SER A 79 -36.61 -43.39 -27.97
CA SER A 79 -37.08 -43.12 -29.31
C SER A 79 -37.00 -44.38 -30.16
N GLY A 80 -37.61 -44.31 -31.33
CA GLY A 80 -37.61 -45.44 -32.24
C GLY A 80 -37.16 -45.02 -33.65
N PRO A 81 -36.69 -46.03 -34.43
CA PRO A 81 -36.23 -45.77 -35.78
C PRO A 81 -37.40 -45.53 -36.73
N SER A 82 -37.08 -45.43 -38.01
CA SER A 82 -38.09 -45.20 -39.03
C SER A 82 -37.68 -45.86 -40.34
N SER A 83 -38.68 -46.07 -41.20
CA SER A 83 -38.42 -46.68 -42.49
C SER A 83 -37.95 -45.63 -43.49
N GLY A 84 -37.40 -46.11 -44.60
CA GLY A 84 -36.90 -45.23 -45.64
C GLY A 84 -35.47 -45.60 -46.04
N GLY A 1 -1.07 26.20 -8.97
CA GLY A 1 -1.19 25.70 -10.32
C GLY A 1 0.12 25.87 -11.09
N SER A 2 1.02 24.91 -10.87
CA SER A 2 2.31 24.92 -11.53
C SER A 2 2.46 23.70 -12.44
N SER A 3 3.26 23.85 -13.47
CA SER A 3 3.49 22.77 -14.42
C SER A 3 4.57 23.19 -15.43
N GLY A 4 5.60 22.37 -15.51
CA GLY A 4 6.69 22.64 -16.43
C GLY A 4 7.24 21.33 -17.01
N SER A 5 8.45 21.43 -17.56
CA SER A 5 9.09 20.28 -18.16
C SER A 5 10.39 19.96 -17.43
N SER A 6 10.78 18.70 -17.49
CA SER A 6 12.00 18.25 -16.85
C SER A 6 12.18 16.74 -17.03
N GLY A 7 13.44 16.33 -17.00
CA GLY A 7 13.76 14.92 -17.17
C GLY A 7 13.58 14.16 -15.86
N ILE A 8 12.81 13.08 -15.93
CA ILE A 8 12.56 12.26 -14.75
C ILE A 8 13.84 11.51 -14.37
N PRO A 9 14.43 10.82 -15.39
CA PRO A 9 15.65 10.07 -15.16
C PRO A 9 16.86 11.00 -15.07
N GLY A 10 17.76 10.63 -14.17
CA GLY A 10 18.97 11.43 -13.96
C GLY A 10 20.21 10.70 -14.48
N PRO A 11 21.27 11.50 -14.77
CA PRO A 11 22.51 10.93 -15.27
C PRO A 11 23.29 10.23 -14.16
N GLY A 12 22.63 9.27 -13.53
CA GLY A 12 23.24 8.51 -12.45
C GLY A 12 24.28 7.54 -12.98
N PHE A 13 25.31 7.31 -12.18
CA PHE A 13 26.37 6.39 -12.55
C PHE A 13 25.79 5.09 -13.11
N THR A 14 24.85 4.53 -12.38
CA THR A 14 24.21 3.29 -12.80
C THR A 14 22.84 3.15 -12.15
N ALA A 15 22.84 3.13 -10.83
CA ALA A 15 21.61 3.00 -10.08
C ALA A 15 21.83 3.51 -8.65
N GLY A 16 22.75 2.84 -7.96
CA GLY A 16 23.07 3.22 -6.59
C GLY A 16 22.12 2.53 -5.60
N ALA A 17 22.10 3.06 -4.39
CA ALA A 17 21.25 2.50 -3.35
C ALA A 17 20.40 3.61 -2.74
N GLN A 18 19.14 3.30 -2.53
CA GLN A 18 18.20 4.26 -1.96
C GLN A 18 16.87 3.58 -1.63
N GLY A 19 16.23 3.08 -2.67
CA GLY A 19 14.95 2.41 -2.51
C GLY A 19 15.11 1.12 -1.71
N SER A 20 15.27 1.29 -0.41
CA SER A 20 15.43 0.14 0.48
C SER A 20 14.44 0.23 1.64
N CYS A 21 14.06 -0.93 2.14
CA CYS A 21 13.11 -0.99 3.25
C CYS A 21 13.76 -1.80 4.38
N SER A 22 14.91 -1.31 4.82
CA SER A 22 15.63 -1.96 5.90
C SER A 22 14.82 -1.89 7.19
N LEU A 23 14.63 -0.67 7.67
CA LEU A 23 13.88 -0.45 8.90
C LEU A 23 12.63 0.37 8.59
N ARG A 24 12.54 0.78 7.33
CA ARG A 24 11.40 1.57 6.89
C ARG A 24 10.10 0.78 7.09
N CYS A 25 9.71 0.08 6.03
CA CYS A 25 8.49 -0.72 6.08
C CYS A 25 7.32 0.22 6.36
N GLY A 26 7.37 1.38 5.73
CA GLY A 26 6.31 2.37 5.90
C GLY A 26 6.74 3.72 5.32
N ALA A 27 7.10 3.70 4.05
CA ALA A 27 7.52 4.90 3.36
C ALA A 27 7.30 4.74 1.86
N GLN A 28 7.38 5.86 1.15
CA GLN A 28 7.20 5.85 -0.30
C GLN A 28 8.39 6.51 -0.98
N ASP A 29 8.97 5.78 -1.93
CA ASP A 29 10.11 6.27 -2.67
C ASP A 29 9.84 6.15 -4.17
N GLY A 30 10.76 6.69 -4.96
CA GLY A 30 10.63 6.64 -6.41
C GLY A 30 11.03 5.26 -6.94
N LEU A 31 12.25 4.87 -6.61
CA LEU A 31 12.77 3.58 -7.05
C LEU A 31 11.84 2.47 -6.55
N CYS A 32 11.51 2.56 -5.27
CA CYS A 32 10.64 1.57 -4.65
C CYS A 32 9.77 2.27 -3.60
N SER A 33 9.11 1.47 -2.79
CA SER A 33 8.25 2.00 -1.74
C SER A 33 8.14 0.98 -0.60
N CYS A 34 8.13 1.50 0.61
CA CYS A 34 8.02 0.65 1.79
C CYS A 34 6.60 0.79 2.35
N HIS A 35 5.67 1.10 1.45
CA HIS A 35 4.28 1.28 1.84
C HIS A 35 3.47 0.08 1.33
N PRO A 36 2.38 -0.24 2.08
CA PRO A 36 1.52 -1.34 1.71
C PRO A 36 0.62 -0.96 0.52
N THR A 37 0.80 0.27 0.06
CA THR A 37 0.02 0.75 -1.07
C THR A 37 0.79 0.56 -2.38
N CYS A 38 2.04 0.14 -2.23
CA CYS A 38 2.89 -0.09 -3.38
C CYS A 38 2.29 -1.23 -4.21
N SER A 39 1.45 -2.00 -3.55
CA SER A 39 0.80 -3.13 -4.22
C SER A 39 -0.17 -2.61 -5.28
N GLY A 40 -0.89 -1.56 -4.92
CA GLY A 40 -1.86 -0.98 -5.82
C GLY A 40 -1.17 -0.14 -6.91
N LEU A 41 -0.06 0.47 -6.51
CA LEU A 41 0.71 1.30 -7.42
C LEU A 41 1.62 0.41 -8.26
N GLY A 42 2.61 -0.17 -7.59
CA GLY A 42 3.55 -1.05 -8.26
C GLY A 42 4.98 -0.51 -8.11
N THR A 43 5.30 -0.06 -6.90
CA THR A 43 6.61 0.48 -6.62
C THR A 43 7.24 -0.25 -5.43
N CYS A 44 6.77 -1.48 -5.21
CA CYS A 44 7.28 -2.29 -4.12
C CYS A 44 8.75 -2.60 -4.39
N CYS A 45 9.50 -2.71 -3.31
CA CYS A 45 10.93 -2.99 -3.42
C CYS A 45 11.10 -4.51 -3.47
N GLU A 46 12.27 -4.93 -3.94
CA GLU A 46 12.58 -6.35 -4.04
C GLU A 46 12.84 -6.93 -2.65
N ASP A 47 13.30 -6.06 -1.76
CA ASP A 47 13.59 -6.48 -0.40
C ASP A 47 12.55 -5.89 0.56
N PHE A 48 11.45 -5.44 -0.03
CA PHE A 48 10.38 -4.85 0.75
C PHE A 48 9.68 -5.90 1.60
N LEU A 49 9.35 -7.01 0.97
CA LEU A 49 8.67 -8.10 1.66
C LEU A 49 9.67 -8.81 2.57
N ASP A 50 10.91 -8.86 2.10
CA ASP A 50 11.97 -9.52 2.86
C ASP A 50 12.10 -8.85 4.23
N TYR A 51 11.96 -7.53 4.21
CA TYR A 51 12.06 -6.75 5.44
C TYR A 51 10.67 -6.44 6.01
N CYS A 52 9.69 -6.51 5.14
CA CYS A 52 8.31 -6.25 5.53
C CYS A 52 7.45 -7.43 5.13
N LEU A 53 7.74 -8.57 5.73
CA LEU A 53 7.00 -9.79 5.45
C LEU A 53 6.01 -10.06 6.58
N GLU A 54 5.54 -8.97 7.19
CA GLU A 54 4.59 -9.08 8.28
C GLU A 54 4.15 -7.68 8.74
N ILE A 55 4.01 -6.79 7.76
CA ILE A 55 3.60 -5.44 8.06
C ILE A 55 2.18 -5.21 7.53
N LEU A 56 1.84 -5.98 6.51
CA LEU A 56 0.51 -5.88 5.92
C LEU A 56 -0.55 -5.85 7.01
N PRO A 57 -1.71 -5.25 6.68
CA PRO A 57 -2.81 -5.14 7.62
C PRO A 57 -3.51 -6.49 7.79
N SER A 58 -4.58 -6.46 8.59
CA SER A 58 -5.34 -7.68 8.83
C SER A 58 -6.52 -7.37 9.75
N SER A 59 -6.21 -6.79 10.90
CA SER A 59 -7.23 -6.43 11.87
C SER A 59 -8.30 -7.53 11.93
N GLY A 60 -7.95 -8.61 12.60
CA GLY A 60 -8.87 -9.74 12.74
C GLY A 60 -8.11 -11.06 12.78
N SER A 61 -8.67 -12.06 12.11
CA SER A 61 -8.06 -13.37 12.06
C SER A 61 -7.58 -13.68 10.64
N MET A 62 -8.52 -13.62 9.71
CA MET A 62 -8.21 -13.89 8.32
C MET A 62 -7.69 -15.33 8.14
N MET A 63 -8.54 -16.14 7.53
CA MET A 63 -8.18 -17.54 7.30
C MET A 63 -7.19 -17.66 6.14
N GLY A 64 -7.57 -17.11 5.00
CA GLY A 64 -6.73 -17.14 3.82
C GLY A 64 -7.30 -18.10 2.77
N GLY A 65 -6.44 -18.46 1.82
CA GLY A 65 -6.84 -19.36 0.76
C GLY A 65 -5.80 -20.46 0.54
N LYS A 66 -6.09 -21.32 -0.41
CA LYS A 66 -5.18 -22.41 -0.73
C LYS A 66 -4.34 -22.04 -1.95
N ASP A 67 -3.44 -22.94 -2.31
CA ASP A 67 -2.56 -22.71 -3.46
C ASP A 67 -1.94 -24.04 -3.89
N PHE A 68 -1.41 -24.05 -5.10
CA PHE A 68 -0.78 -25.24 -5.63
C PHE A 68 0.33 -24.88 -6.63
N VAL A 69 1.24 -25.82 -6.82
CA VAL A 69 2.34 -25.61 -7.74
C VAL A 69 2.55 -26.88 -8.58
N VAL A 70 3.33 -26.73 -9.63
CA VAL A 70 3.61 -27.84 -10.52
C VAL A 70 5.13 -28.07 -10.58
N GLN A 71 5.51 -29.14 -11.26
CA GLN A 71 6.92 -29.48 -11.40
C GLN A 71 7.51 -28.78 -12.62
N HIS A 72 8.79 -28.42 -12.49
CA HIS A 72 9.48 -27.74 -13.57
C HIS A 72 10.67 -28.59 -14.02
N LEU A 73 11.22 -28.24 -15.17
CA LEU A 73 12.35 -28.94 -15.72
C LEU A 73 13.64 -28.18 -15.41
N LYS A 74 14.76 -28.79 -15.76
CA LYS A 74 16.05 -28.18 -15.53
C LYS A 74 16.42 -27.30 -16.74
N TRP A 75 17.33 -26.37 -16.49
CA TRP A 75 17.77 -25.47 -17.54
C TRP A 75 19.13 -24.90 -17.13
N THR A 76 19.98 -24.72 -18.13
CA THR A 76 21.32 -24.18 -17.88
C THR A 76 21.33 -22.67 -18.09
N ASP A 77 22.25 -22.01 -17.40
CA ASP A 77 22.38 -20.57 -17.50
C ASP A 77 23.85 -20.20 -17.60
N PRO A 78 24.31 -19.97 -18.86
CA PRO A 78 25.69 -19.60 -19.10
C PRO A 78 25.96 -18.15 -18.70
N SER A 79 27.19 -17.89 -18.30
CA SER A 79 27.58 -16.55 -17.89
C SER A 79 28.21 -15.81 -19.08
N GLY A 80 28.14 -14.49 -19.00
CA GLY A 80 28.69 -13.65 -20.06
C GLY A 80 30.14 -13.26 -19.75
N PRO A 81 30.89 -12.91 -20.83
CA PRO A 81 32.27 -12.52 -20.68
C PRO A 81 32.38 -11.10 -20.11
N SER A 82 32.33 -11.02 -18.79
CA SER A 82 32.41 -9.74 -18.11
C SER A 82 33.63 -9.73 -17.19
N SER A 83 34.07 -8.51 -16.86
CA SER A 83 35.22 -8.35 -15.99
C SER A 83 34.87 -8.82 -14.57
N GLY A 84 35.00 -10.12 -14.37
CA GLY A 84 34.70 -10.71 -13.08
C GLY A 84 35.78 -10.34 -12.05
N GLY A 1 -25.79 11.08 -7.99
CA GLY A 1 -24.57 11.87 -8.03
C GLY A 1 -23.45 11.09 -8.74
N SER A 2 -22.51 11.85 -9.28
CA SER A 2 -21.38 11.26 -9.98
C SER A 2 -20.37 12.34 -10.36
N SER A 3 -19.21 11.89 -10.81
CA SER A 3 -18.16 12.80 -11.21
C SER A 3 -17.64 13.57 -9.99
N GLY A 4 -16.37 13.90 -10.05
CA GLY A 4 -15.74 14.65 -8.96
C GLY A 4 -14.27 14.24 -8.79
N SER A 5 -13.41 14.99 -9.47
CA SER A 5 -11.99 14.72 -9.41
C SER A 5 -11.68 13.35 -10.01
N SER A 6 -10.72 13.33 -10.91
CA SER A 6 -10.33 12.10 -11.57
C SER A 6 -9.44 11.27 -10.64
N GLY A 7 -10.10 10.56 -9.73
CA GLY A 7 -9.38 9.72 -8.78
C GLY A 7 -8.15 10.45 -8.22
N ILE A 8 -6.99 9.94 -8.57
CA ILE A 8 -5.73 10.52 -8.12
C ILE A 8 -4.68 10.35 -9.21
N PRO A 9 -4.57 11.40 -10.08
CA PRO A 9 -3.61 11.36 -11.16
C PRO A 9 -2.19 11.63 -10.64
N GLY A 10 -1.35 10.62 -10.76
CA GLY A 10 0.03 10.72 -10.32
C GLY A 10 0.58 12.13 -10.58
N PRO A 11 0.55 12.97 -9.52
CA PRO A 11 1.04 14.33 -9.62
C PRO A 11 2.58 14.35 -9.65
N GLY A 12 3.11 15.46 -10.15
CA GLY A 12 4.56 15.62 -10.24
C GLY A 12 5.22 15.29 -8.90
N PHE A 13 6.23 14.44 -8.98
CA PHE A 13 6.96 14.03 -7.79
C PHE A 13 8.47 14.00 -8.05
N THR A 14 9.23 14.43 -7.05
CA THR A 14 10.67 14.46 -7.16
C THR A 14 11.24 13.03 -7.12
N ALA A 15 12.38 12.87 -7.77
CA ALA A 15 13.03 11.58 -7.81
C ALA A 15 13.83 11.37 -6.53
N GLY A 16 13.82 10.13 -6.05
CA GLY A 16 14.55 9.79 -4.84
C GLY A 16 15.55 8.66 -5.09
N ALA A 17 16.75 8.84 -4.56
CA ALA A 17 17.79 7.85 -4.72
C ALA A 17 17.59 6.72 -3.71
N GLN A 18 18.19 5.58 -4.01
CA GLN A 18 18.08 4.43 -3.13
C GLN A 18 16.64 3.88 -3.14
N GLY A 19 16.47 2.74 -2.50
CA GLY A 19 15.16 2.11 -2.43
C GLY A 19 15.22 0.83 -1.59
N SER A 20 15.54 1.02 -0.31
CA SER A 20 15.63 -0.11 0.61
C SER A 20 14.59 0.05 1.73
N CYS A 21 14.14 -1.08 2.23
CA CYS A 21 13.15 -1.09 3.30
C CYS A 21 13.73 -1.88 4.48
N SER A 22 14.91 -1.47 4.91
CA SER A 22 15.57 -2.14 6.02
C SER A 22 14.75 -1.95 7.31
N LEU A 23 14.62 -0.70 7.72
CA LEU A 23 13.87 -0.38 8.91
C LEU A 23 12.58 0.35 8.52
N ARG A 24 12.61 0.95 7.34
CA ARG A 24 11.45 1.68 6.85
C ARG A 24 10.18 0.87 7.08
N CYS A 25 9.79 0.12 6.07
CA CYS A 25 8.59 -0.70 6.15
C CYS A 25 7.40 0.22 6.43
N GLY A 26 7.42 1.37 5.77
CA GLY A 26 6.35 2.34 5.94
C GLY A 26 6.74 3.70 5.35
N ALA A 27 7.13 3.67 4.08
CA ALA A 27 7.53 4.87 3.39
C ALA A 27 7.29 4.71 1.89
N GLN A 28 7.34 5.83 1.18
CA GLN A 28 7.12 5.82 -0.26
C GLN A 28 8.29 6.51 -0.97
N ASP A 29 8.86 5.79 -1.93
CA ASP A 29 9.98 6.32 -2.68
C ASP A 29 9.68 6.19 -4.18
N GLY A 30 10.61 6.70 -4.98
CA GLY A 30 10.46 6.64 -6.42
C GLY A 30 10.93 5.30 -6.97
N LEU A 31 12.14 4.92 -6.58
CA LEU A 31 12.72 3.67 -7.02
C LEU A 31 11.86 2.51 -6.52
N CYS A 32 11.36 2.67 -5.30
CA CYS A 32 10.53 1.65 -4.68
C CYS A 32 9.63 2.32 -3.65
N SER A 33 9.09 1.51 -2.76
CA SER A 33 8.21 2.01 -1.71
C SER A 33 8.11 0.98 -0.58
N CYS A 34 8.16 1.48 0.64
CA CYS A 34 8.08 0.63 1.81
C CYS A 34 6.66 0.75 2.39
N HIS A 35 5.72 1.04 1.51
CA HIS A 35 4.33 1.18 1.91
C HIS A 35 3.52 0.01 1.37
N PRO A 36 2.41 -0.32 2.11
CA PRO A 36 1.55 -1.41 1.73
C PRO A 36 0.68 -1.03 0.53
N THR A 37 0.82 0.23 0.11
CA THR A 37 0.06 0.73 -1.02
C THR A 37 0.85 0.58 -2.31
N CYS A 38 2.05 0.01 -2.17
CA CYS A 38 2.91 -0.19 -3.32
C CYS A 38 2.36 -1.37 -4.13
N SER A 39 1.45 -2.09 -3.51
CA SER A 39 0.83 -3.24 -4.16
C SER A 39 -0.11 -2.77 -5.28
N GLY A 40 -0.86 -1.71 -4.98
CA GLY A 40 -1.79 -1.16 -5.94
C GLY A 40 -1.05 -0.34 -7.01
N LEU A 41 0.01 0.30 -6.57
CA LEU A 41 0.81 1.13 -7.47
C LEU A 41 1.78 0.23 -8.25
N GLY A 42 2.63 -0.45 -7.49
CA GLY A 42 3.61 -1.35 -8.09
C GLY A 42 5.02 -0.79 -7.93
N THR A 43 5.23 -0.10 -6.81
CA THR A 43 6.53 0.49 -6.53
C THR A 43 7.19 -0.24 -5.36
N CYS A 44 6.74 -1.46 -5.12
CA CYS A 44 7.28 -2.26 -4.03
C CYS A 44 8.75 -2.55 -4.33
N CYS A 45 9.53 -2.62 -3.26
CA CYS A 45 10.95 -2.87 -3.39
C CYS A 45 11.16 -4.39 -3.50
N GLU A 46 12.37 -4.77 -3.87
CA GLU A 46 12.71 -6.18 -4.01
C GLU A 46 12.95 -6.80 -2.64
N ASP A 47 13.33 -5.95 -1.70
CA ASP A 47 13.60 -6.42 -0.34
C ASP A 47 12.55 -5.82 0.60
N PHE A 48 11.48 -5.32 0.01
CA PHE A 48 10.39 -4.72 0.78
C PHE A 48 9.64 -5.79 1.58
N LEU A 49 9.29 -6.87 0.88
CA LEU A 49 8.57 -7.96 1.50
C LEU A 49 9.51 -8.75 2.39
N ASP A 50 10.76 -8.85 1.94
CA ASP A 50 11.77 -9.58 2.69
C ASP A 50 11.92 -8.94 4.08
N TYR A 51 11.89 -7.62 4.09
CA TYR A 51 12.03 -6.89 5.34
C TYR A 51 10.66 -6.56 5.93
N CYS A 52 9.66 -6.54 5.06
CA CYS A 52 8.30 -6.25 5.48
C CYS A 52 7.38 -7.35 4.96
N LEU A 53 7.61 -8.55 5.47
CA LEU A 53 6.82 -9.70 5.07
C LEU A 53 5.71 -9.94 6.10
N GLU A 54 5.52 -8.95 6.96
CA GLU A 54 4.51 -9.04 8.00
C GLU A 54 4.22 -7.65 8.57
N ILE A 55 4.06 -6.69 7.67
CA ILE A 55 3.78 -5.33 8.08
C ILE A 55 2.36 -4.96 7.66
N LEU A 56 1.93 -5.55 6.56
CA LEU A 56 0.59 -5.29 6.04
C LEU A 56 -0.39 -5.19 7.21
N PRO A 57 -0.70 -3.91 7.58
CA PRO A 57 -1.62 -3.66 8.67
C PRO A 57 -3.07 -3.92 8.25
N SER A 58 -3.36 -5.20 8.02
CA SER A 58 -4.69 -5.60 7.61
C SER A 58 -5.25 -6.65 8.58
N SER A 59 -4.57 -7.79 8.61
CA SER A 59 -4.98 -8.88 9.48
C SER A 59 -4.96 -8.42 10.94
N GLY A 60 -6.13 -8.46 11.55
CA GLY A 60 -6.26 -8.05 12.95
C GLY A 60 -6.59 -9.25 13.85
N SER A 61 -6.91 -8.94 15.09
CA SER A 61 -7.24 -9.98 16.05
C SER A 61 -8.23 -10.97 15.43
N MET A 62 -7.92 -12.25 15.61
CA MET A 62 -8.76 -13.30 15.08
C MET A 62 -9.82 -13.73 16.10
N MET A 63 -10.96 -14.18 15.58
CA MET A 63 -12.06 -14.62 16.42
C MET A 63 -11.91 -16.10 16.79
N GLY A 64 -12.58 -16.48 17.87
CA GLY A 64 -12.54 -17.85 18.32
C GLY A 64 -12.31 -17.92 19.83
N GLY A 65 -11.12 -18.37 20.20
CA GLY A 65 -10.75 -18.49 21.60
C GLY A 65 -9.93 -17.28 22.05
N LYS A 66 -10.59 -16.14 22.08
CA LYS A 66 -9.94 -14.91 22.49
C LYS A 66 -11.00 -13.88 22.88
N ASP A 67 -10.89 -13.38 24.10
CA ASP A 67 -11.83 -12.39 24.60
C ASP A 67 -11.07 -11.10 24.91
N PHE A 68 -11.10 -10.19 23.95
CA PHE A 68 -10.44 -8.90 24.12
C PHE A 68 -11.43 -7.79 24.45
N VAL A 69 -11.31 -7.28 25.66
CA VAL A 69 -12.20 -6.22 26.11
C VAL A 69 -11.36 -5.02 26.55
N VAL A 70 -12.05 -3.91 26.76
CA VAL A 70 -11.39 -2.68 27.18
C VAL A 70 -12.42 -1.72 27.76
N GLN A 71 -11.96 -0.85 28.64
CA GLN A 71 -12.82 0.13 29.27
C GLN A 71 -12.00 1.26 29.87
N HIS A 72 -12.60 2.44 29.91
CA HIS A 72 -11.94 3.61 30.45
C HIS A 72 -12.99 4.62 30.92
N LEU A 73 -12.51 5.65 31.60
CA LEU A 73 -13.39 6.69 32.12
C LEU A 73 -12.54 7.82 32.72
N LYS A 74 -13.09 9.02 32.64
CA LYS A 74 -12.40 10.19 33.17
C LYS A 74 -13.39 11.34 33.34
N TRP A 75 -13.20 12.09 34.41
CA TRP A 75 -14.07 13.22 34.70
C TRP A 75 -13.32 14.18 35.63
N THR A 76 -13.60 15.46 35.45
CA THR A 76 -12.95 16.48 36.26
C THR A 76 -13.81 17.75 36.30
N ASP A 77 -13.45 18.63 37.21
CA ASP A 77 -14.17 19.89 37.36
C ASP A 77 -13.44 20.78 38.37
N PRO A 78 -12.66 21.75 37.80
CA PRO A 78 -11.90 22.66 38.64
C PRO A 78 -12.83 23.72 39.27
N SER A 79 -12.24 24.53 40.14
CA SER A 79 -12.99 25.57 40.82
C SER A 79 -12.06 26.72 41.19
N GLY A 80 -12.67 27.81 41.64
CA GLY A 80 -11.91 28.99 42.03
C GLY A 80 -12.84 30.17 42.33
N PRO A 81 -13.14 30.34 43.64
CA PRO A 81 -14.01 31.42 44.07
C PRO A 81 -13.28 32.77 44.03
N SER A 82 -14.00 33.81 44.41
CA SER A 82 -13.44 35.15 44.41
C SER A 82 -13.79 35.85 45.73
N SER A 83 -15.08 35.88 46.02
CA SER A 83 -15.56 36.51 47.24
C SER A 83 -15.18 37.99 47.24
N GLY A 84 -15.90 38.76 48.05
CA GLY A 84 -15.65 40.19 48.15
C GLY A 84 -16.26 40.93 46.96
N GLY A 1 -11.97 5.90 -7.29
CA GLY A 1 -10.83 6.80 -7.28
C GLY A 1 -10.02 6.68 -8.57
N SER A 2 -9.02 5.83 -8.53
CA SER A 2 -8.17 5.63 -9.69
C SER A 2 -7.44 6.92 -10.05
N SER A 3 -6.22 6.78 -10.54
CA SER A 3 -5.42 7.92 -10.92
C SER A 3 -4.41 7.51 -11.99
N GLY A 4 -3.56 6.56 -11.63
CA GLY A 4 -2.54 6.08 -12.54
C GLY A 4 -1.50 7.17 -12.84
N SER A 5 -1.30 7.41 -14.12
CA SER A 5 -0.34 8.42 -14.55
C SER A 5 1.03 8.12 -13.95
N SER A 6 1.88 7.50 -14.76
CA SER A 6 3.22 7.15 -14.32
C SER A 6 4.03 6.61 -15.50
N GLY A 7 5.14 7.28 -15.77
CA GLY A 7 6.01 6.87 -16.86
C GLY A 7 7.34 7.63 -16.82
N ILE A 8 8.29 7.03 -16.12
CA ILE A 8 9.61 7.64 -15.99
C ILE A 8 10.68 6.61 -16.36
N PRO A 9 11.02 6.57 -17.67
CA PRO A 9 12.02 5.64 -18.15
C PRO A 9 13.43 6.10 -17.78
N GLY A 10 13.68 7.38 -17.97
CA GLY A 10 14.98 7.96 -17.66
C GLY A 10 16.10 7.19 -18.37
N PRO A 11 16.40 7.65 -19.61
CA PRO A 11 17.45 7.02 -20.40
C PRO A 11 18.83 7.42 -19.87
N GLY A 12 19.19 6.84 -18.74
CA GLY A 12 20.48 7.11 -18.12
C GLY A 12 20.52 6.59 -16.68
N PHE A 13 20.70 5.28 -16.58
CA PHE A 13 20.77 4.64 -15.27
C PHE A 13 22.22 4.42 -14.85
N THR A 14 22.50 4.77 -13.60
CA THR A 14 23.84 4.61 -13.06
C THR A 14 23.81 3.70 -11.83
N ALA A 15 23.38 2.47 -12.06
CA ALA A 15 23.30 1.49 -10.98
C ALA A 15 22.36 2.01 -9.90
N GLY A 16 21.89 1.08 -9.07
CA GLY A 16 20.99 1.43 -7.99
C GLY A 16 21.57 2.55 -7.12
N ALA A 17 20.75 3.01 -6.19
CA ALA A 17 21.17 4.08 -5.29
C ALA A 17 20.45 3.92 -3.94
N GLN A 18 19.14 4.10 -4.00
CA GLN A 18 18.32 3.99 -2.81
C GLN A 18 17.06 3.16 -3.10
N GLY A 19 16.20 3.10 -2.09
CA GLY A 19 14.96 2.35 -2.23
C GLY A 19 15.04 1.00 -1.52
N SER A 20 15.44 1.05 -0.26
CA SER A 20 15.57 -0.15 0.54
C SER A 20 14.81 0.01 1.85
N CYS A 21 14.11 -1.05 2.22
CA CYS A 21 13.33 -1.05 3.45
C CYS A 21 14.18 -1.66 4.56
N SER A 22 15.16 -0.89 5.00
CA SER A 22 16.05 -1.34 6.06
C SER A 22 15.30 -1.42 7.39
N LEU A 23 14.40 -0.46 7.58
CA LEU A 23 13.61 -0.41 8.78
C LEU A 23 12.46 0.59 8.60
N ARG A 24 11.99 0.69 7.37
CA ARG A 24 10.91 1.59 7.04
C ARG A 24 9.56 0.89 7.19
N CYS A 25 9.30 -0.03 6.27
CA CYS A 25 8.06 -0.79 6.29
C CYS A 25 6.90 0.21 6.21
N GLY A 26 7.20 1.39 5.70
CA GLY A 26 6.21 2.43 5.55
C GLY A 26 6.82 3.72 5.00
N ALA A 27 7.13 3.68 3.71
CA ALA A 27 7.72 4.84 3.06
C ALA A 27 7.51 4.72 1.55
N GLN A 28 7.48 5.87 0.89
CA GLN A 28 7.29 5.91 -0.55
C GLN A 28 8.49 6.59 -1.22
N ASP A 29 9.05 5.89 -2.20
CA ASP A 29 10.20 6.41 -2.92
C ASP A 29 9.92 6.32 -4.43
N GLY A 30 10.88 6.81 -5.20
CA GLY A 30 10.76 6.80 -6.64
C GLY A 30 11.26 5.48 -7.22
N LEU A 31 12.22 4.88 -6.53
CA LEU A 31 12.79 3.62 -6.96
C LEU A 31 11.94 2.47 -6.43
N CYS A 32 11.51 2.61 -5.19
CA CYS A 32 10.69 1.59 -4.55
C CYS A 32 9.85 2.26 -3.46
N SER A 33 9.10 1.44 -2.75
CA SER A 33 8.26 1.93 -1.68
C SER A 33 8.05 0.83 -0.63
N CYS A 34 8.16 1.24 0.63
CA CYS A 34 7.98 0.32 1.74
C CYS A 34 6.55 0.43 2.25
N HIS A 35 5.73 1.13 1.48
CA HIS A 35 4.33 1.33 1.83
C HIS A 35 3.52 0.13 1.36
N PRO A 36 2.45 -0.19 2.15
CA PRO A 36 1.59 -1.30 1.82
C PRO A 36 0.66 -0.96 0.65
N THR A 37 0.74 0.30 0.23
CA THR A 37 -0.07 0.77 -0.89
C THR A 37 0.70 0.65 -2.20
N CYS A 38 1.95 0.25 -2.08
CA CYS A 38 2.80 0.10 -3.24
C CYS A 38 2.28 -1.08 -4.07
N SER A 39 1.47 -1.90 -3.43
CA SER A 39 0.90 -3.05 -4.09
C SER A 39 -0.07 -2.61 -5.19
N GLY A 40 -0.89 -1.63 -4.84
CA GLY A 40 -1.86 -1.10 -5.79
C GLY A 40 -1.18 -0.19 -6.82
N LEU A 41 -0.08 0.43 -6.39
CA LEU A 41 0.66 1.31 -7.26
C LEU A 41 1.59 0.49 -8.15
N GLY A 42 2.55 -0.16 -7.52
CA GLY A 42 3.51 -0.99 -8.24
C GLY A 42 4.93 -0.43 -8.08
N THR A 43 5.23 0.00 -6.88
CA THR A 43 6.54 0.56 -6.59
C THR A 43 7.17 -0.17 -5.40
N CYS A 44 6.66 -1.36 -5.13
CA CYS A 44 7.17 -2.16 -4.04
C CYS A 44 8.63 -2.51 -4.33
N CYS A 45 9.40 -2.64 -3.25
CA CYS A 45 10.81 -2.97 -3.37
C CYS A 45 10.94 -4.49 -3.49
N GLU A 46 12.12 -4.91 -3.92
CA GLU A 46 12.38 -6.33 -4.08
C GLU A 46 12.73 -6.97 -2.72
N ASP A 47 13.18 -6.12 -1.81
CA ASP A 47 13.55 -6.58 -0.49
C ASP A 47 12.56 -5.99 0.54
N PHE A 48 11.48 -5.45 0.03
CA PHE A 48 10.45 -4.86 0.88
C PHE A 48 9.75 -5.94 1.71
N LEU A 49 9.34 -6.99 1.03
CA LEU A 49 8.66 -8.10 1.69
C LEU A 49 9.67 -8.91 2.50
N ASP A 50 10.88 -8.99 1.97
CA ASP A 50 11.95 -9.73 2.63
C ASP A 50 12.23 -9.08 3.99
N TYR A 51 12.02 -7.78 4.05
CA TYR A 51 12.26 -7.03 5.27
C TYR A 51 10.95 -6.76 6.01
N CYS A 52 9.87 -6.66 5.24
CA CYS A 52 8.56 -6.41 5.80
C CYS A 52 7.60 -7.48 5.28
N LEU A 53 7.79 -8.70 5.78
CA LEU A 53 6.95 -9.81 5.37
C LEU A 53 5.93 -10.10 6.47
N GLU A 54 5.52 -9.03 7.14
CA GLU A 54 4.55 -9.15 8.22
C GLU A 54 4.12 -7.76 8.70
N ILE A 55 3.99 -6.86 7.75
CA ILE A 55 3.59 -5.49 8.06
C ILE A 55 2.18 -5.24 7.49
N LEU A 56 1.90 -5.90 6.38
CA LEU A 56 0.62 -5.75 5.73
C LEU A 56 -0.50 -5.92 6.77
N PRO A 57 -1.68 -5.31 6.45
CA PRO A 57 -2.82 -5.39 7.34
C PRO A 57 -3.48 -6.77 7.29
N SER A 58 -2.88 -7.70 8.02
CA SER A 58 -3.39 -9.06 8.05
C SER A 58 -4.53 -9.16 9.07
N SER A 59 -5.75 -9.02 8.56
CA SER A 59 -6.92 -9.10 9.42
C SER A 59 -7.66 -10.41 9.16
N GLY A 60 -8.12 -10.58 7.94
CA GLY A 60 -8.83 -11.78 7.56
C GLY A 60 -9.10 -11.82 6.06
N SER A 61 -10.35 -11.61 5.69
CA SER A 61 -10.75 -11.60 4.30
C SER A 61 -11.59 -10.37 3.98
N MET A 62 -11.22 -9.71 2.90
CA MET A 62 -11.93 -8.51 2.49
C MET A 62 -12.72 -8.76 1.20
N MET A 63 -13.95 -9.24 1.38
CA MET A 63 -14.81 -9.53 0.26
C MET A 63 -15.31 -8.24 -0.40
N GLY A 64 -15.40 -8.28 -1.72
CA GLY A 64 -15.87 -7.12 -2.47
C GLY A 64 -17.14 -7.46 -3.27
N GLY A 65 -17.95 -6.43 -3.46
CA GLY A 65 -19.19 -6.60 -4.19
C GLY A 65 -19.54 -5.34 -4.99
N LYS A 66 -20.19 -5.55 -6.13
CA LYS A 66 -20.57 -4.44 -6.99
C LYS A 66 -21.92 -4.75 -7.63
N ASP A 67 -22.60 -3.70 -8.05
CA ASP A 67 -23.90 -3.85 -8.69
C ASP A 67 -23.87 -3.16 -10.06
N PHE A 68 -24.69 -3.67 -10.96
CA PHE A 68 -24.77 -3.12 -12.30
C PHE A 68 -26.22 -3.11 -12.80
N VAL A 69 -26.46 -2.28 -13.81
CA VAL A 69 -27.78 -2.18 -14.39
C VAL A 69 -27.67 -1.62 -15.81
N VAL A 70 -28.61 -2.05 -16.65
CA VAL A 70 -28.62 -1.60 -18.03
C VAL A 70 -30.05 -1.69 -18.58
N GLN A 71 -30.32 -0.87 -19.57
CA GLN A 71 -31.64 -0.84 -20.19
C GLN A 71 -31.63 0.03 -21.44
N HIS A 72 -32.71 -0.07 -22.20
CA HIS A 72 -32.83 0.70 -23.43
C HIS A 72 -34.20 0.45 -24.06
N LEU A 73 -34.67 1.46 -24.80
CA LEU A 73 -35.96 1.35 -25.45
C LEU A 73 -36.16 2.55 -26.39
N LYS A 74 -37.25 2.52 -27.13
CA LYS A 74 -37.56 3.59 -28.06
C LYS A 74 -38.96 3.38 -28.63
N TRP A 75 -39.70 4.47 -28.74
CA TRP A 75 -41.05 4.42 -29.27
C TRP A 75 -41.63 5.84 -29.23
N THR A 76 -42.20 6.24 -30.36
CA THR A 76 -42.79 7.55 -30.46
C THR A 76 -44.17 7.47 -31.11
N ASP A 77 -44.94 8.55 -30.96
CA ASP A 77 -46.27 8.61 -31.52
C ASP A 77 -46.93 9.93 -31.12
N PRO A 78 -46.82 10.92 -32.05
CA PRO A 78 -47.40 12.24 -31.81
C PRO A 78 -48.92 12.21 -31.96
N SER A 79 -49.56 13.23 -31.42
CA SER A 79 -51.01 13.33 -31.49
C SER A 79 -51.47 14.64 -30.85
N GLY A 80 -52.61 15.12 -31.33
CA GLY A 80 -53.17 16.37 -30.81
C GLY A 80 -54.41 16.77 -31.60
N PRO A 81 -55.60 16.41 -31.05
CA PRO A 81 -56.86 16.74 -31.69
C PRO A 81 -57.20 18.21 -31.52
N SER A 82 -58.35 18.60 -32.05
CA SER A 82 -58.80 19.98 -31.97
C SER A 82 -60.32 20.04 -32.15
N SER A 83 -60.89 21.11 -31.62
CA SER A 83 -62.33 21.31 -31.72
C SER A 83 -62.74 22.59 -30.99
N GLY A 84 -63.99 22.98 -31.19
CA GLY A 84 -64.50 24.18 -30.56
C GLY A 84 -65.73 24.70 -31.31
N GLY A 1 -20.63 25.84 13.66
CA GLY A 1 -19.74 25.31 12.63
C GLY A 1 -18.27 25.49 13.04
N SER A 2 -17.39 24.90 12.24
CA SER A 2 -15.97 24.99 12.49
C SER A 2 -15.19 24.48 11.28
N SER A 3 -13.89 24.74 11.30
CA SER A 3 -13.02 24.32 10.22
C SER A 3 -11.55 24.49 10.62
N GLY A 4 -10.68 23.95 9.79
CA GLY A 4 -9.24 24.05 10.04
C GLY A 4 -8.44 23.55 8.83
N SER A 5 -7.20 24.03 8.76
CA SER A 5 -6.32 23.65 7.67
C SER A 5 -4.89 24.09 7.98
N SER A 6 -3.95 23.32 7.45
CA SER A 6 -2.54 23.61 7.66
C SER A 6 -1.67 22.57 6.97
N GLY A 7 -0.49 23.00 6.55
CA GLY A 7 0.43 22.11 5.87
C GLY A 7 1.36 22.88 4.93
N ILE A 8 2.64 22.59 5.03
CA ILE A 8 3.63 23.25 4.20
C ILE A 8 4.70 22.25 3.79
N PRO A 9 4.45 21.55 2.65
CA PRO A 9 5.38 20.56 2.14
C PRO A 9 6.60 21.23 1.51
N GLY A 10 7.53 20.40 1.07
CA GLY A 10 8.74 20.90 0.43
C GLY A 10 9.38 19.82 -0.45
N PRO A 11 10.21 20.29 -1.42
CA PRO A 11 10.89 19.39 -2.32
C PRO A 11 12.05 18.68 -1.64
N GLY A 12 12.70 17.81 -2.39
CA GLY A 12 13.83 17.05 -1.85
C GLY A 12 14.14 15.84 -2.73
N PHE A 13 15.32 15.87 -3.34
CA PHE A 13 15.75 14.79 -4.20
C PHE A 13 17.27 14.65 -4.19
N THR A 14 17.74 13.57 -4.79
CA THR A 14 19.16 13.30 -4.86
C THR A 14 19.45 12.17 -5.85
N ALA A 15 18.64 11.13 -5.75
CA ALA A 15 18.80 9.98 -6.64
C ALA A 15 20.11 9.27 -6.30
N GLY A 16 20.23 8.04 -6.79
CA GLY A 16 21.41 7.24 -6.56
C GLY A 16 21.06 5.80 -6.20
N ALA A 17 22.05 5.10 -5.67
CA ALA A 17 21.84 3.71 -5.27
C ALA A 17 20.99 3.67 -4.00
N GLN A 18 19.74 3.24 -4.18
CA GLN A 18 18.81 3.14 -3.07
C GLN A 18 17.67 2.20 -3.41
N GLY A 19 16.70 2.13 -2.51
CA GLY A 19 15.54 1.28 -2.71
C GLY A 19 15.53 0.12 -1.70
N SER A 20 15.62 0.48 -0.43
CA SER A 20 15.63 -0.51 0.63
C SER A 20 14.53 -0.20 1.65
N CYS A 21 14.03 -1.25 2.27
CA CYS A 21 12.98 -1.11 3.27
C CYS A 21 13.41 -1.84 4.54
N SER A 22 14.68 -1.69 4.86
CA SER A 22 15.23 -2.32 6.04
C SER A 22 14.75 -1.60 7.30
N LEU A 23 14.96 -0.29 7.32
CA LEU A 23 14.55 0.52 8.45
C LEU A 23 13.40 1.43 8.02
N ARG A 24 12.48 0.85 7.26
CA ARG A 24 11.33 1.60 6.78
C ARG A 24 10.04 0.80 7.03
N CYS A 25 9.64 0.05 6.01
CA CYS A 25 8.43 -0.76 6.10
C CYS A 25 7.26 0.17 6.39
N GLY A 26 7.27 1.33 5.74
CA GLY A 26 6.22 2.30 5.92
C GLY A 26 6.62 3.66 5.34
N ALA A 27 6.99 3.65 4.07
CA ALA A 27 7.40 4.86 3.40
C ALA A 27 7.20 4.70 1.89
N GLN A 28 7.25 5.83 1.20
CA GLN A 28 7.08 5.83 -0.25
C GLN A 28 8.25 6.53 -0.93
N ASP A 29 8.85 5.83 -1.88
CA ASP A 29 9.98 6.38 -2.61
C ASP A 29 9.73 6.25 -4.11
N GLY A 30 10.67 6.76 -4.89
CA GLY A 30 10.56 6.71 -6.33
C GLY A 30 11.01 5.35 -6.87
N LEU A 31 12.24 5.00 -6.52
CA LEU A 31 12.80 3.72 -6.96
C LEU A 31 11.91 2.58 -6.46
N CYS A 32 11.56 2.66 -5.18
CA CYS A 32 10.72 1.65 -4.57
C CYS A 32 9.83 2.33 -3.53
N SER A 33 9.08 1.51 -2.81
CA SER A 33 8.19 2.00 -1.79
C SER A 33 8.06 0.98 -0.65
N CYS A 34 8.09 1.49 0.57
CA CYS A 34 7.98 0.63 1.74
C CYS A 34 6.55 0.76 2.28
N HIS A 35 5.64 1.16 1.40
CA HIS A 35 4.25 1.31 1.78
C HIS A 35 3.46 0.08 1.33
N PRO A 36 2.34 -0.19 2.06
CA PRO A 36 1.50 -1.32 1.75
C PRO A 36 0.65 -1.05 0.50
N THR A 37 0.84 0.14 -0.05
CA THR A 37 0.10 0.55 -1.24
C THR A 37 0.94 0.27 -2.49
N CYS A 38 2.21 -0.04 -2.27
CA CYS A 38 3.11 -0.32 -3.37
C CYS A 38 2.48 -1.38 -4.26
N SER A 39 1.56 -2.14 -3.67
CA SER A 39 0.87 -3.18 -4.41
C SER A 39 -0.08 -2.58 -5.44
N GLY A 40 -0.80 -1.55 -5.00
CA GLY A 40 -1.74 -0.87 -5.87
C GLY A 40 -1.01 0.06 -6.85
N LEU A 41 0.10 0.60 -6.37
CA LEU A 41 0.90 1.51 -7.18
C LEU A 41 1.78 0.70 -8.13
N GLY A 42 2.60 -0.16 -7.54
CA GLY A 42 3.50 -1.00 -8.33
C GLY A 42 4.95 -0.57 -8.13
N THR A 43 5.22 0.02 -6.98
CA THR A 43 6.56 0.48 -6.66
C THR A 43 7.10 -0.24 -5.42
N CYS A 44 6.85 -1.54 -5.37
CA CYS A 44 7.29 -2.34 -4.25
C CYS A 44 8.79 -2.59 -4.40
N CYS A 45 9.46 -2.70 -3.27
CA CYS A 45 10.89 -2.93 -3.25
C CYS A 45 11.13 -4.43 -3.38
N GLU A 46 12.31 -4.76 -3.89
CA GLU A 46 12.68 -6.16 -4.07
C GLU A 46 12.88 -6.84 -2.71
N ASP A 47 13.26 -6.03 -1.73
CA ASP A 47 13.49 -6.54 -0.40
C ASP A 47 12.43 -5.96 0.55
N PHE A 48 11.36 -5.46 -0.04
CA PHE A 48 10.28 -4.87 0.72
C PHE A 48 9.59 -5.93 1.59
N LEU A 49 9.27 -7.04 0.96
CA LEU A 49 8.61 -8.14 1.66
C LEU A 49 9.62 -8.85 2.56
N ASP A 50 10.86 -8.90 2.07
CA ASP A 50 11.93 -9.55 2.81
C ASP A 50 12.08 -8.86 4.17
N TYR A 51 11.93 -7.54 4.15
CA TYR A 51 12.05 -6.76 5.37
C TYR A 51 10.67 -6.44 5.96
N CYS A 52 9.66 -6.54 5.10
CA CYS A 52 8.30 -6.27 5.53
C CYS A 52 7.42 -7.45 5.11
N LEU A 53 7.71 -8.60 5.72
CA LEU A 53 6.96 -9.82 5.42
C LEU A 53 5.97 -10.08 6.54
N GLU A 54 5.54 -9.01 7.19
CA GLU A 54 4.59 -9.11 8.29
C GLU A 54 4.20 -7.72 8.79
N ILE A 55 4.01 -6.81 7.85
CA ILE A 55 3.64 -5.46 8.18
C ILE A 55 2.20 -5.20 7.75
N LEU A 56 1.79 -5.92 6.71
CA LEU A 56 0.44 -5.79 6.19
C LEU A 56 -0.56 -5.85 7.34
N PRO A 57 -1.75 -5.23 7.11
CA PRO A 57 -2.80 -5.22 8.12
C PRO A 57 -3.48 -6.58 8.23
N SER A 58 -3.87 -7.10 7.07
CA SER A 58 -4.53 -8.40 7.03
C SER A 58 -3.85 -9.37 7.99
N SER A 59 -4.67 -10.12 8.71
CA SER A 59 -4.16 -11.08 9.66
C SER A 59 -5.32 -11.87 10.28
N GLY A 60 -6.22 -11.16 10.92
CA GLY A 60 -7.37 -11.77 11.55
C GLY A 60 -8.09 -10.79 12.48
N SER A 61 -9.24 -10.31 12.01
CA SER A 61 -10.03 -9.37 12.78
C SER A 61 -11.49 -9.42 12.35
N MET A 62 -12.35 -9.65 13.32
CA MET A 62 -13.78 -9.73 13.05
C MET A 62 -14.58 -8.87 14.02
N MET A 63 -15.83 -8.62 13.68
CA MET A 63 -16.70 -7.82 14.51
C MET A 63 -17.41 -8.68 15.55
N GLY A 64 -17.31 -8.24 16.80
CA GLY A 64 -17.94 -8.96 17.90
C GLY A 64 -18.13 -8.05 19.11
N GLY A 65 -17.19 -8.14 20.04
CA GLY A 65 -17.24 -7.34 21.24
C GLY A 65 -16.05 -6.38 21.31
N LYS A 66 -16.17 -5.39 22.20
CA LYS A 66 -15.12 -4.41 22.37
C LYS A 66 -14.94 -4.13 23.87
N ASP A 67 -13.82 -3.49 24.17
CA ASP A 67 -13.51 -3.15 25.56
C ASP A 67 -13.36 -1.64 25.69
N PHE A 68 -13.36 -1.17 26.93
CA PHE A 68 -13.23 0.24 27.21
C PHE A 68 -11.77 0.61 27.51
N VAL A 69 -11.48 1.90 27.38
CA VAL A 69 -10.14 2.38 27.65
C VAL A 69 -10.19 3.49 28.71
N VAL A 70 -9.08 3.62 29.43
CA VAL A 70 -9.00 4.63 30.47
C VAL A 70 -8.50 5.94 29.87
N GLN A 71 -8.70 7.01 30.63
CA GLN A 71 -8.29 8.33 30.17
C GLN A 71 -7.32 8.95 31.19
N HIS A 72 -6.72 10.06 30.78
CA HIS A 72 -5.78 10.76 31.65
C HIS A 72 -5.93 12.27 31.45
N LEU A 73 -5.23 13.02 32.29
CA LEU A 73 -5.27 14.46 32.22
C LEU A 73 -4.30 14.96 31.14
N LYS A 74 -4.31 16.26 30.92
CA LYS A 74 -3.44 16.86 29.93
C LYS A 74 -3.85 16.37 28.54
N TRP A 75 -3.15 16.88 27.53
CA TRP A 75 -3.43 16.51 26.16
C TRP A 75 -4.84 16.99 25.82
N THR A 76 -4.91 17.80 24.77
CA THR A 76 -6.18 18.35 24.33
C THR A 76 -6.69 17.58 23.11
N ASP A 77 -7.99 17.67 22.90
CA ASP A 77 -8.62 17.00 21.76
C ASP A 77 -8.19 17.68 20.46
N PRO A 78 -7.97 16.84 19.41
CA PRO A 78 -7.56 17.36 18.12
C PRO A 78 -8.74 18.03 17.40
N SER A 79 -8.46 18.49 16.18
CA SER A 79 -9.48 19.14 15.38
C SER A 79 -10.09 18.14 14.39
N GLY A 80 -11.15 18.58 13.74
CA GLY A 80 -11.82 17.73 12.75
C GLY A 80 -11.71 18.33 11.35
N PRO A 81 -11.89 17.45 10.34
CA PRO A 81 -11.81 17.86 8.95
C PRO A 81 -13.07 18.64 8.54
N SER A 82 -13.11 18.99 7.26
CA SER A 82 -14.26 19.72 6.73
C SER A 82 -14.57 19.24 5.32
N SER A 83 -15.77 19.59 4.86
CA SER A 83 -16.21 19.20 3.53
C SER A 83 -16.44 17.68 3.47
N GLY A 84 -17.13 17.25 2.44
CA GLY A 84 -17.42 15.85 2.25
C GLY A 84 -18.90 15.56 2.49
N GLY A 1 15.81 49.31 -9.98
CA GLY A 1 15.88 47.87 -9.77
C GLY A 1 15.87 47.12 -11.10
N SER A 2 16.86 46.26 -11.28
CA SER A 2 16.98 45.49 -12.49
C SER A 2 17.91 44.30 -12.27
N SER A 3 19.14 44.60 -11.88
CA SER A 3 20.12 43.58 -11.63
C SER A 3 19.60 42.58 -10.59
N GLY A 4 19.11 41.45 -11.11
CA GLY A 4 18.58 40.41 -10.25
C GLY A 4 18.83 39.03 -10.84
N SER A 5 19.08 38.08 -9.95
CA SER A 5 19.34 36.71 -10.37
C SER A 5 18.60 35.73 -9.46
N SER A 6 18.93 35.79 -8.17
CA SER A 6 18.31 34.92 -7.19
C SER A 6 18.63 33.46 -7.51
N GLY A 7 18.96 32.72 -6.47
CA GLY A 7 19.29 31.31 -6.62
C GLY A 7 20.13 30.81 -5.45
N ILE A 8 20.18 29.49 -5.31
CA ILE A 8 20.94 28.87 -4.24
C ILE A 8 21.53 27.56 -4.73
N PRO A 9 22.74 27.67 -5.36
CA PRO A 9 23.42 26.50 -5.88
C PRO A 9 24.04 25.68 -4.75
N GLY A 10 23.95 24.36 -4.90
CA GLY A 10 24.50 23.46 -3.89
C GLY A 10 24.82 22.10 -4.50
N PRO A 11 25.74 21.37 -3.82
CA PRO A 11 26.14 20.04 -4.29
C PRO A 11 25.06 19.01 -4.01
N GLY A 12 24.91 18.08 -4.94
CA GLY A 12 23.91 17.03 -4.80
C GLY A 12 24.34 15.78 -5.56
N PHE A 13 25.40 15.15 -5.08
CA PHE A 13 25.91 13.95 -5.70
C PHE A 13 25.22 12.70 -5.13
N THR A 14 25.32 11.61 -5.87
CA THR A 14 24.72 10.36 -5.46
C THR A 14 25.71 9.20 -5.64
N ALA A 15 25.76 8.36 -4.62
CA ALA A 15 26.65 7.21 -4.66
C ALA A 15 26.01 6.05 -3.89
N GLY A 16 25.47 5.12 -4.65
CA GLY A 16 24.83 3.95 -4.06
C GLY A 16 23.40 3.79 -4.58
N ALA A 17 23.09 2.58 -5.01
CA ALA A 17 21.76 2.29 -5.54
C ALA A 17 20.82 1.98 -4.37
N GLN A 18 20.36 3.05 -3.74
CA GLN A 18 19.46 2.91 -2.61
C GLN A 18 18.18 2.18 -3.04
N GLY A 19 17.25 2.08 -2.11
CA GLY A 19 15.98 1.42 -2.37
C GLY A 19 15.81 0.19 -1.48
N SER A 20 15.90 0.43 -0.17
CA SER A 20 15.76 -0.64 0.79
C SER A 20 14.65 -0.31 1.79
N CYS A 21 14.02 -1.35 2.31
CA CYS A 21 12.95 -1.17 3.28
C CYS A 21 13.27 -2.02 4.51
N SER A 22 14.51 -1.88 4.98
CA SER A 22 14.95 -2.63 6.14
C SER A 22 14.54 -1.89 7.42
N LEU A 23 14.79 -0.59 7.43
CA LEU A 23 14.45 0.24 8.58
C LEU A 23 13.32 1.19 8.20
N ARG A 24 12.46 0.72 7.31
CA ARG A 24 11.33 1.51 6.86
C ARG A 24 10.02 0.75 7.10
N CYS A 25 9.59 0.03 6.07
CA CYS A 25 8.36 -0.73 6.15
C CYS A 25 7.22 0.23 6.45
N GLY A 26 7.27 1.39 5.81
CA GLY A 26 6.25 2.40 6.00
C GLY A 26 6.69 3.74 5.41
N ALA A 27 7.05 3.71 4.13
CA ALA A 27 7.49 4.92 3.44
C ALA A 27 7.27 4.74 1.94
N GLN A 28 7.31 5.88 1.24
CA GLN A 28 7.12 5.86 -0.20
C GLN A 28 8.29 6.58 -0.89
N ASP A 29 8.89 5.87 -1.84
CA ASP A 29 10.00 6.42 -2.58
C ASP A 29 9.73 6.29 -4.09
N GLY A 30 10.66 6.80 -4.88
CA GLY A 30 10.54 6.75 -6.32
C GLY A 30 10.97 5.37 -6.86
N LEU A 31 12.22 5.03 -6.59
CA LEU A 31 12.76 3.76 -7.04
C LEU A 31 11.86 2.63 -6.55
N CYS A 32 11.49 2.71 -5.28
CA CYS A 32 10.65 1.69 -4.68
C CYS A 32 9.76 2.38 -3.63
N SER A 33 9.13 1.55 -2.81
CA SER A 33 8.25 2.06 -1.77
C SER A 33 8.13 1.03 -0.64
N CYS A 34 8.12 1.53 0.59
CA CYS A 34 8.00 0.68 1.75
C CYS A 34 6.57 0.78 2.29
N HIS A 35 5.65 1.07 1.38
CA HIS A 35 4.26 1.20 1.75
C HIS A 35 3.46 0.02 1.18
N PRO A 36 2.35 -0.32 1.90
CA PRO A 36 1.50 -1.42 1.48
C PRO A 36 0.65 -1.03 0.28
N THR A 37 0.76 0.23 -0.10
CA THR A 37 0.00 0.74 -1.24
C THR A 37 0.78 0.51 -2.53
N CYS A 38 2.05 0.16 -2.37
CA CYS A 38 2.91 -0.10 -3.52
C CYS A 38 2.30 -1.25 -4.33
N SER A 39 1.40 -1.98 -3.68
CA SER A 39 0.74 -3.10 -4.32
C SER A 39 -0.23 -2.60 -5.39
N GLY A 40 -0.92 -1.52 -5.05
CA GLY A 40 -1.89 -0.93 -5.97
C GLY A 40 -1.17 -0.15 -7.08
N LEU A 41 -0.06 0.45 -6.72
CA LEU A 41 0.72 1.24 -7.67
C LEU A 41 1.66 0.30 -8.43
N GLY A 42 2.61 -0.26 -7.69
CA GLY A 42 3.57 -1.17 -8.28
C GLY A 42 5.00 -0.65 -8.10
N THR A 43 5.23 -0.06 -6.94
CA THR A 43 6.55 0.48 -6.63
C THR A 43 7.14 -0.22 -5.40
N CYS A 44 6.77 -1.47 -5.24
CA CYS A 44 7.26 -2.26 -4.12
C CYS A 44 8.74 -2.53 -4.33
N CYS A 45 9.47 -2.61 -3.22
CA CYS A 45 10.89 -2.87 -3.27
C CYS A 45 11.10 -4.38 -3.44
N GLU A 46 12.26 -4.73 -3.98
CA GLU A 46 12.60 -6.12 -4.20
C GLU A 46 12.83 -6.83 -2.86
N ASP A 47 13.25 -6.05 -1.88
CA ASP A 47 13.52 -6.57 -0.55
C ASP A 47 12.49 -5.99 0.44
N PHE A 48 11.43 -5.45 -0.13
CA PHE A 48 10.37 -4.86 0.69
C PHE A 48 9.73 -5.91 1.59
N LEU A 49 9.37 -7.03 0.97
CA LEU A 49 8.73 -8.11 1.69
C LEU A 49 9.77 -8.82 2.57
N ASP A 50 11.00 -8.81 2.08
CA ASP A 50 12.10 -9.44 2.80
C ASP A 50 12.23 -8.81 4.19
N TYR A 51 12.02 -7.50 4.22
CA TYR A 51 12.11 -6.76 5.47
C TYR A 51 10.72 -6.46 6.03
N CYS A 52 9.74 -6.49 5.14
CA CYS A 52 8.37 -6.22 5.53
C CYS A 52 7.51 -7.42 5.13
N LEU A 53 7.79 -8.55 5.76
CA LEU A 53 7.06 -9.78 5.46
C LEU A 53 6.06 -10.05 6.59
N GLU A 54 5.65 -8.97 7.25
CA GLU A 54 4.70 -9.09 8.35
C GLU A 54 4.34 -7.70 8.87
N ILE A 55 4.12 -6.78 7.94
CA ILE A 55 3.76 -5.42 8.29
C ILE A 55 2.31 -5.15 7.87
N LEU A 56 1.91 -5.82 6.80
CA LEU A 56 0.57 -5.66 6.28
C LEU A 56 -0.42 -5.57 7.46
N PRO A 57 -0.82 -4.32 7.78
CA PRO A 57 -1.75 -4.08 8.87
C PRO A 57 -3.17 -4.47 8.47
N SER A 58 -3.83 -5.19 9.36
CA SER A 58 -5.20 -5.63 9.11
C SER A 58 -6.01 -4.48 8.52
N SER A 59 -7.05 -4.86 7.78
CA SER A 59 -7.92 -3.86 7.16
C SER A 59 -8.93 -3.35 8.18
N GLY A 60 -9.72 -4.27 8.72
CA GLY A 60 -10.73 -3.92 9.69
C GLY A 60 -10.62 -4.81 10.93
N SER A 61 -11.14 -4.30 12.04
CA SER A 61 -11.11 -5.04 13.29
C SER A 61 -12.53 -5.32 13.76
N MET A 62 -12.64 -6.25 14.69
CA MET A 62 -13.93 -6.62 15.24
C MET A 62 -14.80 -7.32 14.18
N MET A 63 -15.27 -6.52 13.24
CA MET A 63 -16.11 -7.05 12.17
C MET A 63 -17.30 -7.82 12.73
N GLY A 64 -18.41 -7.10 12.89
CA GLY A 64 -19.62 -7.70 13.42
C GLY A 64 -20.12 -8.82 12.52
N GLY A 65 -21.21 -8.55 11.82
CA GLY A 65 -21.79 -9.52 10.91
C GLY A 65 -23.19 -9.93 11.38
N LYS A 66 -23.97 -10.44 10.44
CA LYS A 66 -25.33 -10.88 10.74
C LYS A 66 -25.48 -12.36 10.37
N ASP A 67 -24.97 -13.21 11.25
CA ASP A 67 -25.04 -14.64 11.02
C ASP A 67 -26.36 -15.18 11.57
N PHE A 68 -27.35 -15.27 10.69
CA PHE A 68 -28.66 -15.76 11.06
C PHE A 68 -28.57 -17.18 11.62
N VAL A 69 -29.56 -17.53 12.44
CA VAL A 69 -29.61 -18.84 13.04
C VAL A 69 -30.57 -19.73 12.24
N VAL A 70 -30.18 -20.99 12.13
CA VAL A 70 -31.00 -21.96 11.40
C VAL A 70 -31.62 -22.95 12.38
N GLN A 71 -32.89 -23.23 12.16
CA GLN A 71 -33.61 -24.16 13.02
C GLN A 71 -32.89 -25.50 13.08
N HIS A 72 -32.98 -26.14 14.24
CA HIS A 72 -32.35 -27.43 14.44
C HIS A 72 -33.39 -28.45 14.92
N LEU A 73 -32.96 -29.70 14.96
CA LEU A 73 -33.84 -30.78 15.40
C LEU A 73 -33.60 -31.05 16.88
N LYS A 74 -34.42 -31.95 17.42
CA LYS A 74 -34.30 -32.31 18.82
C LYS A 74 -34.02 -33.81 18.94
N TRP A 75 -33.44 -34.19 20.07
CA TRP A 75 -33.12 -35.59 20.31
C TRP A 75 -32.85 -35.75 21.80
N THR A 76 -32.96 -36.99 22.25
CA THR A 76 -32.72 -37.30 23.66
C THR A 76 -32.08 -38.68 23.80
N ASP A 77 -31.38 -38.86 24.92
CA ASP A 77 -30.71 -40.12 25.19
C ASP A 77 -30.48 -40.25 26.68
N PRO A 78 -30.97 -41.38 27.24
CA PRO A 78 -30.82 -41.64 28.67
C PRO A 78 -29.39 -42.07 29.01
N SER A 79 -29.15 -42.29 30.28
CA SER A 79 -27.84 -42.70 30.75
C SER A 79 -27.96 -43.53 32.02
N GLY A 80 -26.86 -44.19 32.37
CA GLY A 80 -26.84 -45.03 33.56
C GLY A 80 -25.41 -45.22 34.06
N PRO A 81 -25.03 -44.39 35.07
CA PRO A 81 -23.70 -44.46 35.64
C PRO A 81 -23.56 -45.67 36.55
N SER A 82 -22.37 -45.83 37.11
CA SER A 82 -22.10 -46.95 38.00
C SER A 82 -21.07 -46.53 39.06
N SER A 83 -20.79 -47.46 39.96
CA SER A 83 -19.84 -47.20 41.03
C SER A 83 -19.08 -48.49 41.37
N GLY A 84 -18.06 -48.33 42.21
CA GLY A 84 -17.26 -49.47 42.63
C GLY A 84 -17.13 -49.53 44.15
N GLY A 1 28.70 10.95 3.99
CA GLY A 1 29.82 11.84 3.78
C GLY A 1 30.13 11.98 2.28
N SER A 2 30.78 13.08 1.95
CA SER A 2 31.14 13.35 0.56
C SER A 2 32.66 13.53 0.44
N SER A 3 33.30 12.55 -0.17
CA SER A 3 34.73 12.59 -0.35
C SER A 3 35.10 12.15 -1.78
N GLY A 4 35.59 13.11 -2.55
CA GLY A 4 35.97 12.83 -3.93
C GLY A 4 36.11 14.12 -4.73
N SER A 5 34.98 14.60 -5.21
CA SER A 5 34.96 15.83 -5.99
C SER A 5 33.57 16.48 -5.92
N SER A 6 33.52 17.73 -6.35
CA SER A 6 32.27 18.48 -6.34
C SER A 6 31.30 17.88 -7.34
N GLY A 7 31.72 17.87 -8.60
CA GLY A 7 30.89 17.32 -9.67
C GLY A 7 31.75 16.85 -10.83
N ILE A 8 31.29 15.78 -11.47
CA ILE A 8 32.01 15.22 -12.61
C ILE A 8 31.00 14.64 -13.60
N PRO A 9 30.54 15.51 -14.54
CA PRO A 9 29.59 15.09 -15.55
C PRO A 9 30.25 14.21 -16.62
N GLY A 10 29.56 13.16 -16.99
CA GLY A 10 30.07 12.25 -18.00
C GLY A 10 28.93 11.49 -18.69
N PRO A 11 29.30 10.74 -19.76
CA PRO A 11 28.33 9.97 -20.51
C PRO A 11 27.90 8.72 -19.73
N GLY A 12 28.88 8.09 -19.12
CA GLY A 12 28.63 6.88 -18.36
C GLY A 12 27.68 7.17 -17.18
N PHE A 13 26.64 6.36 -17.08
CA PHE A 13 25.66 6.52 -16.02
C PHE A 13 24.94 5.19 -15.74
N THR A 14 24.18 5.19 -14.66
CA THR A 14 23.43 4.01 -14.27
C THR A 14 21.97 4.38 -13.96
N ALA A 15 21.09 3.43 -14.23
CA ALA A 15 19.67 3.65 -13.98
C ALA A 15 19.12 2.45 -13.20
N GLY A 16 19.24 2.54 -11.88
CA GLY A 16 18.77 1.48 -11.01
C GLY A 16 19.80 1.14 -9.94
N ALA A 17 19.50 1.55 -8.71
CA ALA A 17 20.38 1.30 -7.59
C ALA A 17 19.71 1.76 -6.30
N GLN A 18 20.16 1.18 -5.20
CA GLN A 18 19.62 1.53 -3.89
C GLN A 18 18.12 1.23 -3.85
N GLY A 19 17.58 1.23 -2.64
CA GLY A 19 16.16 0.97 -2.45
C GLY A 19 15.95 -0.21 -1.48
N SER A 20 16.08 0.10 -0.20
CA SER A 20 15.91 -0.91 0.83
C SER A 20 14.76 -0.50 1.77
N CYS A 21 14.11 -1.52 2.33
CA CYS A 21 13.01 -1.29 3.24
C CYS A 21 13.31 -2.01 4.55
N SER A 22 14.52 -1.81 5.04
CA SER A 22 14.94 -2.43 6.28
C SER A 22 14.44 -1.62 7.47
N LEU A 23 14.70 -0.32 7.42
CA LEU A 23 14.28 0.57 8.49
C LEU A 23 13.16 1.48 7.97
N ARG A 24 12.25 0.87 7.23
CA ARG A 24 11.12 1.61 6.68
C ARG A 24 9.81 0.85 6.94
N CYS A 25 9.43 0.03 5.98
CA CYS A 25 8.20 -0.74 6.10
C CYS A 25 7.04 0.23 6.27
N GLY A 26 7.10 1.32 5.53
CA GLY A 26 6.05 2.33 5.60
C GLY A 26 6.55 3.67 5.05
N ALA A 27 6.94 3.65 3.78
CA ALA A 27 7.44 4.85 3.13
C ALA A 27 7.26 4.72 1.62
N GLN A 28 7.33 5.85 0.94
CA GLN A 28 7.17 5.87 -0.50
C GLN A 28 8.37 6.59 -1.14
N ASP A 29 8.98 5.89 -2.10
CA ASP A 29 10.13 6.45 -2.80
C ASP A 29 9.89 6.36 -4.31
N GLY A 30 10.85 6.88 -5.06
CA GLY A 30 10.75 6.87 -6.51
C GLY A 30 11.22 5.53 -7.08
N LEU A 31 12.36 5.07 -6.57
CA LEU A 31 12.92 3.81 -7.02
C LEU A 31 12.02 2.66 -6.55
N CYS A 32 11.58 2.78 -5.31
CA CYS A 32 10.72 1.76 -4.72
C CYS A 32 9.93 2.39 -3.58
N SER A 33 9.10 1.58 -2.95
CA SER A 33 8.28 2.05 -1.84
C SER A 33 8.20 0.97 -0.76
N CYS A 34 8.14 1.44 0.49
CA CYS A 34 8.05 0.53 1.62
C CYS A 34 6.66 0.65 2.23
N HIS A 35 5.79 1.33 1.49
CA HIS A 35 4.42 1.52 1.96
C HIS A 35 3.59 0.28 1.62
N PRO A 36 2.56 0.02 2.47
CA PRO A 36 1.68 -1.12 2.28
C PRO A 36 0.70 -0.87 1.12
N THR A 37 0.82 0.32 0.54
CA THR A 37 -0.05 0.70 -0.57
C THR A 37 0.69 0.55 -1.89
N CYS A 38 1.97 0.24 -1.79
CA CYS A 38 2.81 0.08 -2.97
C CYS A 38 2.25 -1.11 -3.78
N SER A 39 1.51 -1.97 -3.08
CA SER A 39 0.93 -3.13 -3.71
C SER A 39 -0.08 -2.70 -4.78
N GLY A 40 -0.85 -1.68 -4.44
CA GLY A 40 -1.85 -1.15 -5.36
C GLY A 40 -1.19 -0.33 -6.47
N LEU A 41 -0.04 0.22 -6.16
CA LEU A 41 0.69 1.03 -7.11
C LEU A 41 1.57 0.12 -7.99
N GLY A 42 2.59 -0.45 -7.35
CA GLY A 42 3.50 -1.34 -8.06
C GLY A 42 4.93 -0.79 -8.02
N THR A 43 5.29 -0.26 -6.87
CA THR A 43 6.63 0.30 -6.69
C THR A 43 7.31 -0.32 -5.46
N CYS A 44 6.72 -1.41 -4.99
CA CYS A 44 7.26 -2.11 -3.84
C CYS A 44 8.72 -2.46 -4.11
N CYS A 45 9.51 -2.46 -3.04
CA CYS A 45 10.92 -2.78 -3.17
C CYS A 45 11.07 -4.30 -3.31
N GLU A 46 12.09 -4.69 -4.05
CA GLU A 46 12.34 -6.10 -4.28
C GLU A 46 12.65 -6.81 -2.95
N ASP A 47 13.14 -6.03 -2.00
CA ASP A 47 13.47 -6.55 -0.69
C ASP A 47 12.48 -6.01 0.34
N PHE A 48 11.35 -5.53 -0.16
CA PHE A 48 10.33 -4.96 0.70
C PHE A 48 9.78 -6.02 1.67
N LEU A 49 9.46 -7.18 1.11
CA LEU A 49 8.92 -8.28 1.90
C LEU A 49 10.05 -8.89 2.72
N ASP A 50 11.26 -8.83 2.16
CA ASP A 50 12.42 -9.38 2.82
C ASP A 50 12.59 -8.70 4.19
N TYR A 51 12.12 -7.47 4.26
CA TYR A 51 12.22 -6.70 5.49
C TYR A 51 10.83 -6.42 6.07
N CYS A 52 9.83 -6.56 5.22
CA CYS A 52 8.45 -6.34 5.63
C CYS A 52 7.60 -7.51 5.14
N LEU A 53 7.80 -8.65 5.76
CA LEU A 53 7.07 -9.85 5.40
C LEU A 53 5.93 -10.07 6.41
N GLU A 54 5.49 -8.98 6.99
CA GLU A 54 4.41 -9.04 7.97
C GLU A 54 3.96 -7.62 8.36
N ILE A 55 3.59 -6.86 7.34
CA ILE A 55 3.14 -5.50 7.56
C ILE A 55 1.82 -5.28 6.82
N LEU A 56 1.79 -5.75 5.58
CA LEU A 56 0.59 -5.61 4.76
C LEU A 56 -0.65 -5.88 5.63
N PRO A 57 -1.81 -5.35 5.14
CA PRO A 57 -3.06 -5.52 5.85
C PRO A 57 -3.59 -6.95 5.68
N SER A 58 -4.42 -7.36 6.64
CA SER A 58 -5.00 -8.68 6.61
C SER A 58 -6.49 -8.60 6.29
N SER A 59 -6.80 -8.79 5.01
CA SER A 59 -8.18 -8.73 4.56
C SER A 59 -9.01 -9.80 5.29
N GLY A 60 -9.98 -9.32 6.07
CA GLY A 60 -10.84 -10.21 6.83
C GLY A 60 -10.03 -11.06 7.81
N SER A 61 -10.60 -11.25 8.99
CA SER A 61 -9.95 -12.03 10.02
C SER A 61 -10.95 -13.02 10.64
N MET A 62 -11.10 -14.15 9.97
CA MET A 62 -12.02 -15.17 10.44
C MET A 62 -12.02 -16.38 9.51
N MET A 63 -11.64 -17.52 10.06
CA MET A 63 -11.58 -18.75 9.30
C MET A 63 -12.85 -18.93 8.47
N GLY A 64 -12.71 -19.67 7.38
CA GLY A 64 -13.83 -19.93 6.49
C GLY A 64 -13.96 -21.42 6.20
N GLY A 65 -14.47 -22.15 7.19
CA GLY A 65 -14.65 -23.59 7.04
C GLY A 65 -13.50 -24.35 7.71
N LYS A 66 -12.67 -24.97 6.87
CA LYS A 66 -11.54 -25.73 7.36
C LYS A 66 -10.59 -26.01 6.21
N ASP A 67 -9.85 -24.97 5.82
CA ASP A 67 -8.90 -25.11 4.72
C ASP A 67 -7.69 -25.92 5.20
N PHE A 68 -7.04 -25.41 6.23
CA PHE A 68 -5.87 -26.08 6.79
C PHE A 68 -5.35 -25.33 8.01
N VAL A 69 -5.31 -26.04 9.12
CA VAL A 69 -4.83 -25.46 10.38
C VAL A 69 -3.48 -26.08 10.73
N VAL A 70 -2.51 -25.20 10.95
CA VAL A 70 -1.17 -25.64 11.32
C VAL A 70 -0.99 -25.56 12.83
N GLN A 71 0.02 -26.28 13.31
CA GLN A 71 0.30 -26.29 14.74
C GLN A 71 1.63 -25.58 15.02
N HIS A 72 1.70 -24.97 16.19
CA HIS A 72 2.90 -24.26 16.59
C HIS A 72 3.85 -25.22 17.31
N LEU A 73 5.09 -24.77 17.47
CA LEU A 73 6.10 -25.58 18.13
C LEU A 73 6.75 -24.76 19.25
N LYS A 74 7.56 -25.44 20.04
CA LYS A 74 8.25 -24.78 21.15
C LYS A 74 9.68 -24.47 20.72
N TRP A 75 10.35 -23.65 21.53
CA TRP A 75 11.71 -23.27 21.26
C TRP A 75 12.63 -24.20 22.05
N THR A 76 13.83 -24.40 21.52
CA THR A 76 14.80 -25.26 22.17
C THR A 76 16.21 -24.68 22.03
N ASP A 77 16.96 -24.75 23.12
CA ASP A 77 18.32 -24.24 23.13
C ASP A 77 19.13 -24.92 22.03
N PRO A 78 19.84 -24.08 21.22
CA PRO A 78 20.65 -24.60 20.14
C PRO A 78 21.93 -25.24 20.67
N SER A 79 21.77 -26.39 21.29
CA SER A 79 22.91 -27.12 21.85
C SER A 79 23.37 -28.19 20.87
N GLY A 80 24.33 -27.81 20.03
CA GLY A 80 24.87 -28.73 19.05
C GLY A 80 26.15 -29.41 19.56
N PRO A 81 27.26 -28.64 19.49
CA PRO A 81 28.54 -29.15 19.95
C PRO A 81 28.62 -29.18 21.48
N SER A 82 28.96 -30.35 22.00
CA SER A 82 29.07 -30.51 23.44
C SER A 82 29.75 -29.30 24.06
N SER A 83 28.95 -28.50 24.76
CA SER A 83 29.46 -27.30 25.41
C SER A 83 29.06 -27.29 26.88
N GLY A 84 29.89 -26.65 27.68
CA GLY A 84 29.64 -26.56 29.12
C GLY A 84 30.78 -27.16 29.92
N GLY A 1 -21.23 20.21 8.41
CA GLY A 1 -19.83 19.89 8.62
C GLY A 1 -18.94 20.59 7.61
N SER A 2 -18.89 20.03 6.40
CA SER A 2 -18.07 20.59 5.35
C SER A 2 -16.60 20.51 5.71
N SER A 3 -15.77 20.46 4.69
CA SER A 3 -14.33 20.38 4.88
C SER A 3 -13.62 20.27 3.53
N GLY A 4 -12.31 20.49 3.57
CA GLY A 4 -11.51 20.43 2.36
C GLY A 4 -10.05 20.83 2.65
N SER A 5 -9.25 20.81 1.59
CA SER A 5 -7.86 21.17 1.71
C SER A 5 -7.24 21.36 0.32
N SER A 6 -6.10 22.04 0.31
CA SER A 6 -5.40 22.29 -0.94
C SER A 6 -3.91 21.99 -0.79
N GLY A 7 -3.32 22.61 0.22
CA GLY A 7 -1.91 22.43 0.49
C GLY A 7 -1.65 21.06 1.14
N ILE A 8 -0.39 20.68 1.15
CA ILE A 8 0.00 19.40 1.74
C ILE A 8 1.41 19.04 1.27
N PRO A 9 1.61 19.07 -0.07
CA PRO A 9 2.90 18.76 -0.65
C PRO A 9 3.89 19.91 -0.45
N GLY A 10 5.17 19.56 -0.48
CA GLY A 10 6.22 20.55 -0.31
C GLY A 10 7.35 20.34 -1.32
N PRO A 11 8.11 21.44 -1.57
CA PRO A 11 9.22 21.38 -2.50
C PRO A 11 10.42 20.64 -1.90
N GLY A 12 11.31 20.22 -2.77
CA GLY A 12 12.50 19.51 -2.34
C GLY A 12 12.53 18.09 -2.92
N PHE A 13 13.53 17.86 -3.76
CA PHE A 13 13.69 16.56 -4.39
C PHE A 13 15.14 16.10 -4.35
N THR A 14 15.35 14.95 -3.71
CA THR A 14 16.69 14.39 -3.60
C THR A 14 16.65 12.87 -3.71
N ALA A 15 16.87 12.39 -4.92
CA ALA A 15 16.86 10.96 -5.18
C ALA A 15 18.15 10.56 -5.90
N GLY A 16 18.57 9.32 -5.66
CA GLY A 16 19.78 8.81 -6.27
C GLY A 16 20.38 7.69 -5.44
N ALA A 17 20.54 6.53 -6.08
CA ALA A 17 21.10 5.37 -5.41
C ALA A 17 20.38 5.16 -4.07
N GLN A 18 19.22 4.52 -4.16
CA GLN A 18 18.43 4.24 -2.97
C GLN A 18 17.21 3.40 -3.33
N GLY A 19 16.40 3.12 -2.32
CA GLY A 19 15.19 2.33 -2.52
C GLY A 19 15.28 1.01 -1.74
N SER A 20 15.48 1.13 -0.44
CA SER A 20 15.57 -0.03 0.41
C SER A 20 14.57 0.08 1.56
N CYS A 21 14.13 -1.08 2.03
CA CYS A 21 13.17 -1.13 3.12
C CYS A 21 13.78 -1.95 4.26
N SER A 22 14.89 -1.45 4.78
CA SER A 22 15.57 -2.12 5.87
C SER A 22 14.95 -1.72 7.20
N LEU A 23 14.97 -0.41 7.46
CA LEU A 23 14.41 0.11 8.69
C LEU A 23 13.23 1.01 8.36
N ARG A 24 12.61 0.74 7.23
CA ARG A 24 11.46 1.52 6.79
C ARG A 24 10.16 0.74 7.04
N CYS A 25 9.74 0.02 6.02
CA CYS A 25 8.53 -0.78 6.12
C CYS A 25 7.36 0.17 6.42
N GLY A 26 7.39 1.33 5.76
CA GLY A 26 6.35 2.33 5.95
C GLY A 26 6.77 3.67 5.35
N ALA A 27 7.11 3.64 4.07
CA ALA A 27 7.53 4.84 3.38
C ALA A 27 7.28 4.68 1.89
N GLN A 28 7.32 5.81 1.18
CA GLN A 28 7.11 5.80 -0.25
C GLN A 28 8.27 6.49 -0.97
N ASP A 29 8.84 5.79 -1.93
CA ASP A 29 9.96 6.32 -2.70
C ASP A 29 9.66 6.19 -4.19
N GLY A 30 10.56 6.74 -4.99
CA GLY A 30 10.40 6.69 -6.43
C GLY A 30 10.83 5.33 -6.99
N LEU A 31 12.06 4.96 -6.66
CA LEU A 31 12.60 3.68 -7.11
C LEU A 31 11.73 2.54 -6.58
N CYS A 32 11.42 2.63 -5.31
CA CYS A 32 10.60 1.62 -4.66
C CYS A 32 9.72 2.30 -3.60
N SER A 33 9.05 1.48 -2.81
CA SER A 33 8.19 1.98 -1.76
C SER A 33 8.07 0.95 -0.63
N CYS A 34 8.13 1.46 0.59
CA CYS A 34 8.03 0.60 1.76
C CYS A 34 6.63 0.73 2.34
N HIS A 35 5.68 1.05 1.46
CA HIS A 35 4.30 1.21 1.87
C HIS A 35 3.47 0.02 1.37
N PRO A 36 2.38 -0.27 2.13
CA PRO A 36 1.50 -1.38 1.78
C PRO A 36 0.63 -1.03 0.57
N THR A 37 0.81 0.19 0.08
CA THR A 37 0.04 0.67 -1.06
C THR A 37 0.82 0.43 -2.35
N CYS A 38 2.09 0.09 -2.20
CA CYS A 38 2.94 -0.16 -3.34
C CYS A 38 2.28 -1.24 -4.21
N SER A 39 1.38 -1.98 -3.59
CA SER A 39 0.66 -3.04 -4.29
C SER A 39 -0.27 -2.43 -5.34
N GLY A 40 -0.90 -1.34 -4.95
CA GLY A 40 -1.82 -0.64 -5.85
C GLY A 40 -1.07 0.14 -6.91
N LEU A 41 0.09 0.67 -6.51
CA LEU A 41 0.91 1.44 -7.42
C LEU A 41 1.77 0.49 -8.26
N GLY A 42 2.70 -0.16 -7.58
CA GLY A 42 3.58 -1.10 -8.26
C GLY A 42 5.04 -0.66 -8.15
N THR A 43 5.40 -0.20 -6.95
CA THR A 43 6.75 0.26 -6.70
C THR A 43 7.32 -0.40 -5.45
N CYS A 44 6.84 -1.61 -5.18
CA CYS A 44 7.28 -2.36 -4.02
C CYS A 44 8.77 -2.65 -4.18
N CYS A 45 9.47 -2.63 -3.06
CA CYS A 45 10.90 -2.88 -3.05
C CYS A 45 11.12 -4.39 -3.15
N GLU A 46 12.19 -4.76 -3.83
CA GLU A 46 12.52 -6.17 -4.01
C GLU A 46 12.80 -6.82 -2.65
N ASP A 47 13.21 -5.99 -1.70
CA ASP A 47 13.51 -6.47 -0.36
C ASP A 47 12.46 -5.92 0.62
N PHE A 48 11.35 -5.49 0.05
CA PHE A 48 10.27 -4.94 0.87
C PHE A 48 9.65 -6.00 1.76
N LEU A 49 9.35 -7.14 1.16
CA LEU A 49 8.75 -8.24 1.89
C LEU A 49 9.82 -8.89 2.78
N ASP A 50 11.06 -8.83 2.31
CA ASP A 50 12.17 -9.40 3.04
C ASP A 50 12.24 -8.77 4.43
N TYR A 51 11.97 -7.47 4.46
CA TYR A 51 12.01 -6.74 5.72
C TYR A 51 10.59 -6.44 6.21
N CYS A 52 9.64 -6.57 5.31
CA CYS A 52 8.25 -6.33 5.64
C CYS A 52 7.41 -7.49 5.09
N LEU A 53 7.63 -8.65 5.67
CA LEU A 53 6.90 -9.85 5.27
C LEU A 53 5.73 -10.08 6.21
N GLU A 54 5.49 -9.09 7.07
CA GLU A 54 4.41 -9.17 8.02
C GLU A 54 4.02 -7.77 8.51
N ILE A 55 3.91 -6.86 7.57
CA ILE A 55 3.55 -5.49 7.89
C ILE A 55 2.14 -5.19 7.36
N LEU A 56 1.79 -5.88 6.29
CA LEU A 56 0.48 -5.71 5.69
C LEU A 56 -0.60 -5.91 6.74
N PRO A 57 -1.78 -5.29 6.50
CA PRO A 57 -2.90 -5.41 7.42
C PRO A 57 -3.57 -6.78 7.31
N SER A 58 -3.94 -7.12 6.08
CA SER A 58 -4.59 -8.40 5.82
C SER A 58 -4.87 -8.55 4.32
N SER A 59 -3.86 -9.03 3.61
CA SER A 59 -3.98 -9.23 2.18
C SER A 59 -4.38 -7.92 1.50
N GLY A 60 -4.33 -7.93 0.18
CA GLY A 60 -4.68 -6.76 -0.60
C GLY A 60 -6.13 -6.84 -1.11
N SER A 61 -7.06 -6.72 -0.17
CA SER A 61 -8.46 -6.79 -0.51
C SER A 61 -9.14 -5.44 -0.22
N MET A 62 -9.05 -4.55 -1.19
CA MET A 62 -9.63 -3.23 -1.04
C MET A 62 -9.46 -2.40 -2.31
N MET A 63 -10.56 -2.20 -3.01
CA MET A 63 -10.53 -1.44 -4.25
C MET A 63 -11.66 -0.41 -4.29
N GLY A 64 -11.37 0.73 -4.89
CA GLY A 64 -12.35 1.79 -5.00
C GLY A 64 -12.77 2.01 -6.46
N GLY A 65 -11.91 2.73 -7.19
CA GLY A 65 -12.18 3.02 -8.58
C GLY A 65 -13.66 3.31 -8.81
N LYS A 66 -14.01 4.58 -8.70
CA LYS A 66 -15.38 5.00 -8.89
C LYS A 66 -15.40 6.35 -9.62
N ASP A 67 -16.58 6.68 -10.15
CA ASP A 67 -16.74 7.93 -10.87
C ASP A 67 -15.84 7.93 -12.11
N PHE A 68 -16.42 8.30 -13.24
CA PHE A 68 -15.69 8.34 -14.48
C PHE A 68 -16.46 9.14 -15.55
N VAL A 69 -15.71 9.66 -16.50
CA VAL A 69 -16.30 10.45 -17.57
C VAL A 69 -15.76 9.96 -18.91
N VAL A 70 -16.55 10.16 -19.95
CA VAL A 70 -16.17 9.75 -21.29
C VAL A 70 -16.33 10.93 -22.25
N GLN A 71 -15.42 10.99 -23.22
CA GLN A 71 -15.45 12.06 -24.20
C GLN A 71 -14.63 11.66 -25.44
N HIS A 72 -15.09 12.16 -26.58
CA HIS A 72 -14.41 11.86 -27.83
C HIS A 72 -15.06 12.66 -28.97
N LEU A 73 -14.44 12.59 -30.13
CA LEU A 73 -14.94 13.30 -31.29
C LEU A 73 -15.10 14.79 -30.96
N LYS A 74 -14.03 15.53 -31.19
CA LYS A 74 -14.04 16.95 -30.91
C LYS A 74 -12.72 17.58 -31.38
N TRP A 75 -12.64 17.79 -32.69
CA TRP A 75 -11.44 18.37 -33.28
C TRP A 75 -11.86 19.16 -34.52
N THR A 76 -11.16 20.26 -34.74
CA THR A 76 -11.45 21.11 -35.89
C THR A 76 -10.39 22.20 -36.03
N ASP A 77 -9.96 22.41 -37.26
CA ASP A 77 -8.95 23.42 -37.54
C ASP A 77 -8.61 23.40 -39.04
N PRO A 78 -9.23 24.37 -39.77
CA PRO A 78 -9.01 24.47 -41.20
C PRO A 78 -7.63 25.08 -41.50
N SER A 79 -7.35 25.20 -42.79
CA SER A 79 -6.08 25.76 -43.21
C SER A 79 -6.28 26.61 -44.47
N GLY A 80 -5.23 27.34 -44.83
CA GLY A 80 -5.28 28.20 -46.00
C GLY A 80 -4.01 29.05 -46.11
N PRO A 81 -3.05 28.57 -46.94
CA PRO A 81 -1.81 29.27 -47.13
C PRO A 81 -2.00 30.50 -48.03
N SER A 82 -0.91 31.21 -48.27
CA SER A 82 -0.94 32.39 -49.10
C SER A 82 0.48 32.86 -49.41
N SER A 83 0.56 33.85 -50.29
CA SER A 83 1.85 34.40 -50.68
C SER A 83 2.66 33.34 -51.45
N GLY A 84 3.61 33.82 -52.24
CA GLY A 84 4.45 32.93 -53.02
C GLY A 84 5.88 33.47 -53.10
N GLY A 1 -4.36 34.69 -9.15
CA GLY A 1 -3.28 33.83 -8.74
C GLY A 1 -2.72 34.24 -7.38
N SER A 2 -1.42 34.04 -7.22
CA SER A 2 -0.75 34.38 -5.98
C SER A 2 0.67 34.86 -6.25
N SER A 3 1.45 34.00 -6.89
CA SER A 3 2.82 34.32 -7.22
C SER A 3 3.40 33.23 -8.13
N GLY A 4 4.58 33.53 -8.68
CA GLY A 4 5.25 32.59 -9.56
C GLY A 4 6.17 31.65 -8.77
N SER A 5 6.64 30.62 -9.45
CA SER A 5 7.51 29.65 -8.83
C SER A 5 8.48 29.06 -9.88
N SER A 6 9.74 28.99 -9.49
CA SER A 6 10.76 28.46 -10.38
C SER A 6 10.63 26.94 -10.48
N GLY A 7 11.24 26.39 -11.52
CA GLY A 7 11.19 24.95 -11.74
C GLY A 7 11.99 24.22 -10.67
N ILE A 8 12.49 23.04 -11.05
CA ILE A 8 13.27 22.22 -10.14
C ILE A 8 14.54 21.74 -10.84
N PRO A 9 15.60 22.58 -10.77
CA PRO A 9 16.87 22.25 -11.40
C PRO A 9 17.61 21.18 -10.59
N GLY A 10 17.95 20.10 -11.28
CA GLY A 10 18.66 19.00 -10.65
C GLY A 10 20.18 19.25 -10.66
N PRO A 11 20.88 18.55 -9.73
CA PRO A 11 22.32 18.68 -9.62
C PRO A 11 23.02 17.93 -10.76
N GLY A 12 24.32 18.18 -10.86
CA GLY A 12 25.12 17.54 -11.90
C GLY A 12 25.43 16.09 -11.54
N PHE A 13 26.16 15.93 -10.44
CA PHE A 13 26.53 14.61 -9.98
C PHE A 13 25.38 13.94 -9.22
N THR A 14 24.69 13.05 -9.92
CA THR A 14 23.58 12.34 -9.33
C THR A 14 23.71 10.83 -9.56
N ALA A 15 24.28 10.16 -8.57
CA ALA A 15 24.46 8.72 -8.66
C ALA A 15 24.20 8.10 -7.28
N GLY A 16 23.92 6.80 -7.30
CA GLY A 16 23.64 6.07 -6.08
C GLY A 16 22.80 4.82 -6.35
N ALA A 17 22.78 3.93 -5.38
CA ALA A 17 22.02 2.70 -5.51
C ALA A 17 21.25 2.45 -4.21
N GLN A 18 20.09 3.08 -4.11
CA GLN A 18 19.25 2.93 -2.93
C GLN A 18 17.97 2.19 -3.28
N GLY A 19 17.10 2.07 -2.29
CA GLY A 19 15.83 1.39 -2.47
C GLY A 19 15.73 0.17 -1.56
N SER A 20 15.83 0.42 -0.27
CA SER A 20 15.75 -0.65 0.72
C SER A 20 14.67 -0.31 1.75
N CYS A 21 14.08 -1.37 2.31
CA CYS A 21 13.05 -1.21 3.31
C CYS A 21 13.44 -2.02 4.54
N SER A 22 14.66 -1.78 4.99
CA SER A 22 15.18 -2.48 6.16
C SER A 22 14.73 -1.75 7.43
N LEU A 23 14.93 -0.44 7.42
CA LEU A 23 14.56 0.38 8.57
C LEU A 23 13.38 1.29 8.19
N ARG A 24 12.61 0.82 7.21
CA ARG A 24 11.46 1.57 6.74
C ARG A 24 10.17 0.79 7.00
N CYS A 25 9.75 0.05 5.99
CA CYS A 25 8.54 -0.74 6.09
C CYS A 25 7.38 0.20 6.39
N GLY A 26 7.39 1.35 5.74
CA GLY A 26 6.35 2.34 5.94
C GLY A 26 6.77 3.70 5.36
N ALA A 27 7.13 3.68 4.09
CA ALA A 27 7.55 4.90 3.41
C ALA A 27 7.29 4.76 1.91
N GLN A 28 7.38 5.88 1.22
CA GLN A 28 7.16 5.90 -0.22
C GLN A 28 8.36 6.55 -0.94
N ASP A 29 8.89 5.83 -1.90
CA ASP A 29 10.02 6.32 -2.66
C ASP A 29 9.71 6.22 -4.16
N GLY A 30 10.62 6.78 -4.95
CA GLY A 30 10.45 6.75 -6.40
C GLY A 30 10.86 5.40 -6.98
N LEU A 31 12.09 5.01 -6.67
CA LEU A 31 12.61 3.74 -7.16
C LEU A 31 11.74 2.60 -6.62
N CYS A 32 11.37 2.72 -5.36
CA CYS A 32 10.53 1.71 -4.73
C CYS A 32 9.69 2.39 -3.65
N SER A 33 9.02 1.57 -2.86
CA SER A 33 8.18 2.07 -1.78
C SER A 33 8.07 1.04 -0.66
N CYS A 34 8.12 1.54 0.56
CA CYS A 34 8.04 0.66 1.72
C CYS A 34 6.63 0.79 2.31
N HIS A 35 5.69 1.14 1.44
CA HIS A 35 4.31 1.29 1.86
C HIS A 35 3.48 0.09 1.37
N PRO A 36 2.40 -0.22 2.14
CA PRO A 36 1.54 -1.33 1.79
C PRO A 36 0.64 -0.97 0.61
N THR A 37 0.81 0.25 0.12
CA THR A 37 0.02 0.72 -1.00
C THR A 37 0.80 0.56 -2.31
N CYS A 38 2.03 0.07 -2.16
CA CYS A 38 2.88 -0.15 -3.32
C CYS A 38 2.29 -1.27 -4.17
N SER A 39 1.42 -2.05 -3.53
CA SER A 39 0.78 -3.16 -4.21
C SER A 39 -0.17 -2.63 -5.28
N GLY A 40 -0.91 -1.58 -4.92
CA GLY A 40 -1.85 -0.98 -5.84
C GLY A 40 -1.13 -0.14 -6.90
N LEU A 41 -0.01 0.43 -6.49
CA LEU A 41 0.78 1.26 -7.39
C LEU A 41 1.67 0.36 -8.24
N GLY A 42 2.61 -0.29 -7.58
CA GLY A 42 3.54 -1.19 -8.26
C GLY A 42 4.98 -0.68 -8.13
N THR A 43 5.29 -0.16 -6.95
CA THR A 43 6.62 0.36 -6.70
C THR A 43 7.21 -0.30 -5.45
N CYS A 44 6.76 -1.52 -5.18
CA CYS A 44 7.23 -2.25 -4.03
C CYS A 44 8.73 -2.53 -4.22
N CYS A 45 9.43 -2.56 -3.09
CA CYS A 45 10.86 -2.81 -3.12
C CYS A 45 11.08 -4.32 -3.25
N GLU A 46 12.20 -4.67 -3.86
CA GLU A 46 12.53 -6.07 -4.05
C GLU A 46 12.79 -6.75 -2.71
N ASP A 47 13.21 -5.95 -1.75
CA ASP A 47 13.48 -6.46 -0.41
C ASP A 47 12.44 -5.90 0.57
N PHE A 48 11.31 -5.48 0.00
CA PHE A 48 10.23 -4.93 0.80
C PHE A 48 9.64 -6.00 1.71
N LEU A 49 9.34 -7.15 1.12
CA LEU A 49 8.75 -8.25 1.86
C LEU A 49 9.83 -8.89 2.73
N ASP A 50 11.06 -8.82 2.25
CA ASP A 50 12.18 -9.39 2.97
C ASP A 50 12.26 -8.75 4.37
N TYR A 51 12.03 -7.45 4.40
CA TYR A 51 12.06 -6.72 5.65
C TYR A 51 10.65 -6.45 6.17
N CYS A 52 9.70 -6.51 5.26
CA CYS A 52 8.30 -6.27 5.61
C CYS A 52 7.47 -7.44 5.09
N LEU A 53 7.72 -8.61 5.67
CA LEU A 53 7.00 -9.81 5.28
C LEU A 53 5.81 -10.02 6.21
N GLU A 54 5.58 -9.03 7.05
CA GLU A 54 4.48 -9.09 8.02
C GLU A 54 4.10 -7.69 8.47
N ILE A 55 3.94 -6.80 7.51
CA ILE A 55 3.56 -5.43 7.80
C ILE A 55 2.16 -5.16 7.24
N LEU A 56 1.86 -5.81 6.14
CA LEU A 56 0.55 -5.65 5.51
C LEU A 56 -0.54 -5.94 6.53
N PRO A 57 -1.73 -5.34 6.28
CA PRO A 57 -2.87 -5.53 7.17
C PRO A 57 -3.49 -6.91 6.97
N SER A 58 -3.32 -7.75 7.99
CA SER A 58 -3.86 -9.09 7.94
C SER A 58 -4.78 -9.32 9.14
N SER A 59 -6.08 -9.36 8.85
CA SER A 59 -7.07 -9.57 9.90
C SER A 59 -8.36 -10.11 9.28
N GLY A 60 -9.17 -10.72 10.13
CA GLY A 60 -10.43 -11.29 9.69
C GLY A 60 -11.52 -10.21 9.60
N SER A 61 -12.76 -10.64 9.81
CA SER A 61 -13.88 -9.73 9.77
C SER A 61 -13.94 -9.04 8.40
N MET A 62 -14.80 -9.56 7.54
CA MET A 62 -14.95 -9.00 6.20
C MET A 62 -16.25 -8.20 6.10
N MET A 63 -16.13 -6.91 6.40
CA MET A 63 -17.27 -6.01 6.34
C MET A 63 -17.75 -5.84 4.89
N GLY A 64 -19.05 -5.64 4.75
CA GLY A 64 -19.65 -5.45 3.45
C GLY A 64 -20.28 -4.06 3.32
N GLY A 65 -19.98 -3.42 2.20
CA GLY A 65 -20.52 -2.09 1.95
C GLY A 65 -21.48 -2.10 0.76
N LYS A 66 -21.21 -1.20 -0.19
CA LYS A 66 -22.05 -1.11 -1.37
C LYS A 66 -23.52 -1.23 -0.97
N ASP A 67 -23.89 -0.46 0.04
CA ASP A 67 -25.25 -0.47 0.53
C ASP A 67 -26.21 -0.37 -0.66
N PHE A 68 -27.46 -0.77 -0.41
CA PHE A 68 -28.48 -0.73 -1.44
C PHE A 68 -29.16 0.64 -1.50
N VAL A 69 -29.59 1.01 -2.69
CA VAL A 69 -30.26 2.28 -2.89
C VAL A 69 -31.67 2.04 -3.43
N VAL A 70 -32.50 3.06 -3.30
CA VAL A 70 -33.87 2.98 -3.77
C VAL A 70 -33.97 3.59 -5.16
N GLN A 71 -35.04 3.25 -5.86
CA GLN A 71 -35.27 3.76 -7.20
C GLN A 71 -36.12 5.04 -7.14
N HIS A 72 -36.21 5.70 -8.28
CA HIS A 72 -36.99 6.93 -8.37
C HIS A 72 -38.12 6.75 -9.37
N LEU A 73 -38.99 7.75 -9.43
CA LEU A 73 -40.12 7.71 -10.34
C LEU A 73 -40.13 8.98 -11.18
N LYS A 74 -41.00 8.98 -12.18
CA LYS A 74 -41.12 10.12 -13.07
C LYS A 74 -42.55 10.68 -12.99
N TRP A 75 -42.76 11.78 -13.69
CA TRP A 75 -44.07 12.41 -13.70
C TRP A 75 -44.14 13.34 -14.92
N THR A 76 -45.36 13.69 -15.30
CA THR A 76 -45.56 14.56 -16.44
C THR A 76 -46.45 15.75 -16.05
N ASP A 77 -46.57 16.68 -16.98
CA ASP A 77 -47.37 17.88 -16.74
C ASP A 77 -48.26 18.14 -17.96
N PRO A 78 -49.60 18.14 -17.70
CA PRO A 78 -50.56 18.38 -18.76
C PRO A 78 -50.59 19.86 -19.17
N SER A 79 -51.47 20.17 -20.10
CA SER A 79 -51.60 21.53 -20.58
C SER A 79 -53.05 22.00 -20.45
N GLY A 80 -53.25 23.29 -20.67
CA GLY A 80 -54.58 23.87 -20.57
C GLY A 80 -54.83 24.86 -21.72
N PRO A 81 -56.14 25.07 -22.02
CA PRO A 81 -56.53 25.98 -23.08
C PRO A 81 -56.35 27.44 -22.64
N SER A 82 -56.77 28.34 -23.51
CA SER A 82 -56.67 29.77 -23.24
C SER A 82 -57.56 30.55 -24.20
N SER A 83 -57.84 31.78 -23.81
CA SER A 83 -58.67 32.66 -24.63
C SER A 83 -60.11 32.14 -24.62
N GLY A 84 -61.01 32.99 -25.11
CA GLY A 84 -62.42 32.64 -25.18
C GLY A 84 -63.25 33.56 -24.29
N GLY A 1 17.70 46.28 -10.29
CA GLY A 1 18.97 45.57 -10.38
C GLY A 1 18.90 44.21 -9.69
N SER A 2 18.04 43.35 -10.24
CA SER A 2 17.87 42.02 -9.67
C SER A 2 18.67 41.01 -10.49
N SER A 3 18.77 39.80 -9.94
CA SER A 3 19.51 38.74 -10.61
C SER A 3 18.53 37.63 -11.05
N GLY A 4 19.05 36.73 -11.87
CA GLY A 4 18.26 35.62 -12.37
C GLY A 4 19.14 34.43 -12.75
N SER A 5 19.95 34.65 -13.78
CA SER A 5 20.84 33.60 -14.26
C SER A 5 21.72 33.10 -13.11
N SER A 6 22.09 31.83 -13.19
CA SER A 6 22.91 31.22 -12.16
C SER A 6 23.23 29.77 -12.55
N GLY A 7 24.27 29.24 -11.92
CA GLY A 7 24.69 27.88 -12.18
C GLY A 7 23.63 26.88 -11.69
N ILE A 8 24.11 25.79 -11.12
CA ILE A 8 23.22 24.76 -10.61
C ILE A 8 22.09 24.52 -11.62
N PRO A 9 22.47 24.02 -12.82
CA PRO A 9 21.51 23.75 -13.86
C PRO A 9 20.71 22.48 -13.55
N GLY A 10 21.42 21.45 -13.11
CA GLY A 10 20.78 20.19 -12.78
C GLY A 10 21.40 19.05 -13.58
N PRO A 11 22.36 18.33 -12.92
CA PRO A 11 23.03 17.21 -13.57
C PRO A 11 22.11 15.99 -13.62
N GLY A 12 21.53 15.78 -14.80
CA GLY A 12 20.63 14.65 -15.00
C GLY A 12 21.41 13.34 -15.10
N PHE A 13 21.10 12.43 -14.19
CA PHE A 13 21.77 11.14 -14.18
C PHE A 13 21.04 10.17 -13.22
N THR A 14 20.84 8.96 -13.72
CA THR A 14 20.16 7.94 -12.93
C THR A 14 21.13 7.32 -11.93
N ALA A 15 20.60 7.02 -10.75
CA ALA A 15 21.41 6.42 -9.70
C ALA A 15 21.19 4.91 -9.68
N GLY A 16 19.93 4.53 -9.47
CA GLY A 16 19.56 3.13 -9.43
C GLY A 16 20.44 2.36 -8.43
N ALA A 17 20.30 2.76 -7.17
CA ALA A 17 21.06 2.12 -6.10
C ALA A 17 20.20 2.02 -4.85
N GLN A 18 19.79 3.19 -4.36
CA GLN A 18 18.96 3.25 -3.17
C GLN A 18 17.68 2.44 -3.37
N GLY A 19 16.81 2.50 -2.37
CA GLY A 19 15.55 1.77 -2.42
C GLY A 19 15.60 0.53 -1.54
N SER A 20 15.75 0.76 -0.24
CA SER A 20 15.81 -0.32 0.72
C SER A 20 14.81 -0.09 1.85
N CYS A 21 14.34 -1.18 2.41
CA CYS A 21 13.37 -1.11 3.50
C CYS A 21 13.89 -1.95 4.67
N SER A 22 15.17 -1.79 4.94
CA SER A 22 15.80 -2.53 6.02
C SER A 22 15.38 -1.93 7.37
N LEU A 23 14.60 -0.87 7.29
CA LEU A 23 14.12 -0.21 8.50
C LEU A 23 13.03 0.80 8.13
N ARG A 24 12.28 0.45 7.09
CA ARG A 24 11.20 1.30 6.63
C ARG A 24 9.84 0.72 7.04
N CYS A 25 9.27 -0.07 6.15
CA CYS A 25 7.99 -0.70 6.41
C CYS A 25 6.96 0.41 6.65
N GLY A 26 7.07 1.46 5.85
CA GLY A 26 6.16 2.60 5.96
C GLY A 26 6.78 3.85 5.35
N ALA A 27 7.07 3.78 4.06
CA ALA A 27 7.65 4.89 3.35
C ALA A 27 7.38 4.73 1.85
N GLN A 28 7.40 5.87 1.15
CA GLN A 28 7.17 5.87 -0.28
C GLN A 28 8.31 6.58 -1.00
N ASP A 29 8.87 5.87 -1.98
CA ASP A 29 9.97 6.43 -2.74
C ASP A 29 9.66 6.29 -4.25
N GLY A 30 10.57 6.80 -5.06
CA GLY A 30 10.41 6.73 -6.50
C GLY A 30 10.89 5.39 -7.05
N LEU A 31 12.11 5.04 -6.66
CA LEU A 31 12.70 3.78 -7.11
C LEU A 31 11.85 2.62 -6.62
N CYS A 32 11.43 2.72 -5.36
CA CYS A 32 10.61 1.68 -4.76
C CYS A 32 9.72 2.33 -3.71
N SER A 33 9.19 1.49 -2.83
CA SER A 33 8.31 1.96 -1.77
C SER A 33 8.14 0.87 -0.71
N CYS A 34 8.15 1.31 0.55
CA CYS A 34 8.00 0.39 1.66
C CYS A 34 6.55 0.48 2.16
N HIS A 35 5.72 1.14 1.36
CA HIS A 35 4.32 1.31 1.72
C HIS A 35 3.54 0.06 1.31
N PRO A 36 2.43 -0.19 2.05
CA PRO A 36 1.58 -1.34 1.77
C PRO A 36 0.73 -1.12 0.52
N THR A 37 0.59 0.15 0.17
CA THR A 37 -0.20 0.52 -1.00
C THR A 37 0.65 0.40 -2.27
N CYS A 38 1.91 0.04 -2.06
CA CYS A 38 2.84 -0.11 -3.18
C CYS A 38 2.34 -1.27 -4.05
N SER A 39 1.43 -2.05 -3.49
CA SER A 39 0.89 -3.19 -4.20
C SER A 39 -0.03 -2.70 -5.32
N GLY A 40 -0.82 -1.69 -5.01
CA GLY A 40 -1.74 -1.12 -5.99
C GLY A 40 -0.99 -0.25 -7.00
N LEU A 41 0.09 0.36 -6.53
CA LEU A 41 0.89 1.21 -7.39
C LEU A 41 1.86 0.35 -8.20
N GLY A 42 2.65 -0.43 -7.48
CA GLY A 42 3.62 -1.31 -8.12
C GLY A 42 5.03 -0.73 -7.99
N THR A 43 5.29 -0.14 -6.84
CA THR A 43 6.59 0.46 -6.58
C THR A 43 7.27 -0.24 -5.39
N CYS A 44 6.78 -1.44 -5.09
CA CYS A 44 7.32 -2.23 -4.00
C CYS A 44 8.79 -2.53 -4.31
N CYS A 45 9.58 -2.58 -3.26
CA CYS A 45 11.00 -2.88 -3.40
C CYS A 45 11.17 -4.39 -3.48
N GLU A 46 12.38 -4.79 -3.86
CA GLU A 46 12.69 -6.21 -3.98
C GLU A 46 12.96 -6.81 -2.59
N ASP A 47 13.34 -5.94 -1.67
CA ASP A 47 13.63 -6.37 -0.31
C ASP A 47 12.58 -5.78 0.63
N PHE A 48 11.54 -5.20 0.04
CA PHE A 48 10.47 -4.60 0.82
C PHE A 48 9.70 -5.66 1.61
N LEU A 49 9.33 -6.72 0.90
CA LEU A 49 8.60 -7.81 1.52
C LEU A 49 9.54 -8.63 2.40
N ASP A 50 10.77 -8.78 1.92
CA ASP A 50 11.78 -9.53 2.65
C ASP A 50 11.97 -8.88 4.03
N TYR A 51 11.83 -7.57 4.07
CA TYR A 51 11.99 -6.83 5.30
C TYR A 51 10.63 -6.53 5.95
N CYS A 52 9.62 -6.40 5.09
CA CYS A 52 8.28 -6.11 5.57
C CYS A 52 7.34 -7.18 5.00
N LEU A 53 7.50 -8.39 5.51
CA LEU A 53 6.67 -9.50 5.06
C LEU A 53 5.59 -9.78 6.12
N GLU A 54 5.59 -8.95 7.15
CA GLU A 54 4.62 -9.10 8.22
C GLU A 54 4.23 -7.73 8.78
N ILE A 55 4.02 -6.79 7.87
CA ILE A 55 3.65 -5.44 8.25
C ILE A 55 2.21 -5.17 7.81
N LEU A 56 1.83 -5.80 6.71
CA LEU A 56 0.49 -5.64 6.18
C LEU A 56 -0.53 -5.86 7.29
N PRO A 57 -1.73 -5.25 7.11
CA PRO A 57 -2.79 -5.37 8.09
C PRO A 57 -3.46 -6.74 8.01
N SER A 58 -3.91 -7.22 9.15
CA SER A 58 -4.56 -8.52 9.23
C SER A 58 -5.17 -8.72 10.61
N SER A 59 -6.37 -8.19 10.79
CA SER A 59 -7.06 -8.31 12.06
C SER A 59 -8.46 -8.90 11.84
N GLY A 60 -9.10 -9.24 12.94
CA GLY A 60 -10.43 -9.82 12.89
C GLY A 60 -11.42 -9.00 13.72
N SER A 61 -11.33 -9.19 15.03
CA SER A 61 -12.22 -8.48 15.94
C SER A 61 -13.67 -8.91 15.71
N MET A 62 -14.22 -9.56 16.72
CA MET A 62 -15.60 -10.03 16.65
C MET A 62 -16.56 -8.88 16.32
N MET A 63 -17.79 -9.25 16.03
CA MET A 63 -18.81 -8.27 15.69
C MET A 63 -20.14 -8.61 16.35
N GLY A 64 -20.35 -8.04 17.54
CA GLY A 64 -21.56 -8.28 18.28
C GLY A 64 -22.79 -7.75 17.52
N GLY A 65 -23.64 -7.05 18.25
CA GLY A 65 -24.84 -6.48 17.66
C GLY A 65 -25.77 -5.94 18.75
N LYS A 66 -26.69 -5.08 18.32
CA LYS A 66 -27.64 -4.48 19.24
C LYS A 66 -28.47 -5.59 19.90
N ASP A 67 -29.03 -5.25 21.05
CA ASP A 67 -29.84 -6.21 21.79
C ASP A 67 -31.31 -6.04 21.38
N PHE A 68 -31.81 -4.83 21.52
CA PHE A 68 -33.18 -4.53 21.18
C PHE A 68 -33.48 -3.03 21.31
N VAL A 69 -34.35 -2.55 20.44
CA VAL A 69 -34.72 -1.14 20.45
C VAL A 69 -36.24 -1.03 20.32
N VAL A 70 -36.74 0.17 20.59
CA VAL A 70 -38.17 0.44 20.50
C VAL A 70 -38.45 1.22 19.23
N GLN A 71 -39.52 0.81 18.56
CA GLN A 71 -39.92 1.46 17.32
C GLN A 71 -41.04 2.46 17.58
N HIS A 72 -41.36 3.24 16.56
CA HIS A 72 -42.42 4.23 16.68
C HIS A 72 -42.70 4.85 15.30
N LEU A 73 -41.67 5.48 14.75
CA LEU A 73 -41.80 6.11 13.45
C LEU A 73 -42.49 5.14 12.48
N LYS A 74 -43.14 5.72 11.49
CA LYS A 74 -43.85 4.91 10.49
C LYS A 74 -43.14 5.04 9.15
N TRP A 75 -43.61 4.25 8.19
CA TRP A 75 -43.02 4.25 6.86
C TRP A 75 -44.10 3.81 5.87
N THR A 76 -43.87 4.13 4.60
CA THR A 76 -44.81 3.78 3.55
C THR A 76 -44.30 2.56 2.77
N ASP A 77 -45.22 1.94 2.04
CA ASP A 77 -44.89 0.77 1.25
C ASP A 77 -44.83 1.16 -0.22
N PRO A 78 -43.92 0.47 -0.96
CA PRO A 78 -43.74 0.73 -2.38
C PRO A 78 -44.90 0.13 -3.19
N SER A 79 -44.80 0.29 -4.50
CA SER A 79 -45.83 -0.23 -5.39
C SER A 79 -45.37 -1.57 -5.99
N GLY A 80 -46.34 -2.43 -6.24
CA GLY A 80 -46.06 -3.74 -6.81
C GLY A 80 -45.90 -3.65 -8.33
N PRO A 81 -45.25 -4.69 -8.90
CA PRO A 81 -45.03 -4.74 -10.33
C PRO A 81 -46.31 -5.09 -11.08
N SER A 82 -46.19 -5.21 -12.40
CA SER A 82 -47.33 -5.54 -13.22
C SER A 82 -46.93 -6.58 -14.28
N SER A 83 -47.93 -7.09 -14.97
CA SER A 83 -47.70 -8.08 -16.01
C SER A 83 -47.14 -9.37 -15.39
N GLY A 84 -47.31 -10.46 -16.11
CA GLY A 84 -46.83 -11.75 -15.65
C GLY A 84 -47.76 -12.87 -16.10
N GLY A 1 4.29 11.13 -45.71
CA GLY A 1 5.54 10.66 -45.13
C GLY A 1 5.78 11.29 -43.76
N SER A 2 6.97 11.09 -43.24
CA SER A 2 7.34 11.64 -41.95
C SER A 2 8.86 11.82 -41.87
N SER A 3 9.27 12.77 -41.02
CA SER A 3 10.68 13.04 -40.84
C SER A 3 11.01 13.12 -39.35
N GLY A 4 12.31 13.16 -39.07
CA GLY A 4 12.77 13.23 -37.69
C GLY A 4 12.83 14.69 -37.20
N SER A 5 13.44 14.87 -36.04
CA SER A 5 13.57 16.20 -35.46
C SER A 5 14.40 16.13 -34.18
N SER A 6 15.20 17.16 -33.98
CA SER A 6 16.05 17.23 -32.80
C SER A 6 15.26 16.85 -31.56
N GLY A 7 15.99 16.59 -30.49
CA GLY A 7 15.37 16.21 -29.23
C GLY A 7 16.07 16.88 -28.04
N ILE A 8 15.27 17.26 -27.06
CA ILE A 8 15.79 17.90 -25.86
C ILE A 8 16.53 16.87 -25.01
N PRO A 9 17.47 17.37 -24.18
CA PRO A 9 18.24 16.51 -23.30
C PRO A 9 17.41 16.04 -22.12
N GLY A 10 17.09 14.76 -22.13
CA GLY A 10 16.29 14.17 -21.06
C GLY A 10 17.18 13.52 -20.00
N PRO A 11 17.57 12.26 -20.28
CA PRO A 11 18.42 11.52 -19.36
C PRO A 11 19.87 12.02 -19.42
N GLY A 12 20.20 12.90 -18.50
CA GLY A 12 21.55 13.47 -18.45
C GLY A 12 22.24 13.08 -17.15
N PHE A 13 22.15 13.97 -16.17
CA PHE A 13 22.77 13.73 -14.88
C PHE A 13 22.60 12.27 -14.45
N THR A 14 23.59 11.78 -13.72
CA THR A 14 23.55 10.42 -13.24
C THR A 14 23.07 10.37 -11.79
N ALA A 15 22.36 9.30 -11.47
CA ALA A 15 21.83 9.11 -10.12
C ALA A 15 22.57 7.96 -9.45
N GLY A 16 22.26 7.78 -8.16
CA GLY A 16 22.88 6.72 -7.39
C GLY A 16 21.96 5.51 -7.29
N ALA A 17 22.17 4.72 -6.24
CA ALA A 17 21.37 3.53 -6.03
C ALA A 17 20.72 3.61 -4.64
N GLN A 18 19.40 3.46 -4.64
CA GLN A 18 18.63 3.51 -3.41
C GLN A 18 17.31 2.75 -3.56
N GLY A 19 16.63 2.59 -2.44
CA GLY A 19 15.36 1.89 -2.43
C GLY A 19 15.42 0.64 -1.54
N SER A 20 15.54 0.88 -0.25
CA SER A 20 15.62 -0.21 0.71
C SER A 20 14.58 0.00 1.82
N CYS A 21 14.13 -1.11 2.37
CA CYS A 21 13.15 -1.06 3.44
C CYS A 21 13.67 -1.88 4.62
N SER A 22 14.93 -1.59 4.98
CA SER A 22 15.56 -2.29 6.08
C SER A 22 15.01 -1.77 7.41
N LEU A 23 15.04 -0.46 7.57
CA LEU A 23 14.54 0.16 8.78
C LEU A 23 13.41 1.13 8.42
N ARG A 24 12.61 0.73 7.45
CA ARG A 24 11.50 1.54 7.00
C ARG A 24 10.18 0.77 7.17
N CYS A 25 9.78 0.12 6.08
CA CYS A 25 8.55 -0.66 6.10
C CYS A 25 7.40 0.29 6.42
N GLY A 26 7.46 1.48 5.84
CA GLY A 26 6.43 2.48 6.07
C GLY A 26 6.83 3.82 5.44
N ALA A 27 7.19 3.75 4.16
CA ALA A 27 7.60 4.96 3.44
C ALA A 27 7.31 4.77 1.95
N GLN A 28 7.32 5.88 1.23
CA GLN A 28 7.06 5.85 -0.20
C GLN A 28 8.21 6.54 -0.95
N ASP A 29 8.75 5.81 -1.92
CA ASP A 29 9.84 6.33 -2.72
C ASP A 29 9.50 6.18 -4.21
N GLY A 30 10.40 6.67 -5.04
CA GLY A 30 10.21 6.60 -6.48
C GLY A 30 10.65 5.23 -7.03
N LEU A 31 11.92 4.91 -6.75
CA LEU A 31 12.47 3.65 -7.20
C LEU A 31 11.64 2.50 -6.66
N CYS A 32 11.28 2.61 -5.39
CA CYS A 32 10.47 1.59 -4.73
C CYS A 32 9.60 2.27 -3.69
N SER A 33 9.03 1.45 -2.81
CA SER A 33 8.17 1.95 -1.75
C SER A 33 8.11 0.95 -0.60
N CYS A 34 8.18 1.49 0.61
CA CYS A 34 8.14 0.65 1.80
C CYS A 34 6.73 0.71 2.38
N HIS A 35 5.78 1.08 1.53
CA HIS A 35 4.40 1.18 1.94
C HIS A 35 3.62 -0.05 1.47
N PRO A 36 2.53 -0.37 2.21
CA PRO A 36 1.70 -1.52 1.87
C PRO A 36 0.84 -1.22 0.66
N THR A 37 0.99 -0.01 0.13
CA THR A 37 0.22 0.40 -1.03
C THR A 37 1.02 0.14 -2.31
N CYS A 38 2.25 -0.27 -2.13
CA CYS A 38 3.13 -0.57 -3.26
C CYS A 38 2.42 -1.58 -4.16
N SER A 39 1.46 -2.28 -3.58
CA SER A 39 0.71 -3.27 -4.32
C SER A 39 -0.21 -2.59 -5.33
N GLY A 40 -0.87 -1.53 -4.86
CA GLY A 40 -1.79 -0.78 -5.72
C GLY A 40 -1.01 0.12 -6.68
N LEU A 41 0.13 0.61 -6.21
CA LEU A 41 0.97 1.48 -7.02
C LEU A 41 1.81 0.62 -7.96
N GLY A 42 2.60 -0.26 -7.38
CA GLY A 42 3.45 -1.14 -8.16
C GLY A 42 4.92 -0.72 -8.05
N THR A 43 5.25 -0.14 -6.90
CA THR A 43 6.61 0.30 -6.65
C THR A 43 7.19 -0.43 -5.44
N CYS A 44 6.92 -1.71 -5.38
CA CYS A 44 7.41 -2.54 -4.28
C CYS A 44 8.92 -2.75 -4.48
N CYS A 45 9.64 -2.79 -3.37
CA CYS A 45 11.07 -2.99 -3.42
C CYS A 45 11.34 -4.50 -3.48
N GLU A 46 12.56 -4.83 -3.85
CA GLU A 46 12.97 -6.22 -3.95
C GLU A 46 13.14 -6.83 -2.56
N ASP A 47 13.49 -5.97 -1.62
CA ASP A 47 13.69 -6.41 -0.24
C ASP A 47 12.60 -5.80 0.65
N PHE A 48 11.55 -5.32 0.00
CA PHE A 48 10.44 -4.72 0.72
C PHE A 48 9.66 -5.78 1.50
N LEU A 49 9.34 -6.87 0.82
CA LEU A 49 8.60 -7.95 1.45
C LEU A 49 9.54 -8.72 2.39
N ASP A 50 10.79 -8.80 2.00
CA ASP A 50 11.78 -9.49 2.79
C ASP A 50 11.87 -8.85 4.17
N TYR A 51 11.77 -7.53 4.19
CA TYR A 51 11.83 -6.78 5.43
C TYR A 51 10.43 -6.45 5.94
N CYS A 52 9.48 -6.43 5.01
CA CYS A 52 8.11 -6.12 5.34
C CYS A 52 7.23 -7.26 4.83
N LEU A 53 7.42 -8.43 5.42
CA LEU A 53 6.66 -9.61 5.04
C LEU A 53 5.56 -9.86 6.08
N GLU A 54 5.29 -8.83 6.87
CA GLU A 54 4.27 -8.92 7.90
C GLU A 54 3.94 -7.53 8.45
N ILE A 55 3.83 -6.58 7.53
CA ILE A 55 3.51 -5.21 7.91
C ILE A 55 2.10 -4.87 7.43
N LEU A 56 1.61 -5.68 6.51
CA LEU A 56 0.27 -5.47 5.97
C LEU A 56 -0.70 -6.46 6.62
N PRO A 57 -2.01 -6.09 6.59
CA PRO A 57 -3.04 -6.93 7.19
C PRO A 57 -3.33 -8.13 6.29
N SER A 58 -3.37 -9.30 6.93
CA SER A 58 -3.64 -10.54 6.21
C SER A 58 -4.91 -11.19 6.77
N SER A 59 -6.02 -10.86 6.14
CA SER A 59 -7.31 -11.42 6.56
C SER A 59 -7.74 -10.78 7.89
N GLY A 60 -6.90 -10.97 8.90
CA GLY A 60 -7.19 -10.43 10.21
C GLY A 60 -8.26 -11.25 10.92
N SER A 61 -7.89 -11.76 12.09
CA SER A 61 -8.82 -12.56 12.88
C SER A 61 -9.25 -11.79 14.13
N MET A 62 -10.27 -12.33 14.79
CA MET A 62 -10.79 -11.70 15.99
C MET A 62 -10.78 -12.67 17.17
N MET A 63 -10.95 -12.12 18.36
CA MET A 63 -10.96 -12.92 19.56
C MET A 63 -12.18 -13.84 19.61
N GLY A 64 -11.96 -15.08 19.18
CA GLY A 64 -13.03 -16.06 19.15
C GLY A 64 -12.50 -17.45 18.80
N GLY A 65 -13.39 -18.42 18.82
CA GLY A 65 -13.02 -19.79 18.49
C GLY A 65 -14.14 -20.77 18.87
N LYS A 66 -14.10 -21.93 18.24
CA LYS A 66 -15.10 -22.95 18.51
C LYS A 66 -14.49 -24.33 18.24
N ASP A 67 -14.95 -25.31 19.02
CA ASP A 67 -14.45 -26.66 18.88
C ASP A 67 -15.38 -27.62 19.63
N PHE A 68 -15.28 -28.89 19.27
CA PHE A 68 -16.11 -29.91 19.91
C PHE A 68 -15.24 -31.00 20.54
N VAL A 69 -15.87 -31.82 21.37
CA VAL A 69 -15.18 -32.90 22.03
C VAL A 69 -16.20 -33.92 22.55
N VAL A 70 -15.78 -35.17 22.57
CA VAL A 70 -16.64 -36.24 23.05
C VAL A 70 -15.84 -37.17 23.95
N GLN A 71 -16.51 -37.66 24.99
CA GLN A 71 -15.87 -38.56 25.94
C GLN A 71 -16.67 -39.87 26.04
N HIS A 72 -16.06 -40.84 26.71
CA HIS A 72 -16.70 -42.13 26.89
C HIS A 72 -16.39 -42.66 28.29
N LEU A 73 -17.03 -43.79 28.61
CA LEU A 73 -16.83 -44.39 29.91
C LEU A 73 -16.52 -45.88 29.73
N LYS A 74 -16.25 -46.53 30.85
CA LYS A 74 -15.94 -47.96 30.83
C LYS A 74 -17.08 -48.75 31.46
N TRP A 75 -16.99 -50.06 31.34
CA TRP A 75 -18.01 -50.93 31.90
C TRP A 75 -17.32 -52.09 32.60
N THR A 76 -18.02 -52.68 33.56
CA THR A 76 -17.48 -53.80 34.31
C THR A 76 -18.02 -55.11 33.76
N ASP A 77 -17.28 -56.18 34.03
CA ASP A 77 -17.66 -57.50 33.57
C ASP A 77 -18.14 -58.34 34.76
N PRO A 78 -19.14 -59.22 34.49
CA PRO A 78 -19.68 -60.07 35.52
C PRO A 78 -18.72 -61.22 35.86
N SER A 79 -19.08 -61.97 36.88
CA SER A 79 -18.26 -63.09 37.32
C SER A 79 -18.92 -64.41 36.91
N GLY A 80 -18.17 -65.49 37.04
CA GLY A 80 -18.66 -66.80 36.69
C GLY A 80 -19.26 -67.51 37.92
N PRO A 81 -20.15 -68.50 37.65
CA PRO A 81 -20.79 -69.25 38.71
C PRO A 81 -19.81 -70.25 39.33
N SER A 82 -19.25 -71.09 38.49
CA SER A 82 -18.31 -72.10 38.94
C SER A 82 -19.00 -73.08 39.89
N SER A 83 -18.74 -74.36 39.67
CA SER A 83 -19.32 -75.40 40.49
C SER A 83 -18.41 -76.62 40.53
N GLY A 84 -18.76 -77.56 41.40
CA GLY A 84 -17.98 -78.78 41.53
C GLY A 84 -18.82 -80.01 41.20
N GLY A 1 3.88 46.12 6.03
CA GLY A 1 4.72 45.37 5.11
C GLY A 1 4.11 44.00 4.80
N SER A 2 4.86 43.22 4.04
CA SER A 2 4.40 41.89 3.66
C SER A 2 5.61 40.99 3.35
N SER A 3 5.34 39.70 3.31
CA SER A 3 6.38 38.73 3.02
C SER A 3 5.76 37.37 2.69
N GLY A 4 6.53 36.56 1.98
CA GLY A 4 6.08 35.24 1.58
C GLY A 4 7.19 34.20 1.76
N SER A 5 6.97 33.05 1.14
CA SER A 5 7.94 31.97 1.21
C SER A 5 7.73 31.00 0.05
N SER A 6 8.76 30.21 -0.21
CA SER A 6 8.70 29.23 -1.28
C SER A 6 9.34 27.91 -0.84
N GLY A 7 9.15 26.89 -1.66
CA GLY A 7 9.71 25.58 -1.37
C GLY A 7 10.91 25.28 -2.26
N ILE A 8 11.54 24.14 -1.99
CA ILE A 8 12.69 23.72 -2.77
C ILE A 8 12.66 22.20 -2.94
N PRO A 9 13.36 21.73 -4.01
CA PRO A 9 13.42 20.31 -4.30
C PRO A 9 14.36 19.60 -3.32
N GLY A 10 13.96 18.40 -2.92
CA GLY A 10 14.76 17.60 -2.00
C GLY A 10 15.30 16.35 -2.69
N PRO A 11 16.58 16.46 -3.15
CA PRO A 11 17.23 15.35 -3.81
C PRO A 11 17.64 14.27 -2.81
N GLY A 12 18.15 13.18 -3.35
CA GLY A 12 18.59 12.06 -2.52
C GLY A 12 20.09 12.16 -2.22
N PHE A 13 20.75 11.02 -2.35
CA PHE A 13 22.19 10.96 -2.09
C PHE A 13 22.83 9.81 -2.87
N THR A 14 23.63 10.18 -3.86
CA THR A 14 24.30 9.19 -4.68
C THR A 14 23.29 8.34 -5.44
N ALA A 15 23.38 8.38 -6.76
CA ALA A 15 22.48 7.62 -7.60
C ALA A 15 23.19 6.36 -8.08
N GLY A 16 22.39 5.36 -8.43
CA GLY A 16 22.92 4.09 -8.90
C GLY A 16 22.00 2.93 -8.53
N ALA A 17 21.98 2.62 -7.24
CA ALA A 17 21.15 1.54 -6.75
C ALA A 17 20.63 1.90 -5.35
N GLN A 18 19.31 1.93 -5.25
CA GLN A 18 18.67 2.26 -3.98
C GLN A 18 17.28 1.62 -3.90
N GLY A 19 16.68 1.72 -2.72
CA GLY A 19 15.37 1.15 -2.50
C GLY A 19 15.43 -0.01 -1.51
N SER A 20 15.60 0.34 -0.24
CA SER A 20 15.68 -0.65 0.81
C SER A 20 14.69 -0.32 1.93
N CYS A 21 14.22 -1.35 2.60
CA CYS A 21 13.27 -1.18 3.69
C CYS A 21 13.85 -1.83 4.94
N SER A 22 15.04 -1.36 5.32
CA SER A 22 15.71 -1.88 6.50
C SER A 22 15.07 -1.31 7.77
N LEU A 23 14.94 0.01 7.78
CA LEU A 23 14.36 0.70 8.92
C LEU A 23 13.15 1.52 8.45
N ARG A 24 12.54 1.04 7.38
CA ARG A 24 11.38 1.72 6.82
C ARG A 24 10.12 0.90 7.06
N CYS A 25 9.76 0.11 6.05
CA CYS A 25 8.57 -0.73 6.15
C CYS A 25 7.35 0.18 6.39
N GLY A 26 7.37 1.32 5.72
CA GLY A 26 6.28 2.28 5.86
C GLY A 26 6.68 3.64 5.31
N ALA A 27 7.10 3.64 4.05
CA ALA A 27 7.52 4.87 3.40
C ALA A 27 7.26 4.75 1.89
N GLN A 28 7.36 5.87 1.21
CA GLN A 28 7.14 5.91 -0.23
C GLN A 28 8.34 6.56 -0.92
N ASP A 29 8.87 5.84 -1.90
CA ASP A 29 10.01 6.33 -2.66
C ASP A 29 9.72 6.24 -4.15
N GLY A 30 10.66 6.71 -4.95
CA GLY A 30 10.51 6.68 -6.39
C GLY A 30 10.92 5.33 -6.96
N LEU A 31 12.12 4.90 -6.58
CA LEU A 31 12.65 3.63 -7.03
C LEU A 31 11.73 2.50 -6.56
N CYS A 32 11.36 2.59 -5.28
CA CYS A 32 10.50 1.58 -4.68
C CYS A 32 9.61 2.27 -3.64
N SER A 33 9.09 1.47 -2.73
CA SER A 33 8.23 1.98 -1.68
C SER A 33 8.09 0.94 -0.56
N CYS A 34 8.15 1.43 0.66
CA CYS A 34 8.05 0.57 1.82
C CYS A 34 6.63 0.69 2.38
N HIS A 35 5.70 0.99 1.48
CA HIS A 35 4.30 1.14 1.86
C HIS A 35 3.50 -0.04 1.34
N PRO A 36 2.40 -0.37 2.08
CA PRO A 36 1.55 -1.48 1.69
C PRO A 36 0.67 -1.11 0.51
N THR A 37 0.77 0.14 0.11
CA THR A 37 -0.01 0.64 -1.01
C THR A 37 0.78 0.50 -2.32
N CYS A 38 2.01 0.01 -2.18
CA CYS A 38 2.87 -0.17 -3.32
C CYS A 38 2.31 -1.33 -4.16
N SER A 39 1.37 -2.05 -3.57
CA SER A 39 0.75 -3.17 -4.24
C SER A 39 -0.17 -2.67 -5.37
N GLY A 40 -0.93 -1.64 -5.05
CA GLY A 40 -1.84 -1.06 -6.01
C GLY A 40 -1.09 -0.20 -7.03
N LEU A 41 -0.04 0.44 -6.55
CA LEU A 41 0.77 1.30 -7.40
C LEU A 41 1.75 0.44 -8.21
N GLY A 42 2.54 -0.34 -7.47
CA GLY A 42 3.52 -1.21 -8.10
C GLY A 42 4.94 -0.65 -7.94
N THR A 43 5.18 -0.08 -6.78
CA THR A 43 6.48 0.50 -6.49
C THR A 43 7.15 -0.24 -5.32
N CYS A 44 6.67 -1.45 -5.09
CA CYS A 44 7.21 -2.27 -4.02
C CYS A 44 8.69 -2.56 -4.32
N CYS A 45 9.48 -2.65 -3.26
CA CYS A 45 10.89 -2.93 -3.40
C CYS A 45 11.08 -4.44 -3.55
N GLU A 46 12.28 -4.81 -3.98
CA GLU A 46 12.60 -6.21 -4.17
C GLU A 46 12.82 -6.90 -2.82
N ASP A 47 13.27 -6.10 -1.85
CA ASP A 47 13.52 -6.61 -0.52
C ASP A 47 12.52 -6.00 0.46
N PHE A 48 11.45 -5.45 -0.10
CA PHE A 48 10.42 -4.83 0.71
C PHE A 48 9.66 -5.88 1.52
N LEU A 49 9.26 -6.94 0.84
CA LEU A 49 8.53 -8.02 1.49
C LEU A 49 9.49 -8.83 2.36
N ASP A 50 10.71 -8.97 1.86
CA ASP A 50 11.73 -9.72 2.58
C ASP A 50 11.96 -9.08 3.95
N TYR A 51 11.93 -7.76 3.96
CA TYR A 51 12.13 -7.01 5.19
C TYR A 51 10.80 -6.67 5.85
N CYS A 52 9.76 -6.61 5.02
CA CYS A 52 8.43 -6.30 5.51
C CYS A 52 7.47 -7.40 5.04
N LEU A 53 7.71 -8.60 5.56
CA LEU A 53 6.88 -9.74 5.21
C LEU A 53 5.86 -9.99 6.32
N GLU A 54 5.48 -8.90 6.98
CA GLU A 54 4.51 -8.98 8.05
C GLU A 54 4.15 -7.57 8.55
N ILE A 55 4.02 -6.67 7.59
CA ILE A 55 3.67 -5.28 7.92
C ILE A 55 2.26 -4.99 7.40
N LEU A 56 1.90 -5.66 6.32
CA LEU A 56 0.59 -5.47 5.72
C LEU A 56 -0.46 -5.41 6.82
N PRO A 57 -0.90 -4.16 7.13
CA PRO A 57 -1.90 -3.94 8.17
C PRO A 57 -3.29 -4.35 7.67
N SER A 58 -4.20 -4.49 8.62
CA SER A 58 -5.57 -4.88 8.30
C SER A 58 -6.55 -4.12 9.19
N SER A 59 -6.93 -2.93 8.75
CA SER A 59 -7.86 -2.11 9.50
C SER A 59 -9.05 -2.95 9.95
N GLY A 60 -9.76 -3.51 8.98
CA GLY A 60 -10.91 -4.34 9.27
C GLY A 60 -10.96 -5.55 8.34
N SER A 61 -11.90 -5.50 7.40
CA SER A 61 -12.06 -6.59 6.45
C SER A 61 -11.95 -6.06 5.02
N MET A 62 -12.68 -4.98 4.77
CA MET A 62 -12.68 -4.37 3.45
C MET A 62 -12.70 -2.84 3.56
N MET A 63 -11.60 -2.24 3.13
CA MET A 63 -11.49 -0.79 3.17
C MET A 63 -11.66 -0.18 1.77
N GLY A 64 -12.83 0.42 1.56
CA GLY A 64 -13.13 1.04 0.28
C GLY A 64 -14.26 2.06 0.43
N GLY A 65 -14.60 2.68 -0.70
CA GLY A 65 -15.66 3.67 -0.72
C GLY A 65 -15.28 4.85 -1.61
N LYS A 66 -15.92 4.90 -2.77
CA LYS A 66 -15.67 5.99 -3.71
C LYS A 66 -16.99 6.68 -4.07
N ASP A 67 -17.27 7.73 -3.34
CA ASP A 67 -18.50 8.49 -3.56
C ASP A 67 -18.25 9.54 -4.64
N PHE A 68 -19.09 9.52 -5.66
CA PHE A 68 -18.98 10.47 -6.76
C PHE A 68 -20.35 10.77 -7.37
N VAL A 69 -20.64 12.05 -7.49
CA VAL A 69 -21.91 12.47 -8.06
C VAL A 69 -21.89 13.99 -8.26
N VAL A 70 -21.99 14.40 -9.52
CA VAL A 70 -21.99 15.81 -9.86
C VAL A 70 -22.94 16.05 -11.03
N GLN A 71 -24.01 16.78 -10.73
CA GLN A 71 -25.00 17.09 -11.74
C GLN A 71 -25.68 18.42 -11.43
N HIS A 72 -25.79 19.26 -12.45
CA HIS A 72 -26.41 20.56 -12.30
C HIS A 72 -26.34 21.32 -13.62
N LEU A 73 -27.48 21.89 -14.00
CA LEU A 73 -27.56 22.65 -15.24
C LEU A 73 -28.86 23.46 -15.24
N LYS A 74 -28.79 24.64 -14.64
CA LYS A 74 -29.94 25.52 -14.57
C LYS A 74 -29.50 26.88 -14.05
N TRP A 75 -29.94 27.92 -14.75
CA TRP A 75 -29.59 29.28 -14.37
C TRP A 75 -30.32 30.24 -15.32
N THR A 76 -31.23 31.01 -14.75
CA THR A 76 -32.00 31.96 -15.54
C THR A 76 -32.80 32.89 -14.62
N ASP A 77 -32.79 34.17 -14.98
CA ASP A 77 -33.51 35.17 -14.20
C ASP A 77 -33.25 36.55 -14.80
N PRO A 78 -34.25 37.02 -15.59
CA PRO A 78 -34.15 38.33 -16.23
C PRO A 78 -34.38 39.44 -15.22
N SER A 79 -34.27 40.68 -15.71
CA SER A 79 -34.46 41.84 -14.86
C SER A 79 -34.82 43.05 -15.71
N GLY A 80 -35.31 44.08 -15.04
CA GLY A 80 -35.72 45.31 -15.72
C GLY A 80 -36.07 46.41 -14.71
N PRO A 81 -35.06 47.26 -14.42
CA PRO A 81 -35.25 48.35 -13.47
C PRO A 81 -36.07 49.48 -14.11
N SER A 82 -36.27 50.53 -13.32
CA SER A 82 -37.04 51.68 -13.80
C SER A 82 -37.00 52.79 -12.74
N SER A 83 -37.45 53.96 -13.16
CA SER A 83 -37.49 55.11 -12.27
C SER A 83 -38.13 56.30 -12.97
N GLY A 84 -38.45 57.31 -12.19
CA GLY A 84 -39.07 58.51 -12.72
C GLY A 84 -40.51 58.23 -13.17
N GLY A 1 0.07 39.89 -12.02
CA GLY A 1 0.61 38.88 -11.14
C GLY A 1 1.54 37.93 -11.89
N SER A 2 2.37 37.23 -11.13
CA SER A 2 3.31 36.29 -11.72
C SER A 2 3.82 35.32 -10.64
N SER A 3 3.78 34.05 -10.97
CA SER A 3 4.23 33.01 -10.05
C SER A 3 5.12 32.02 -10.79
N GLY A 4 6.30 31.79 -10.22
CA GLY A 4 7.25 30.87 -10.80
C GLY A 4 7.56 29.71 -9.83
N SER A 5 8.26 28.72 -10.36
CA SER A 5 8.63 27.56 -9.56
C SER A 5 10.14 27.36 -9.60
N SER A 6 10.69 27.03 -8.44
CA SER A 6 12.12 26.80 -8.33
C SER A 6 12.39 25.34 -7.98
N GLY A 7 13.10 24.67 -8.88
CA GLY A 7 13.43 23.27 -8.68
C GLY A 7 14.90 23.11 -8.29
N ILE A 8 15.21 23.58 -7.09
CA ILE A 8 16.57 23.49 -6.59
C ILE A 8 16.56 22.88 -5.19
N PRO A 9 16.39 21.52 -5.17
CA PRO A 9 16.36 20.80 -3.90
C PRO A 9 17.76 20.67 -3.30
N GLY A 10 17.82 20.00 -2.17
CA GLY A 10 19.09 19.80 -1.49
C GLY A 10 20.17 19.35 -2.46
N PRO A 11 21.29 20.14 -2.48
CA PRO A 11 22.40 19.83 -3.37
C PRO A 11 23.21 18.65 -2.85
N GLY A 12 23.22 17.59 -3.65
CA GLY A 12 23.95 16.39 -3.29
C GLY A 12 24.07 15.44 -4.48
N PHE A 13 25.31 15.29 -4.95
CA PHE A 13 25.57 14.42 -6.08
C PHE A 13 25.30 12.96 -5.73
N THR A 14 24.81 12.22 -6.72
CA THR A 14 24.52 10.81 -6.52
C THR A 14 25.59 10.15 -5.66
N ALA A 15 25.18 9.08 -4.98
CA ALA A 15 26.09 8.36 -4.11
C ALA A 15 25.44 7.03 -3.69
N GLY A 16 25.26 6.16 -4.67
CA GLY A 16 24.65 4.86 -4.41
C GLY A 16 23.13 4.94 -4.54
N ALA A 17 22.61 4.09 -5.42
CA ALA A 17 21.18 4.05 -5.66
C ALA A 17 20.46 3.62 -4.38
N GLN A 18 19.35 4.27 -4.11
CA GLN A 18 18.56 3.96 -2.92
C GLN A 18 17.34 3.11 -3.29
N GLY A 19 16.54 2.82 -2.28
CA GLY A 19 15.34 2.03 -2.48
C GLY A 19 15.38 0.76 -1.63
N SER A 20 15.60 0.96 -0.34
CA SER A 20 15.66 -0.15 0.60
C SER A 20 14.66 0.07 1.73
N CYS A 21 14.17 -1.04 2.27
CA CYS A 21 13.22 -0.99 3.36
C CYS A 21 13.84 -1.66 4.58
N SER A 22 15.02 -1.19 4.95
CA SER A 22 15.72 -1.74 6.09
C SER A 22 14.85 -1.67 7.34
N LEU A 23 14.61 -0.44 7.79
CA LEU A 23 13.79 -0.22 8.96
C LEU A 23 12.50 0.49 8.56
N ARG A 24 12.52 1.02 7.34
CA ARG A 24 11.36 1.73 6.81
C ARG A 24 10.09 0.91 7.02
N CYS A 25 9.74 0.15 5.98
CA CYS A 25 8.55 -0.68 6.04
C CYS A 25 7.34 0.22 6.29
N GLY A 26 7.35 1.37 5.63
CA GLY A 26 6.27 2.33 5.78
C GLY A 26 6.65 3.69 5.20
N ALA A 27 7.07 3.67 3.95
CA ALA A 27 7.46 4.89 3.27
C ALA A 27 7.24 4.73 1.76
N GLN A 28 7.32 5.86 1.06
CA GLN A 28 7.12 5.86 -0.38
C GLN A 28 8.31 6.53 -1.07
N ASP A 29 8.89 5.80 -2.03
CA ASP A 29 10.02 6.32 -2.77
C ASP A 29 9.74 6.19 -4.27
N GLY A 30 10.69 6.66 -5.05
CA GLY A 30 10.56 6.61 -6.51
C GLY A 30 11.02 5.26 -7.05
N LEU A 31 12.22 4.87 -6.64
CA LEU A 31 12.79 3.60 -7.08
C LEU A 31 11.92 2.46 -6.56
N CYS A 32 11.57 2.55 -5.29
CA CYS A 32 10.74 1.53 -4.66
C CYS A 32 9.80 2.21 -3.67
N SER A 33 9.17 1.40 -2.84
CA SER A 33 8.26 1.91 -1.83
C SER A 33 8.14 0.92 -0.67
N CYS A 34 8.15 1.46 0.53
CA CYS A 34 8.05 0.63 1.72
C CYS A 34 6.64 0.79 2.29
N HIS A 35 5.73 1.21 1.42
CA HIS A 35 4.35 1.40 1.82
C HIS A 35 3.53 0.14 1.48
N PRO A 36 2.44 -0.06 2.26
CA PRO A 36 1.58 -1.21 2.06
C PRO A 36 0.70 -1.02 0.82
N THR A 37 0.62 0.22 0.38
CA THR A 37 -0.17 0.55 -0.80
C THR A 37 0.69 0.54 -2.06
N CYS A 38 1.92 0.10 -1.88
CA CYS A 38 2.87 0.02 -2.99
C CYS A 38 2.41 -1.09 -3.94
N SER A 39 1.58 -1.97 -3.40
CA SER A 39 1.06 -3.08 -4.18
C SER A 39 0.07 -2.57 -5.24
N GLY A 40 -0.72 -1.59 -4.83
CA GLY A 40 -1.70 -1.00 -5.72
C GLY A 40 -1.05 -0.08 -6.75
N LEU A 41 0.14 0.40 -6.39
CA LEU A 41 0.88 1.28 -7.27
C LEU A 41 1.84 0.46 -8.13
N GLY A 42 2.61 -0.38 -7.46
CA GLY A 42 3.57 -1.22 -8.14
C GLY A 42 5.00 -0.67 -8.01
N THR A 43 5.27 -0.08 -6.85
CA THR A 43 6.57 0.49 -6.59
C THR A 43 7.24 -0.23 -5.41
N CYS A 44 6.68 -1.39 -5.07
CA CYS A 44 7.22 -2.18 -3.98
C CYS A 44 8.68 -2.52 -4.29
N CYS A 45 9.46 -2.63 -3.23
CA CYS A 45 10.88 -2.95 -3.38
C CYS A 45 11.02 -4.48 -3.45
N GLU A 46 12.17 -4.91 -3.94
CA GLU A 46 12.44 -6.34 -4.06
C GLU A 46 12.72 -6.94 -2.68
N ASP A 47 13.14 -6.07 -1.77
CA ASP A 47 13.45 -6.50 -0.42
C ASP A 47 12.41 -5.91 0.55
N PHE A 48 11.33 -5.42 -0.03
CA PHE A 48 10.26 -4.82 0.77
C PHE A 48 9.54 -5.89 1.60
N LEU A 49 9.19 -6.98 0.94
CA LEU A 49 8.50 -8.08 1.61
C LEU A 49 9.49 -8.83 2.50
N ASP A 50 10.71 -8.95 1.99
CA ASP A 50 11.76 -9.64 2.72
C ASP A 50 11.97 -8.96 4.08
N TYR A 51 11.93 -7.64 4.04
CA TYR A 51 12.11 -6.86 5.25
C TYR A 51 10.77 -6.55 5.92
N CYS A 52 9.72 -6.54 5.11
CA CYS A 52 8.38 -6.27 5.60
C CYS A 52 7.47 -7.42 5.18
N LEU A 53 7.77 -8.59 5.73
CA LEU A 53 6.99 -9.78 5.43
C LEU A 53 6.00 -10.02 6.56
N GLU A 54 5.57 -8.93 7.18
CA GLU A 54 4.62 -9.01 8.27
C GLU A 54 4.08 -7.62 8.63
N ILE A 55 4.01 -6.77 7.61
CA ILE A 55 3.53 -5.42 7.79
C ILE A 55 2.16 -5.27 7.11
N LEU A 56 1.97 -6.08 6.07
CA LEU A 56 0.72 -6.03 5.33
C LEU A 56 -0.45 -6.09 6.31
N PRO A 57 -1.61 -5.55 5.84
CA PRO A 57 -2.81 -5.52 6.67
C PRO A 57 -3.45 -6.92 6.74
N SER A 58 -3.72 -7.35 7.96
CA SER A 58 -4.32 -8.65 8.18
C SER A 58 -5.77 -8.48 8.62
N SER A 59 -6.68 -8.78 7.71
CA SER A 59 -8.10 -8.67 7.99
C SER A 59 -8.71 -10.05 8.18
N GLY A 60 -9.58 -10.16 9.18
CA GLY A 60 -10.24 -11.43 9.47
C GLY A 60 -11.54 -11.20 10.22
N SER A 61 -12.61 -11.03 9.46
CA SER A 61 -13.93 -10.79 10.04
C SER A 61 -15.01 -11.28 9.08
N MET A 62 -15.49 -12.49 9.33
CA MET A 62 -16.53 -13.07 8.50
C MET A 62 -16.08 -13.15 7.05
N MET A 63 -15.43 -14.26 6.73
CA MET A 63 -14.95 -14.47 5.38
C MET A 63 -16.08 -14.92 4.44
N GLY A 64 -16.77 -15.97 4.85
CA GLY A 64 -17.87 -16.49 4.07
C GLY A 64 -19.19 -16.30 4.80
N GLY A 65 -20.02 -17.34 4.75
CA GLY A 65 -21.32 -17.30 5.40
C GLY A 65 -21.36 -18.26 6.59
N LYS A 66 -20.63 -17.91 7.64
CA LYS A 66 -20.58 -18.73 8.84
C LYS A 66 -20.90 -17.87 10.06
N ASP A 67 -22.08 -18.08 10.59
CA ASP A 67 -22.52 -17.33 11.76
C ASP A 67 -23.44 -18.20 12.62
N PHE A 68 -23.65 -17.76 13.85
CA PHE A 68 -24.50 -18.50 14.76
C PHE A 68 -25.74 -17.67 15.15
N VAL A 69 -26.71 -18.36 15.72
CA VAL A 69 -27.94 -17.70 16.15
C VAL A 69 -28.08 -17.81 17.67
N VAL A 70 -28.71 -16.79 18.24
CA VAL A 70 -28.92 -16.76 19.68
C VAL A 70 -30.12 -15.87 19.99
N GLN A 71 -30.63 -16.03 21.21
CA GLN A 71 -31.77 -15.24 21.65
C GLN A 71 -31.84 -15.23 23.17
N HIS A 72 -32.70 -14.36 23.68
CA HIS A 72 -32.88 -14.23 25.12
C HIS A 72 -34.34 -13.90 25.43
N LEU A 73 -34.75 -14.24 26.64
CA LEU A 73 -36.11 -13.98 27.08
C LEU A 73 -36.19 -12.60 27.72
N LYS A 74 -37.40 -12.21 28.06
CA LYS A 74 -37.62 -10.91 28.70
C LYS A 74 -39.09 -10.79 29.11
N TRP A 75 -39.36 -9.77 29.90
CA TRP A 75 -40.72 -9.52 30.37
C TRP A 75 -41.11 -8.11 29.96
N THR A 76 -42.43 -7.88 29.96
CA THR A 76 -42.95 -6.58 29.59
C THR A 76 -44.44 -6.49 29.94
N ASP A 77 -44.94 -5.26 29.92
CA ASP A 77 -46.34 -5.03 30.23
C ASP A 77 -46.93 -4.04 29.22
N PRO A 78 -47.66 -4.60 28.22
CA PRO A 78 -48.27 -3.79 27.19
C PRO A 78 -49.51 -3.06 27.72
N SER A 79 -50.11 -2.26 26.85
CA SER A 79 -51.31 -1.52 27.23
C SER A 79 -52.23 -1.38 26.02
N GLY A 80 -53.42 -0.86 26.28
CA GLY A 80 -54.40 -0.66 25.23
C GLY A 80 -55.35 0.49 25.57
N PRO A 81 -54.99 1.71 25.08
CA PRO A 81 -55.78 2.89 25.33
C PRO A 81 -57.05 2.89 24.47
N SER A 82 -57.85 3.92 24.64
CA SER A 82 -59.09 4.05 23.89
C SER A 82 -59.20 5.47 23.32
N SER A 83 -60.25 5.67 22.53
CA SER A 83 -60.48 6.96 21.91
C SER A 83 -61.94 7.06 21.46
N GLY A 84 -62.33 8.28 21.10
CA GLY A 84 -63.69 8.52 20.65
C GLY A 84 -63.96 10.02 20.51
#